data_2W0Q
#
_entry.id   2W0Q
#
_cell.length_a   134.588
_cell.length_b   166.871
_cell.length_c   80.330
_cell.angle_alpha   90.00
_cell.angle_beta   90.00
_cell.angle_gamma   90.00
#
_symmetry.space_group_name_H-M   'P 21 21 21'
#
loop_
_entity.id
_entity.type
_entity.pdbx_description
1 polymer 'COPPER AMINE OXIDASE'
2 non-polymer 'COPPER (II) ION'
3 non-polymer 'CALCIUM ION'
4 non-polymer XENON
5 water water
#
_entity_poly.entity_id   1
_entity_poly.type   'polypeptide(L)'
_entity_poly.pdbx_seq_one_letter_code
;HGGEAHMVPMDKTLKEFGADVQWDDYAQLFTLIKDGAYVKVKPGAQTAIVNGQPLALQVPVVMKDNKAWVSDTFINDVFQ
SGLDQTFQVEKRPHPLNALTADEIKQAVEIVKASADFKPNTRFTEISLLPPDKEAVWAFALENKPVDQPRKADVIMLDGK
HIIEAVVDLQNNKLLSWQPIKDAHGMVLLDDFASVQNIINNSEEFAAAVKKRGITDAKKVITTPLTVGYFDGKDGLKQDA
RLLKVISYLDVGDGNYWAHPIENLVAVVDLEQKKIVKIEEGPVVPVPMTARPFDGRDRVAPAVKPMQIIEPEGKNYTITG
DMIHWRNWDFHLSMNSRVGPMISTVTYNDNGTKRKVMYEGSLGGMIVPYGDPDIGWYFKAYLDSGDYGMGTLTSPIARGK
DAPSNAVLLNETIADYTGVPMEIPRAIAVFERYAGPEYKHQEMGQPNVSTERRELVVRWISTVGN(TPQ)DYIFDWIFHE
NGTIGIDAGATGIEAVKGVKAKTMHDETAKDDTRYGTLIDHNIVGTTHQHIYNFRLDLDVDGENNSLVAMDPVVKPNTAG
GPRTSTMQVNQYNIGNEQDAAQKFDPGTIRLLSNPNKENRMGNPVSYQIIPYAGGTHPVAKGAQFAPDEWIYHRLSFMDK
QLWVTRYHPGERFPEGKYPNRSTHDTGLGQYSKDNESLDNTDAVVWMTTGTTHVARAEEWPIMPTEWVHTLLKPWNFFDE
TPTLGALKKDK
;
_entity_poly.pdbx_strand_id   A,B
#
# COMPACT_ATOMS: atom_id res chain seq x y z
N MET A 7 -41.66 16.30 -21.34
CA MET A 7 -41.60 15.47 -20.07
C MET A 7 -41.22 14.01 -20.33
N VAL A 8 -40.36 13.46 -19.47
CA VAL A 8 -39.65 12.23 -19.80
C VAL A 8 -39.43 11.42 -18.50
N PRO A 9 -39.40 10.09 -18.60
CA PRO A 9 -39.26 9.37 -17.31
C PRO A 9 -37.87 9.54 -16.65
N MET A 10 -37.87 10.00 -15.40
CA MET A 10 -36.62 10.36 -14.74
C MET A 10 -35.62 9.20 -14.58
N ASP A 11 -36.03 8.11 -13.92
CA ASP A 11 -35.11 7.03 -13.62
C ASP A 11 -34.44 6.47 -14.86
N LYS A 12 -35.24 6.23 -15.88
CA LYS A 12 -34.73 5.69 -17.14
C LYS A 12 -33.73 6.62 -17.87
N THR A 13 -34.12 7.89 -18.01
CA THR A 13 -33.31 8.91 -18.70
C THR A 13 -31.94 9.14 -18.02
N LEU A 14 -31.98 9.20 -16.69
CA LEU A 14 -30.79 9.40 -15.88
C LEU A 14 -29.84 8.20 -15.92
N LYS A 15 -30.36 6.99 -15.79
CA LYS A 15 -29.54 5.77 -15.98
C LYS A 15 -28.95 5.67 -17.39
N GLU A 16 -29.73 5.96 -18.43
CA GLU A 16 -29.19 6.09 -19.79
C GLU A 16 -28.03 7.12 -19.89
N PHE A 17 -28.15 8.22 -19.16
CA PHE A 17 -27.12 9.26 -19.08
C PHE A 17 -25.91 8.91 -18.19
N GLY A 18 -25.98 7.82 -17.42
CA GLY A 18 -24.87 7.40 -16.58
C GLY A 18 -24.89 7.85 -15.10
N ALA A 19 -25.94 8.57 -14.69
CA ALA A 19 -26.06 9.00 -13.29
C ALA A 19 -26.59 7.88 -12.44
N ASP A 20 -26.28 7.94 -11.15
CA ASP A 20 -26.87 7.10 -10.16
C ASP A 20 -28.05 7.87 -9.51
N VAL A 21 -29.19 7.21 -9.40
CA VAL A 21 -30.38 7.81 -8.87
C VAL A 21 -30.70 7.17 -7.55
N GLN A 22 -30.79 7.92 -6.45
CA GLN A 22 -31.24 7.32 -5.18
C GLN A 22 -32.49 8.04 -4.69
N TRP A 23 -33.47 7.28 -4.23
CA TRP A 23 -34.68 7.86 -3.67
C TRP A 23 -34.67 7.65 -2.16
N ASP A 24 -34.92 8.69 -1.38
CA ASP A 24 -35.00 8.48 0.04
C ASP A 24 -36.45 8.78 0.45
N ASP A 25 -37.16 7.73 0.87
CA ASP A 25 -38.59 7.88 1.07
C ASP A 25 -38.91 8.66 2.32
N TYR A 26 -38.07 8.53 3.34
CA TYR A 26 -38.25 9.34 4.51
C TYR A 26 -38.10 10.85 4.25
N ALA A 27 -37.15 11.23 3.40
CA ALA A 27 -36.90 12.64 3.21
C ALA A 27 -37.67 13.13 1.99
N GLN A 28 -38.17 12.20 1.19
CA GLN A 28 -38.81 12.57 -0.08
C GLN A 28 -37.81 13.35 -0.93
N LEU A 29 -36.67 12.71 -1.24
CA LEU A 29 -35.58 13.44 -1.81
C LEU A 29 -34.83 12.58 -2.77
N PHE A 30 -34.69 13.00 -4.01
CA PHE A 30 -33.74 12.32 -4.87
C PHE A 30 -32.31 12.81 -4.67
N THR A 31 -31.34 11.89 -4.69
CA THR A 31 -29.93 12.22 -4.84
C THR A 31 -29.46 11.68 -6.16
N LEU A 32 -28.90 12.56 -6.99
CA LEU A 32 -28.43 12.17 -8.31
C LEU A 32 -26.90 12.38 -8.36
N ILE A 33 -26.16 11.33 -8.66
CA ILE A 33 -24.74 11.42 -8.67
C ILE A 33 -24.17 11.02 -10.02
N LYS A 34 -23.35 11.88 -10.58
CA LYS A 34 -22.57 11.57 -11.77
C LYS A 34 -21.27 12.37 -11.81
N ASP A 35 -20.13 11.69 -11.72
CA ASP A 35 -18.81 12.29 -11.85
C ASP A 35 -18.72 13.37 -10.82
N GLY A 36 -18.46 14.64 -11.16
CA GLY A 36 -18.30 15.69 -10.14
C GLY A 36 -19.60 16.25 -9.64
N ALA A 37 -20.71 15.81 -10.23
CA ALA A 37 -21.99 16.40 -9.87
C ALA A 37 -22.76 15.57 -8.83
N TYR A 38 -23.05 16.23 -7.71
CA TYR A 38 -23.87 15.71 -6.66
C TYR A 38 -25.13 16.60 -6.53
N VAL A 39 -26.27 16.03 -6.93
CA VAL A 39 -27.50 16.78 -7.07
C VAL A 39 -28.57 16.30 -6.07
N LYS A 40 -29.24 17.24 -5.43
CA LYS A 40 -30.35 16.95 -4.54
C LYS A 40 -31.61 17.61 -5.03
N VAL A 41 -32.69 16.85 -5.14
CA VAL A 41 -33.93 17.44 -5.63
C VAL A 41 -35.19 16.75 -5.04
N LYS A 42 -36.13 17.56 -4.55
CA LYS A 42 -37.40 17.12 -4.04
C LYS A 42 -38.46 17.32 -5.13
N PRO A 43 -39.34 16.32 -5.30
CA PRO A 43 -40.46 16.39 -6.24
C PRO A 43 -41.33 17.59 -5.91
N GLY A 44 -41.76 18.33 -6.92
CA GLY A 44 -42.51 19.56 -6.65
C GLY A 44 -41.76 20.82 -6.24
N ALA A 45 -40.48 20.74 -5.92
CA ALA A 45 -39.73 21.96 -5.53
C ALA A 45 -39.29 22.81 -6.75
N GLN A 46 -39.12 24.12 -6.55
CA GLN A 46 -38.82 25.00 -7.68
C GLN A 46 -37.32 25.11 -7.82
N THR A 47 -36.60 24.63 -6.80
CA THR A 47 -35.15 24.67 -6.84
C THR A 47 -34.53 23.31 -6.52
N ALA A 48 -33.28 23.14 -6.91
CA ALA A 48 -32.52 21.96 -6.60
C ALA A 48 -31.16 22.37 -6.02
N ILE A 49 -30.35 21.42 -5.60
CA ILE A 49 -29.02 21.76 -5.08
C ILE A 49 -28.04 21.01 -5.98
N VAL A 50 -27.13 21.71 -6.62
CA VAL A 50 -26.01 21.07 -7.31
C VAL A 50 -24.77 21.47 -6.55
N ASN A 51 -23.99 20.46 -6.14
CA ASN A 51 -22.76 20.64 -5.37
C ASN A 51 -22.90 21.70 -4.30
N GLY A 52 -23.90 21.61 -3.47
CA GLY A 52 -24.09 22.57 -2.40
C GLY A 52 -24.71 23.89 -2.81
N GLN A 53 -24.99 24.12 -4.10
CA GLN A 53 -25.45 25.43 -4.60
C GLN A 53 -26.89 25.36 -5.11
N PRO A 54 -27.72 26.34 -4.75
CA PRO A 54 -29.10 26.38 -5.21
C PRO A 54 -29.21 26.59 -6.70
N LEU A 55 -30.23 26.02 -7.32
CA LEU A 55 -30.47 26.24 -8.72
C LEU A 55 -31.99 26.27 -8.95
N ALA A 56 -32.47 27.31 -9.65
CA ALA A 56 -33.88 27.47 -10.08
C ALA A 56 -34.14 26.50 -11.18
N LEU A 57 -35.28 25.82 -11.13
CA LEU A 57 -35.69 24.88 -12.17
C LEU A 57 -36.77 25.55 -13.06
N GLN A 58 -36.77 25.24 -14.34
CA GLN A 58 -37.86 25.68 -15.19
C GLN A 58 -39.08 24.84 -14.83
N VAL A 59 -38.88 23.51 -14.81
CA VAL A 59 -39.93 22.54 -14.56
C VAL A 59 -39.55 21.67 -13.34
N PRO A 60 -40.34 21.75 -12.25
CA PRO A 60 -40.14 20.84 -11.09
C PRO A 60 -40.17 19.37 -11.49
N VAL A 61 -39.56 18.51 -10.68
CA VAL A 61 -39.74 17.06 -10.84
C VAL A 61 -41.19 16.72 -10.45
N VAL A 62 -41.91 15.97 -11.30
CA VAL A 62 -43.25 15.54 -10.90
C VAL A 62 -43.34 14.06 -10.67
N MET A 63 -43.99 13.71 -9.54
CA MET A 63 -44.28 12.32 -9.17
C MET A 63 -45.65 11.93 -9.72
N LYS A 64 -45.67 11.04 -10.71
CA LYS A 64 -46.91 10.51 -11.27
C LYS A 64 -46.94 8.97 -11.06
N ASP A 65 -47.70 8.51 -10.05
CA ASP A 65 -47.97 7.06 -9.88
C ASP A 65 -46.74 6.35 -9.33
N ASN A 66 -46.21 6.84 -8.21
CA ASN A 66 -44.89 6.42 -7.72
C ASN A 66 -43.76 6.45 -8.79
N LYS A 67 -43.93 7.26 -9.84
CA LYS A 67 -42.91 7.42 -10.88
C LYS A 67 -42.54 8.88 -11.14
N ALA A 68 -41.23 9.12 -11.13
CA ALA A 68 -40.68 10.43 -11.35
C ALA A 68 -40.63 10.78 -12.84
N TRP A 69 -41.09 11.99 -13.13
CA TRP A 69 -40.99 12.60 -14.45
C TRP A 69 -40.24 13.94 -14.38
N VAL A 70 -39.39 14.17 -15.38
CA VAL A 70 -38.66 15.42 -15.55
C VAL A 70 -38.80 15.99 -16.94
N SER A 71 -38.61 17.30 -17.02
CA SER A 71 -38.60 18.00 -18.28
C SER A 71 -37.53 17.39 -19.16
N ASP A 72 -37.73 17.41 -20.48
CA ASP A 72 -36.77 16.76 -21.40
C ASP A 72 -35.44 17.52 -21.44
N THR A 73 -35.43 18.66 -20.76
CA THR A 73 -34.35 19.61 -20.77
C THR A 73 -33.62 19.65 -19.42
N PHE A 74 -34.14 18.87 -18.47
CA PHE A 74 -33.64 18.76 -17.11
C PHE A 74 -32.14 18.40 -17.02
N ILE A 75 -31.70 17.40 -17.78
CA ILE A 75 -30.31 17.02 -17.74
C ILE A 75 -29.36 18.16 -18.16
N ASN A 76 -29.67 18.83 -19.27
CA ASN A 76 -28.91 20.01 -19.65
C ASN A 76 -29.01 21.11 -18.59
N ASP A 77 -30.20 21.49 -18.18
CA ASP A 77 -30.30 22.51 -17.15
C ASP A 77 -29.60 22.17 -15.83
N VAL A 78 -29.62 20.91 -15.39
CA VAL A 78 -29.07 20.58 -14.07
C VAL A 78 -27.58 20.17 -14.13
N PHE A 79 -27.21 19.33 -15.07
CA PHE A 79 -25.86 18.78 -15.10
C PHE A 79 -24.89 19.61 -15.90
N GLN A 80 -25.38 20.45 -16.82
CA GLN A 80 -24.50 21.28 -17.60
C GLN A 80 -24.72 22.73 -17.23
N SER A 81 -25.10 22.99 -15.98
CA SER A 81 -25.53 24.34 -15.56
C SER A 81 -24.36 25.30 -15.27
N GLY A 82 -23.22 24.74 -14.89
CA GLY A 82 -22.06 25.51 -14.48
C GLY A 82 -21.89 25.48 -12.98
N LEU A 83 -22.87 24.96 -12.25
CA LEU A 83 -22.67 24.82 -10.81
C LEU A 83 -21.81 23.61 -10.44
N ASP A 84 -21.63 22.69 -11.39
CA ASP A 84 -20.60 21.68 -11.25
C ASP A 84 -19.29 22.21 -11.86
N GLN A 85 -18.30 22.47 -11.01
CA GLN A 85 -17.08 23.17 -11.49
C GLN A 85 -15.98 22.26 -11.87
N THR A 86 -16.24 20.96 -11.87
CA THR A 86 -15.21 19.98 -12.04
C THR A 86 -14.51 20.23 -13.33
N PHE A 87 -15.30 20.50 -14.37
CA PHE A 87 -14.79 20.72 -15.73
C PHE A 87 -14.87 22.19 -16.09
N GLN A 88 -13.78 22.75 -16.58
CA GLN A 88 -13.73 24.16 -17.04
C GLN A 88 -13.33 24.18 -18.49
N VAL A 89 -13.76 25.21 -19.23
CA VAL A 89 -13.34 25.27 -20.64
C VAL A 89 -11.86 25.70 -20.76
N GLU A 90 -11.20 25.06 -21.72
CA GLU A 90 -9.83 25.34 -22.04
C GLU A 90 -9.79 26.43 -23.15
N LYS A 91 -9.48 27.68 -22.83
CA LYS A 91 -9.50 28.69 -23.92
C LYS A 91 -8.26 28.63 -24.78
N ARG A 92 -7.13 28.22 -24.20
CA ARG A 92 -5.89 28.11 -24.94
C ARG A 92 -5.33 26.70 -24.81
N PRO A 93 -5.34 25.90 -25.90
CA PRO A 93 -4.97 24.49 -25.80
C PRO A 93 -3.52 24.22 -25.42
N HIS A 94 -3.34 23.40 -24.41
CA HIS A 94 -2.04 22.90 -24.09
C HIS A 94 -1.41 22.21 -25.31
N PRO A 95 -0.14 22.50 -25.61
CA PRO A 95 0.51 21.92 -26.79
C PRO A 95 0.76 20.42 -26.70
N LEU A 96 0.60 19.79 -25.53
CA LEU A 96 0.73 18.35 -25.52
C LEU A 96 -0.61 17.66 -25.70
N ASN A 97 -1.72 18.39 -25.83
CA ASN A 97 -3.05 17.78 -26.02
C ASN A 97 -2.94 16.71 -27.07
N ALA A 98 -3.53 15.53 -26.87
CA ALA A 98 -3.53 14.48 -27.91
C ALA A 98 -4.18 14.92 -29.21
N LEU A 99 -3.85 14.29 -30.33
CA LEU A 99 -4.61 14.50 -31.55
C LEU A 99 -6.12 14.33 -31.29
N THR A 100 -6.92 15.28 -31.78
CA THR A 100 -8.39 15.22 -31.65
C THR A 100 -8.89 14.33 -32.79
N ALA A 101 -10.17 13.96 -32.75
CA ALA A 101 -10.74 13.13 -33.82
C ALA A 101 -10.55 13.76 -35.22
N ASP A 102 -10.75 15.07 -35.29
CA ASP A 102 -10.57 15.76 -36.55
C ASP A 102 -9.12 15.76 -36.99
N GLU A 103 -8.21 15.99 -36.05
CA GLU A 103 -6.82 15.94 -36.41
C GLU A 103 -6.43 14.54 -36.87
N ILE A 104 -6.94 13.51 -36.23
CA ILE A 104 -6.71 12.16 -36.72
C ILE A 104 -7.23 11.96 -38.17
N LYS A 105 -8.46 12.42 -38.46
CA LYS A 105 -9.01 12.28 -39.81
C LYS A 105 -8.18 13.09 -40.83
N GLN A 106 -7.80 14.32 -40.47
CA GLN A 106 -6.97 15.13 -41.33
C GLN A 106 -5.67 14.44 -41.71
N ALA A 107 -4.97 13.89 -40.71
CA ALA A 107 -3.69 13.20 -40.91
C ALA A 107 -3.82 11.97 -41.81
N VAL A 108 -4.88 11.19 -41.64
CA VAL A 108 -5.15 10.08 -42.56
C VAL A 108 -5.36 10.54 -44.03
N GLU A 109 -6.15 11.59 -44.25
CA GLU A 109 -6.36 12.14 -45.60
C GLU A 109 -5.05 12.59 -46.18
N ILE A 110 -4.22 13.26 -45.37
CA ILE A 110 -2.99 13.75 -45.88
C ILE A 110 -2.11 12.64 -46.37
N VAL A 111 -2.00 11.50 -45.66
CA VAL A 111 -1.17 10.41 -46.19
C VAL A 111 -1.84 9.59 -47.29
N LYS A 112 -3.16 9.49 -47.23
CA LYS A 112 -3.88 8.78 -48.25
C LYS A 112 -3.80 9.51 -49.58
N ALA A 113 -3.45 10.78 -49.55
CA ALA A 113 -3.35 11.57 -50.77
C ALA A 113 -2.02 11.28 -51.50
N SER A 114 -1.09 10.56 -50.86
CA SER A 114 0.15 10.24 -51.54
C SER A 114 -0.07 9.07 -52.47
N ALA A 115 0.67 9.06 -53.58
CA ALA A 115 0.60 7.97 -54.56
C ALA A 115 1.27 6.72 -54.02
N ASP A 116 2.22 6.90 -53.09
CA ASP A 116 2.90 5.77 -52.45
C ASP A 116 2.05 5.09 -51.40
N PHE A 117 0.82 5.57 -51.19
CA PHE A 117 -0.03 4.96 -50.20
C PHE A 117 -0.75 3.72 -50.76
N LYS A 118 -0.26 2.51 -50.49
CA LYS A 118 -0.85 1.30 -51.08
C LYS A 118 -2.18 0.89 -50.41
N PRO A 119 -3.04 0.16 -51.14
CA PRO A 119 -4.46 0.02 -50.78
C PRO A 119 -4.85 -0.78 -49.52
N ASN A 120 -4.09 -1.77 -49.08
CA ASN A 120 -4.58 -2.31 -47.81
C ASN A 120 -3.80 -1.81 -46.58
N THR A 121 -3.28 -0.59 -46.66
CA THR A 121 -2.36 -0.07 -45.68
C THR A 121 -3.08 0.16 -44.34
N ARG A 122 -2.44 -0.27 -43.25
CA ARG A 122 -3.00 -0.11 -41.91
C ARG A 122 -2.14 0.83 -41.05
N PHE A 123 -2.67 1.32 -39.94
CA PHE A 123 -1.91 2.22 -39.09
C PHE A 123 -1.48 1.62 -37.76
N THR A 124 -0.19 1.67 -37.42
CA THR A 124 0.25 1.22 -36.12
C THR A 124 0.19 2.36 -35.05
N GLU A 125 0.41 3.62 -35.48
CA GLU A 125 0.31 4.76 -34.60
C GLU A 125 -0.04 6.02 -35.37
N ILE A 126 -0.92 6.83 -34.78
CA ILE A 126 -1.14 8.17 -35.22
C ILE A 126 -1.09 9.01 -33.97
N SER A 127 -0.02 9.77 -33.76
CA SER A 127 0.16 10.50 -32.53
C SER A 127 0.72 11.86 -32.73
N LEU A 128 0.45 12.73 -31.76
CA LEU A 128 1.14 14.00 -31.68
C LEU A 128 2.64 13.85 -31.82
N LEU A 129 3.23 14.61 -32.75
CA LEU A 129 4.66 14.78 -32.75
C LEU A 129 5.00 15.89 -31.73
N PRO A 130 5.72 15.52 -30.67
CA PRO A 130 5.82 16.47 -29.55
C PRO A 130 6.67 17.67 -30.01
N PRO A 131 6.13 18.91 -29.85
CA PRO A 131 6.87 20.17 -30.03
C PRO A 131 7.99 20.16 -29.01
N ASP A 132 8.90 21.11 -29.11
CA ASP A 132 10.06 20.96 -28.27
C ASP A 132 9.84 21.34 -26.80
N LYS A 133 10.55 20.62 -25.95
CA LYS A 133 10.40 20.63 -24.51
C LYS A 133 10.40 22.04 -23.96
N GLU A 134 11.37 22.84 -24.39
CA GLU A 134 11.55 24.15 -23.83
C GLU A 134 10.32 24.99 -24.09
N ALA A 135 9.82 24.92 -25.31
CA ALA A 135 8.61 25.65 -25.66
C ALA A 135 7.41 25.14 -24.82
N VAL A 136 7.30 23.81 -24.63
CA VAL A 136 6.19 23.30 -23.82
C VAL A 136 6.31 23.75 -22.34
N TRP A 137 7.51 23.74 -21.75
CA TRP A 137 7.61 24.29 -20.41
C TRP A 137 7.24 25.77 -20.33
N ALA A 138 7.60 26.55 -21.36
CA ALA A 138 7.34 27.98 -21.25
C ALA A 138 5.84 28.24 -21.41
N PHE A 139 5.13 27.39 -22.16
CA PHE A 139 3.66 27.45 -22.16
C PHE A 139 3.12 27.29 -20.76
N ALA A 140 3.56 26.26 -20.05
CA ALA A 140 3.00 25.86 -18.77
C ALA A 140 3.38 26.82 -17.67
N LEU A 141 4.62 27.29 -17.70
CA LEU A 141 5.12 28.16 -16.61
C LEU A 141 4.97 29.65 -16.91
N GLU A 142 5.00 30.03 -18.19
CA GLU A 142 4.87 31.44 -18.53
C GLU A 142 3.75 31.79 -19.46
N ASN A 143 2.99 30.81 -19.94
CA ASN A 143 1.86 31.10 -20.82
C ASN A 143 2.31 31.67 -22.16
N LYS A 144 3.57 31.50 -22.47
CA LYS A 144 4.09 31.87 -23.77
C LYS A 144 3.57 30.92 -24.84
N PRO A 145 2.87 31.44 -25.88
CA PRO A 145 2.39 30.58 -26.97
C PRO A 145 3.53 29.87 -27.66
N VAL A 146 3.31 28.61 -27.97
CA VAL A 146 4.25 27.81 -28.73
C VAL A 146 4.05 28.21 -30.18
N ASP A 147 5.12 28.50 -30.90
CA ASP A 147 4.91 28.89 -32.30
C ASP A 147 5.48 27.90 -33.28
N GLN A 148 4.91 26.71 -33.22
CA GLN A 148 5.12 25.70 -34.23
C GLN A 148 3.73 25.28 -34.66
N PRO A 149 3.59 24.69 -35.85
CA PRO A 149 2.28 24.07 -36.15
C PRO A 149 2.14 22.69 -35.47
N ARG A 150 0.90 22.24 -35.28
CA ARG A 150 0.64 20.87 -34.78
C ARG A 150 1.08 19.86 -35.86
N LYS A 151 1.84 18.87 -35.40
CA LYS A 151 2.32 17.80 -36.24
C LYS A 151 1.92 16.39 -35.74
N ALA A 152 1.82 15.46 -36.68
CA ALA A 152 1.48 14.10 -36.33
C ALA A 152 2.50 13.12 -36.87
N ASP A 153 2.84 12.13 -36.05
CA ASP A 153 3.58 10.93 -36.47
C ASP A 153 2.55 9.95 -36.95
N VAL A 154 2.71 9.53 -38.21
CA VAL A 154 1.83 8.54 -38.79
C VAL A 154 2.69 7.35 -39.17
N ILE A 155 2.47 6.24 -38.50
CA ILE A 155 3.25 5.07 -38.76
C ILE A 155 2.32 4.02 -39.35
N MET A 156 2.69 3.59 -40.55
CA MET A 156 1.89 2.73 -41.40
C MET A 156 2.55 1.41 -41.62
N LEU A 157 1.69 0.40 -41.71
CA LEU A 157 2.09 -0.96 -41.98
C LEU A 157 1.48 -1.31 -43.29
N ASP A 158 2.33 -1.42 -44.31
CA ASP A 158 1.94 -1.82 -45.68
C ASP A 158 2.30 -3.28 -45.94
N GLY A 159 1.32 -4.15 -45.78
CA GLY A 159 1.55 -5.56 -45.71
C GLY A 159 2.37 -5.82 -44.47
N LYS A 160 3.64 -6.16 -44.69
CA LYS A 160 4.58 -6.37 -43.61
C LYS A 160 5.56 -5.22 -43.54
N HIS A 161 5.41 -4.21 -44.39
CA HIS A 161 6.36 -3.10 -44.44
C HIS A 161 5.95 -1.90 -43.58
N ILE A 162 6.90 -1.38 -42.80
CA ILE A 162 6.71 -0.22 -41.95
C ILE A 162 7.14 1.04 -42.66
N ILE A 163 6.34 2.10 -42.56
CA ILE A 163 6.70 3.38 -43.12
C ILE A 163 6.38 4.47 -42.11
N GLU A 164 7.32 5.37 -41.90
CA GLU A 164 7.10 6.48 -41.00
C GLU A 164 6.84 7.81 -41.75
N ALA A 165 5.70 8.42 -41.48
CA ALA A 165 5.44 9.73 -42.03
C ALA A 165 5.27 10.78 -40.96
N VAL A 166 5.47 12.02 -41.37
CA VAL A 166 5.19 13.19 -40.55
C VAL A 166 4.29 14.16 -41.36
N VAL A 167 3.19 14.61 -40.74
CA VAL A 167 2.28 15.50 -41.42
C VAL A 167 2.11 16.75 -40.61
N ASP A 168 1.98 17.88 -41.29
CA ASP A 168 1.79 19.15 -40.65
C ASP A 168 0.32 19.44 -40.73
N LEU A 169 -0.33 19.76 -39.61
CA LEU A 169 -1.80 19.74 -39.55
C LEU A 169 -2.43 21.12 -39.78
N GLN A 170 -1.77 22.14 -39.25
CA GLN A 170 -2.01 23.53 -39.66
C GLN A 170 -1.97 23.79 -41.18
N ASN A 171 -0.89 23.38 -41.84
CA ASN A 171 -0.65 23.65 -43.28
C ASN A 171 -1.18 22.57 -44.20
N ASN A 172 -1.65 21.47 -43.59
CA ASN A 172 -2.20 20.34 -44.31
C ASN A 172 -1.22 19.75 -45.32
N LYS A 173 0.03 19.62 -44.91
CA LYS A 173 0.97 18.94 -45.79
C LYS A 173 1.77 17.77 -45.19
N LEU A 174 2.30 16.94 -46.09
CA LEU A 174 3.16 15.84 -45.75
C LEU A 174 4.62 16.27 -45.70
N LEU A 175 5.30 16.07 -44.58
CA LEU A 175 6.65 16.56 -44.40
C LEU A 175 7.74 15.51 -44.61
N SER A 176 7.41 14.25 -44.41
CA SER A 176 8.35 13.21 -44.76
C SER A 176 7.66 11.87 -44.76
N TRP A 177 8.35 10.94 -45.41
CA TRP A 177 7.85 9.63 -45.71
C TRP A 177 9.09 8.75 -45.81
N GLN A 178 9.35 7.98 -44.77
CA GLN A 178 10.54 7.14 -44.65
C GLN A 178 10.19 5.68 -44.46
N PRO A 179 10.44 4.86 -45.47
CA PRO A 179 10.32 3.43 -45.20
C PRO A 179 11.37 2.99 -44.15
N ILE A 180 11.02 1.99 -43.34
CA ILE A 180 11.92 1.48 -42.30
C ILE A 180 12.12 -0.01 -42.65
N LYS A 181 13.22 -0.29 -43.35
CA LYS A 181 13.55 -1.67 -43.73
C LYS A 181 14.03 -2.39 -42.46
N ASP A 182 13.71 -3.67 -42.32
CA ASP A 182 14.12 -4.42 -41.09
C ASP A 182 13.13 -4.37 -39.94
N ALA A 183 12.37 -3.30 -39.81
CA ALA A 183 11.35 -3.29 -38.76
C ALA A 183 10.17 -4.23 -39.09
N HIS A 184 9.78 -5.06 -38.12
CA HIS A 184 8.45 -5.69 -38.17
C HIS A 184 7.40 -4.83 -37.42
N GLY A 185 6.17 -4.86 -37.90
CA GLY A 185 5.11 -4.13 -37.23
C GLY A 185 4.56 -4.84 -36.00
N MET A 186 3.98 -4.04 -35.12
CA MET A 186 3.23 -4.61 -34.03
C MET A 186 1.99 -5.40 -34.56
N VAL A 187 1.41 -6.21 -33.70
CA VAL A 187 0.21 -6.95 -34.03
C VAL A 187 -0.93 -5.93 -34.07
N LEU A 188 -1.83 -6.06 -35.06
CA LEU A 188 -3.01 -5.19 -35.16
C LEU A 188 -4.29 -5.97 -34.88
N LEU A 189 -5.39 -5.30 -34.58
CA LEU A 189 -6.62 -6.07 -34.22
C LEU A 189 -7.02 -7.07 -35.29
N ASP A 190 -6.99 -6.66 -36.56
CA ASP A 190 -7.43 -7.54 -37.64
C ASP A 190 -6.57 -8.79 -37.76
N ASP A 191 -5.37 -8.74 -37.21
CA ASP A 191 -4.54 -9.92 -37.22
C ASP A 191 -5.18 -11.06 -36.41
N PHE A 192 -5.97 -10.71 -35.40
CA PHE A 192 -6.63 -11.71 -34.55
C PHE A 192 -7.66 -12.57 -35.32
N ALA A 193 -8.48 -11.90 -36.12
CA ALA A 193 -9.51 -12.57 -36.92
C ALA A 193 -8.87 -13.38 -38.06
N SER A 194 -7.92 -12.78 -38.77
CA SER A 194 -7.16 -13.50 -39.80
C SER A 194 -6.69 -14.82 -39.26
N VAL A 195 -5.98 -14.75 -38.13
CA VAL A 195 -5.39 -15.93 -37.55
C VAL A 195 -6.47 -16.96 -37.29
N GLN A 196 -7.63 -16.51 -36.87
CA GLN A 196 -8.69 -17.42 -36.42
C GLN A 196 -9.37 -18.07 -37.63
N ASN A 197 -9.49 -17.31 -38.72
CA ASN A 197 -9.95 -17.80 -40.00
C ASN A 197 -8.98 -18.74 -40.68
N ILE A 198 -7.70 -18.36 -40.73
CA ILE A 198 -6.70 -19.22 -41.28
C ILE A 198 -6.77 -20.59 -40.59
N ILE A 199 -6.81 -20.64 -39.27
CA ILE A 199 -7.01 -21.92 -38.61
C ILE A 199 -8.34 -22.64 -39.01
N ASN A 200 -9.43 -21.90 -39.12
CA ASN A 200 -10.72 -22.50 -39.47
C ASN A 200 -10.74 -23.11 -40.86
N ASN A 201 -9.81 -22.67 -41.70
CA ASN A 201 -9.77 -23.03 -43.09
C ASN A 201 -8.60 -23.94 -43.42
N SER A 202 -7.93 -24.46 -42.40
CA SER A 202 -6.89 -25.47 -42.66
C SER A 202 -7.37 -26.86 -42.27
N GLU A 203 -7.42 -27.74 -43.27
CA GLU A 203 -7.77 -29.15 -43.05
C GLU A 203 -6.62 -29.83 -42.31
N GLU A 204 -5.41 -29.35 -42.57
CA GLU A 204 -4.24 -29.82 -41.86
C GLU A 204 -4.34 -29.56 -40.36
N PHE A 205 -4.81 -28.36 -40.01
CA PHE A 205 -5.04 -28.07 -38.63
C PHE A 205 -6.20 -28.90 -38.05
N ALA A 206 -7.32 -28.95 -38.75
CA ALA A 206 -8.44 -29.78 -38.30
C ALA A 206 -7.97 -31.22 -38.05
N ALA A 207 -7.12 -31.72 -38.95
CA ALA A 207 -6.50 -33.04 -38.83
C ALA A 207 -5.79 -33.19 -37.49
N ALA A 208 -4.81 -32.31 -37.30
CA ALA A 208 -4.01 -32.23 -36.08
C ALA A 208 -4.82 -32.20 -34.78
N VAL A 209 -5.93 -31.47 -34.80
CA VAL A 209 -6.83 -31.30 -33.68
C VAL A 209 -7.66 -32.56 -33.47
N LYS A 210 -8.13 -33.17 -34.57
CA LYS A 210 -8.85 -34.45 -34.48
C LYS A 210 -8.01 -35.48 -33.70
N LYS A 211 -6.70 -35.54 -34.01
CA LYS A 211 -5.80 -36.41 -33.27
C LYS A 211 -5.88 -36.17 -31.78
N ARG A 212 -6.10 -34.93 -31.38
CA ARG A 212 -6.04 -34.61 -29.96
C ARG A 212 -7.34 -34.81 -29.19
N GLY A 213 -8.30 -35.46 -29.84
CA GLY A 213 -9.58 -35.81 -29.19
C GLY A 213 -10.71 -34.87 -29.54
N ILE A 214 -10.41 -33.83 -30.32
CA ILE A 214 -11.44 -32.84 -30.60
C ILE A 214 -12.18 -33.22 -31.86
N THR A 215 -13.44 -33.58 -31.66
CA THR A 215 -14.38 -33.93 -32.74
C THR A 215 -14.65 -32.70 -33.61
N ASP A 216 -15.00 -31.60 -32.95
CA ASP A 216 -15.46 -30.38 -33.64
C ASP A 216 -14.42 -29.25 -33.71
N ALA A 217 -13.72 -29.15 -34.83
CA ALA A 217 -12.70 -28.11 -35.01
C ALA A 217 -13.25 -26.68 -35.07
N LYS A 218 -14.58 -26.52 -35.17
CA LYS A 218 -15.13 -25.16 -35.22
C LYS A 218 -15.18 -24.49 -33.81
N LYS A 219 -14.91 -25.27 -32.76
CA LYS A 219 -14.96 -24.80 -31.37
C LYS A 219 -13.58 -24.36 -30.87
N VAL A 220 -12.62 -24.26 -31.77
CA VAL A 220 -11.26 -24.02 -31.34
C VAL A 220 -11.02 -22.52 -31.34
N ILE A 221 -10.52 -22.02 -30.20
CA ILE A 221 -10.24 -20.61 -30.05
C ILE A 221 -8.74 -20.45 -30.21
N THR A 222 -8.36 -19.55 -31.09
CA THR A 222 -6.95 -19.24 -31.27
C THR A 222 -6.56 -18.00 -30.53
N THR A 223 -5.27 -17.93 -30.20
CA THR A 223 -4.69 -16.75 -29.63
C THR A 223 -3.31 -16.53 -30.28
N PRO A 224 -3.09 -15.34 -30.85
CA PRO A 224 -1.88 -15.08 -31.64
C PRO A 224 -0.74 -14.54 -30.77
N LEU A 225 0.48 -15.04 -31.02
CA LEU A 225 1.66 -14.67 -30.23
C LEU A 225 2.81 -14.25 -31.13
N THR A 226 3.58 -13.26 -30.70
CA THR A 226 4.80 -12.93 -31.48
C THR A 226 5.82 -14.05 -31.25
N VAL A 227 6.72 -14.24 -32.21
CA VAL A 227 7.58 -15.45 -32.18
C VAL A 227 9.01 -15.21 -31.64
N GLY A 228 9.35 -13.94 -31.38
CA GLY A 228 10.67 -13.54 -30.90
C GLY A 228 11.71 -13.75 -31.98
N TYR A 229 12.96 -13.86 -31.53
CA TYR A 229 14.06 -14.08 -32.42
C TYR A 229 14.94 -15.13 -31.75
N PHE A 230 15.35 -16.15 -32.50
CA PHE A 230 16.25 -17.20 -32.00
C PHE A 230 17.36 -17.55 -33.00
N ASP A 231 17.71 -16.62 -33.88
CA ASP A 231 18.83 -16.79 -34.81
C ASP A 231 18.66 -18.03 -35.70
N GLY A 232 17.44 -18.31 -36.11
CA GLY A 232 17.19 -19.40 -36.99
C GLY A 232 16.96 -20.68 -36.22
N LYS A 233 17.24 -20.68 -34.92
CA LYS A 233 17.16 -21.93 -34.19
C LYS A 233 15.72 -22.43 -33.96
N ASP A 234 14.73 -21.63 -34.30
CA ASP A 234 13.33 -22.06 -34.19
C ASP A 234 12.83 -22.42 -35.60
N GLY A 235 13.75 -22.27 -36.57
CA GLY A 235 13.56 -22.64 -37.97
C GLY A 235 12.62 -21.71 -38.69
N LEU A 236 12.52 -20.47 -38.22
CA LEU A 236 11.60 -19.50 -38.82
C LEU A 236 12.47 -18.47 -39.48
N LYS A 237 12.16 -18.14 -40.73
CA LYS A 237 12.99 -17.18 -41.45
C LYS A 237 12.70 -15.75 -40.94
N GLN A 238 13.71 -14.90 -40.96
CA GLN A 238 13.63 -13.61 -40.30
C GLN A 238 12.68 -12.61 -40.97
N ASP A 239 12.46 -12.75 -42.26
CA ASP A 239 11.87 -11.68 -43.02
C ASP A 239 10.34 -11.79 -43.26
N ALA A 240 9.74 -12.93 -42.91
CA ALA A 240 8.30 -13.05 -43.02
C ALA A 240 7.56 -12.40 -41.83
N ARG A 241 6.34 -11.93 -42.07
CA ARG A 241 5.47 -11.53 -41.01
C ARG A 241 4.81 -12.77 -40.38
N LEU A 242 5.34 -13.21 -39.25
CA LEU A 242 4.90 -14.44 -38.63
C LEU A 242 4.21 -14.22 -37.28
N LEU A 243 3.29 -15.09 -36.94
CA LEU A 243 2.76 -15.15 -35.62
C LEU A 243 2.66 -16.63 -35.29
N LYS A 244 2.81 -16.95 -34.01
CA LYS A 244 2.53 -18.30 -33.51
C LYS A 244 1.14 -18.35 -32.91
N VAL A 245 0.52 -19.52 -33.00
CA VAL A 245 -0.87 -19.65 -32.62
C VAL A 245 -1.05 -20.79 -31.65
N ILE A 246 -1.53 -20.47 -30.45
CA ILE A 246 -1.86 -21.43 -29.41
C ILE A 246 -3.37 -21.56 -29.49
N SER A 247 -3.91 -22.70 -29.08
CA SER A 247 -5.35 -22.88 -29.11
C SER A 247 -5.98 -23.58 -27.92
N TYR A 248 -7.27 -23.31 -27.75
CA TYR A 248 -8.06 -23.75 -26.59
C TYR A 248 -9.38 -24.21 -27.13
N LEU A 249 -10.08 -24.99 -26.33
CA LEU A 249 -11.39 -25.48 -26.68
C LEU A 249 -12.51 -24.69 -25.98
N ASP A 250 -13.41 -24.15 -26.79
CA ASP A 250 -14.61 -23.56 -26.28
C ASP A 250 -15.63 -24.63 -25.85
N VAL A 251 -15.80 -24.83 -24.53
CA VAL A 251 -16.80 -25.77 -23.98
C VAL A 251 -18.05 -25.03 -23.44
N GLY A 252 -18.19 -23.76 -23.79
CA GLY A 252 -19.38 -23.03 -23.43
C GLY A 252 -19.43 -22.45 -22.02
N ASP A 253 -18.30 -22.42 -21.30
CA ASP A 253 -18.23 -21.85 -19.96
C ASP A 253 -17.74 -20.38 -19.92
N GLY A 254 -17.60 -19.75 -21.08
CA GLY A 254 -17.10 -18.38 -21.13
C GLY A 254 -15.61 -18.32 -20.84
N ASN A 255 -14.94 -19.49 -20.70
CA ASN A 255 -13.55 -19.46 -20.26
C ASN A 255 -12.60 -20.32 -21.08
N TYR A 256 -12.45 -19.98 -22.34
CA TYR A 256 -11.63 -20.82 -23.19
C TYR A 256 -10.22 -21.09 -22.62
N TRP A 257 -9.68 -20.08 -21.94
CA TRP A 257 -8.38 -20.15 -21.24
C TRP A 257 -8.19 -21.40 -20.38
N ALA A 258 -9.28 -21.95 -19.86
CA ALA A 258 -9.20 -23.09 -18.94
C ALA A 258 -9.08 -24.43 -19.65
N HIS A 259 -9.03 -24.40 -20.98
CA HIS A 259 -9.10 -25.63 -21.79
C HIS A 259 -8.05 -25.65 -22.87
N PRO A 260 -6.78 -25.73 -22.46
CA PRO A 260 -5.67 -25.61 -23.39
C PRO A 260 -5.52 -26.93 -24.19
N ILE A 261 -5.06 -26.82 -25.42
CA ILE A 261 -4.78 -27.98 -26.25
C ILE A 261 -3.27 -28.05 -26.33
N GLU A 262 -2.67 -28.76 -25.38
CA GLU A 262 -1.25 -28.66 -25.17
C GLU A 262 -0.44 -29.27 -26.33
N ASN A 263 0.76 -28.71 -26.54
CA ASN A 263 1.75 -29.22 -27.48
C ASN A 263 1.31 -29.15 -28.91
N LEU A 264 0.66 -28.04 -29.25
CA LEU A 264 0.17 -27.83 -30.60
C LEU A 264 0.31 -26.38 -30.95
N VAL A 265 1.20 -26.09 -31.86
CA VAL A 265 1.51 -24.73 -32.20
C VAL A 265 1.42 -24.60 -33.71
N ALA A 266 0.76 -23.56 -34.20
CA ALA A 266 0.77 -23.31 -35.64
C ALA A 266 1.54 -22.03 -35.92
N VAL A 267 2.37 -22.04 -36.95
CA VAL A 267 3.03 -20.81 -37.35
C VAL A 267 2.28 -20.27 -38.56
N VAL A 268 1.89 -19.01 -38.48
CA VAL A 268 1.08 -18.38 -39.51
C VAL A 268 1.82 -17.24 -40.17
N ASP A 269 1.94 -17.33 -41.48
CA ASP A 269 2.38 -16.19 -42.26
C ASP A 269 1.20 -15.29 -42.69
N LEU A 270 1.17 -14.06 -42.17
CA LEU A 270 0.03 -13.17 -42.41
C LEU A 270 0.07 -12.56 -43.80
N GLU A 271 1.23 -12.54 -44.43
CA GLU A 271 1.27 -12.12 -45.82
C GLU A 271 0.78 -13.19 -46.82
N GLN A 272 1.04 -14.47 -46.56
CA GLN A 272 0.42 -15.53 -47.36
C GLN A 272 -0.97 -15.93 -46.89
N LYS A 273 -1.33 -15.50 -45.68
CA LYS A 273 -2.57 -15.91 -45.05
C LYS A 273 -2.71 -17.41 -45.01
N LYS A 274 -1.62 -18.11 -44.70
CA LYS A 274 -1.68 -19.55 -44.55
C LYS A 274 -0.81 -20.07 -43.39
N ILE A 275 -1.17 -21.23 -42.85
CA ILE A 275 -0.30 -21.93 -41.90
C ILE A 275 0.96 -22.33 -42.65
N VAL A 276 2.13 -22.17 -42.04
CA VAL A 276 3.35 -22.48 -42.75
C VAL A 276 4.16 -23.50 -41.99
N LYS A 277 3.62 -23.93 -40.87
CA LYS A 277 4.27 -24.93 -40.05
C LYS A 277 3.36 -25.37 -38.93
N ILE A 278 3.34 -26.67 -38.64
CA ILE A 278 2.63 -27.17 -37.48
C ILE A 278 3.62 -27.94 -36.63
N GLU A 279 3.76 -27.55 -35.38
CA GLU A 279 4.58 -28.26 -34.43
C GLU A 279 3.66 -29.01 -33.46
N GLU A 280 3.91 -30.32 -33.30
CA GLU A 280 3.05 -31.18 -32.46
C GLU A 280 3.93 -31.99 -31.55
N GLY A 281 3.51 -32.11 -30.31
CA GLY A 281 4.26 -32.84 -29.32
C GLY A 281 3.33 -33.87 -28.73
N PRO A 282 3.73 -34.48 -27.61
CA PRO A 282 2.86 -35.51 -27.01
C PRO A 282 1.42 -35.05 -26.93
N VAL A 283 0.49 -35.97 -27.14
CA VAL A 283 -0.92 -35.71 -26.99
C VAL A 283 -1.23 -35.62 -25.52
N VAL A 284 -1.82 -34.51 -25.09
CA VAL A 284 -2.28 -34.41 -23.71
C VAL A 284 -3.77 -34.10 -23.84
N PRO A 285 -4.61 -34.89 -23.18
CA PRO A 285 -6.05 -34.70 -23.27
C PRO A 285 -6.45 -33.34 -22.72
N VAL A 286 -7.40 -32.72 -23.41
CA VAL A 286 -7.84 -31.38 -23.11
C VAL A 286 -8.73 -31.35 -21.89
N PRO A 287 -8.39 -30.54 -20.86
CA PRO A 287 -9.26 -30.51 -19.66
C PRO A 287 -10.62 -29.93 -20.04
N MET A 288 -11.69 -30.49 -19.50
CA MET A 288 -13.03 -30.21 -20.05
C MET A 288 -14.04 -29.68 -19.05
N THR A 289 -13.77 -29.86 -17.76
CA THR A 289 -14.63 -29.37 -16.72
C THR A 289 -14.84 -27.87 -16.88
N ALA A 290 -16.10 -27.45 -16.84
CA ALA A 290 -16.47 -26.04 -16.91
C ALA A 290 -15.79 -25.28 -15.77
N ARG A 291 -15.19 -24.14 -16.10
CA ARG A 291 -14.54 -23.32 -15.06
C ARG A 291 -14.82 -21.83 -15.33
N PRO A 292 -16.11 -21.41 -15.24
CA PRO A 292 -16.49 -20.00 -15.50
C PRO A 292 -15.90 -19.03 -14.46
N PHE A 293 -15.64 -17.79 -14.84
CA PHE A 293 -15.15 -16.79 -13.84
C PHE A 293 -16.13 -15.66 -13.73
N ASP A 294 -17.17 -15.72 -14.54
CA ASP A 294 -18.14 -14.63 -14.58
C ASP A 294 -19.31 -14.75 -13.60
N GLY A 295 -19.34 -15.76 -12.74
CA GLY A 295 -20.40 -15.80 -11.72
C GLY A 295 -21.71 -16.49 -12.13
N ARG A 296 -21.78 -17.01 -13.35
CA ARG A 296 -22.97 -17.67 -13.90
C ARG A 296 -23.36 -18.87 -13.02
N ASP A 297 -22.38 -19.51 -12.41
CA ASP A 297 -22.63 -20.60 -11.49
C ASP A 297 -22.57 -20.18 -10.03
N ARG A 298 -22.64 -18.88 -9.71
CA ARG A 298 -22.40 -18.44 -8.31
C ARG A 298 -23.42 -17.45 -7.82
N VAL A 299 -23.51 -17.30 -6.50
CA VAL A 299 -24.32 -16.30 -5.86
C VAL A 299 -23.42 -15.61 -4.85
N ALA A 300 -23.37 -14.29 -4.90
CA ALA A 300 -22.57 -13.51 -3.95
C ALA A 300 -23.34 -13.34 -2.64
N PRO A 301 -22.63 -13.15 -1.54
CA PRO A 301 -23.40 -12.86 -0.32
C PRO A 301 -23.96 -11.44 -0.36
N ALA A 302 -25.09 -11.19 0.29
CA ALA A 302 -25.62 -9.83 0.32
C ALA A 302 -24.69 -9.01 1.23
N VAL A 303 -24.38 -7.79 0.82
CA VAL A 303 -23.44 -6.96 1.54
C VAL A 303 -24.21 -5.69 1.83
N LYS A 304 -23.85 -4.97 2.85
CA LYS A 304 -24.47 -3.70 2.99
C LYS A 304 -23.77 -2.65 2.09
N PRO A 305 -24.52 -1.60 1.67
CA PRO A 305 -24.02 -0.56 0.80
C PRO A 305 -22.98 0.33 1.52
N MET A 306 -21.97 0.72 0.77
CA MET A 306 -21.01 1.69 1.18
C MET A 306 -20.89 2.73 0.05
N GLN A 307 -20.81 3.99 0.41
CA GLN A 307 -20.70 5.06 -0.57
C GLN A 307 -19.63 6.03 -0.15
N ILE A 308 -18.86 6.47 -1.12
CA ILE A 308 -17.95 7.58 -0.92
C ILE A 308 -18.52 8.81 -1.62
N ILE A 309 -18.89 9.78 -0.81
CA ILE A 309 -19.53 10.91 -1.41
C ILE A 309 -18.75 12.21 -1.21
N GLU A 310 -18.86 13.09 -2.20
CA GLU A 310 -18.30 14.44 -2.15
C GLU A 310 -19.40 15.44 -2.51
N PRO A 311 -20.25 15.78 -1.54
CA PRO A 311 -21.51 16.46 -1.89
C PRO A 311 -21.38 17.96 -2.29
N GLU A 312 -20.21 18.54 -2.06
CA GLU A 312 -19.91 19.91 -2.57
C GLU A 312 -19.01 19.90 -3.76
N GLY A 313 -18.77 18.76 -4.39
CA GLY A 313 -17.95 18.74 -5.61
C GLY A 313 -16.56 18.26 -5.26
N LYS A 314 -15.65 18.29 -6.24
CA LYS A 314 -14.25 17.89 -6.10
C LYS A 314 -13.29 18.99 -5.72
N ASN A 315 -12.16 18.60 -5.14
CA ASN A 315 -11.07 19.55 -4.94
C ASN A 315 -10.22 19.71 -6.17
N TYR A 316 -10.48 18.98 -7.25
CA TYR A 316 -9.64 19.16 -8.43
C TYR A 316 -10.45 19.77 -9.54
N THR A 317 -9.76 20.29 -10.54
CA THR A 317 -10.43 20.93 -11.66
C THR A 317 -9.80 20.32 -12.88
N ILE A 318 -10.61 19.96 -13.86
CA ILE A 318 -10.09 19.48 -15.11
C ILE A 318 -10.41 20.55 -16.16
N THR A 319 -9.36 21.09 -16.79
CA THR A 319 -9.52 22.13 -17.79
C THR A 319 -8.96 21.59 -19.07
N GLY A 320 -9.82 21.25 -20.02
CA GLY A 320 -9.37 20.40 -21.13
C GLY A 320 -8.70 19.15 -20.55
N ASP A 321 -7.40 19.00 -20.77
CA ASP A 321 -6.69 17.82 -20.29
C ASP A 321 -5.78 18.13 -19.14
N MET A 322 -5.92 19.34 -18.61
CA MET A 322 -5.10 19.79 -17.49
C MET A 322 -5.77 19.60 -16.16
N ILE A 323 -5.04 19.10 -15.20
CA ILE A 323 -5.63 18.88 -13.89
C ILE A 323 -5.00 19.75 -12.83
N HIS A 324 -5.83 20.40 -12.05
CA HIS A 324 -5.37 21.19 -10.94
C HIS A 324 -5.89 20.64 -9.64
N TRP A 325 -5.03 20.38 -8.67
CA TRP A 325 -5.43 19.74 -7.38
C TRP A 325 -4.45 20.14 -6.30
N ARG A 326 -4.91 20.96 -5.38
CA ARG A 326 -4.10 21.45 -4.27
C ARG A 326 -2.91 22.17 -4.86
N ASN A 327 -1.68 21.73 -4.57
CA ASN A 327 -0.47 22.33 -5.12
C ASN A 327 0.00 21.73 -6.43
N TRP A 328 -0.70 20.72 -6.95
CA TRP A 328 -0.25 20.07 -8.16
C TRP A 328 -0.96 20.61 -9.38
N ASP A 329 -0.23 20.68 -10.50
CA ASP A 329 -0.83 20.86 -11.82
C ASP A 329 -0.13 19.89 -12.79
N PHE A 330 -0.88 19.27 -13.70
CA PHE A 330 -0.24 18.45 -14.70
C PHE A 330 -1.22 18.26 -15.83
N HIS A 331 -0.72 17.72 -16.94
CA HIS A 331 -1.47 17.46 -18.14
C HIS A 331 -1.57 15.94 -18.35
N LEU A 332 -2.73 15.49 -18.78
CA LEU A 332 -2.98 14.07 -18.89
C LEU A 332 -3.35 13.83 -20.34
N SER A 333 -2.60 13.01 -21.06
CA SER A 333 -2.96 12.68 -22.43
C SER A 333 -2.81 11.17 -22.67
N MET A 334 -3.34 10.68 -23.79
CA MET A 334 -3.46 9.26 -24.01
C MET A 334 -2.79 8.90 -25.33
N ASN A 335 -2.03 7.80 -25.30
CA ASN A 335 -1.26 7.30 -26.40
C ASN A 335 -1.72 5.87 -26.73
N SER A 336 -1.77 5.46 -28.01
CA SER A 336 -2.26 4.10 -28.33
C SER A 336 -1.30 2.98 -27.90
N ARG A 337 -0.01 3.30 -27.79
CA ARG A 337 0.95 2.29 -27.44
C ARG A 337 1.11 2.10 -25.93
N VAL A 338 1.35 3.21 -25.22
CA VAL A 338 1.63 3.14 -23.80
C VAL A 338 0.52 3.67 -22.88
N GLY A 339 -0.61 4.10 -23.44
CA GLY A 339 -1.66 4.58 -22.55
C GLY A 339 -1.40 6.00 -22.07
N PRO A 340 -1.79 6.32 -20.84
CA PRO A 340 -1.78 7.69 -20.33
C PRO A 340 -0.38 8.22 -20.17
N MET A 341 -0.21 9.51 -20.36
CA MET A 341 1.06 10.21 -20.15
C MET A 341 0.78 11.43 -19.31
N ILE A 342 1.57 11.60 -18.25
CA ILE A 342 1.45 12.72 -17.32
C ILE A 342 2.59 13.70 -17.66
N SER A 343 2.23 14.96 -17.95
CA SER A 343 3.19 15.94 -18.48
C SER A 343 3.13 17.27 -17.81
N THR A 344 4.26 17.96 -17.89
CA THR A 344 4.41 19.28 -17.30
C THR A 344 3.79 19.35 -15.92
N VAL A 345 4.33 18.49 -15.06
CA VAL A 345 3.95 18.40 -13.66
C VAL A 345 4.74 19.36 -12.82
N THR A 346 4.00 20.19 -12.10
CA THR A 346 4.63 21.13 -11.24
C THR A 346 3.97 21.12 -9.91
N TYR A 347 4.76 21.55 -8.93
CA TYR A 347 4.31 21.72 -7.59
C TYR A 347 4.36 23.22 -7.21
N ASN A 348 3.25 23.72 -6.73
CA ASN A 348 3.13 25.12 -6.38
C ASN A 348 3.59 25.32 -4.94
N ASP A 349 4.81 25.81 -4.80
CA ASP A 349 5.41 26.08 -3.50
C ASP A 349 5.14 27.52 -3.16
N ASN A 350 4.20 27.74 -2.27
CA ASN A 350 3.83 29.07 -1.84
C ASN A 350 3.79 30.14 -2.90
N GLY A 351 3.10 29.93 -4.01
CA GLY A 351 3.05 30.94 -5.03
C GLY A 351 3.87 30.61 -6.25
N THR A 352 4.97 29.88 -6.11
CA THR A 352 5.84 29.61 -7.27
C THR A 352 5.72 28.18 -7.76
N LYS A 353 5.41 27.99 -9.05
CA LYS A 353 5.37 26.66 -9.61
C LYS A 353 6.76 26.15 -9.84
N ARG A 354 7.07 24.98 -9.28
CA ARG A 354 8.40 24.41 -9.39
C ARG A 354 8.24 23.16 -10.19
N LYS A 355 9.15 22.98 -11.14
CA LYS A 355 9.09 21.86 -12.04
C LYS A 355 9.33 20.59 -11.27
N VAL A 356 8.63 19.51 -11.65
CA VAL A 356 8.95 18.19 -11.05
C VAL A 356 9.26 17.18 -12.16
N MET A 357 8.38 17.12 -13.14
CA MET A 357 8.45 16.10 -14.16
C MET A 357 7.88 16.63 -15.49
N TYR A 358 8.66 16.46 -16.54
CA TYR A 358 8.24 16.96 -17.82
C TYR A 358 7.26 15.99 -18.46
N GLU A 359 7.62 14.71 -18.51
CA GLU A 359 6.80 13.63 -19.02
C GLU A 359 7.05 12.35 -18.23
N GLY A 360 5.98 11.61 -17.95
CA GLY A 360 6.04 10.36 -17.23
C GLY A 360 5.00 9.50 -17.90
N SER A 361 5.32 8.22 -18.12
CA SER A 361 4.41 7.29 -18.70
C SER A 361 4.99 5.89 -18.53
N LEU A 362 4.20 4.87 -18.77
CA LEU A 362 4.72 3.56 -18.94
C LEU A 362 5.70 3.59 -20.09
N GLY A 363 6.85 2.93 -19.92
CA GLY A 363 7.81 2.82 -21.00
C GLY A 363 7.45 1.60 -21.82
N GLY A 364 7.39 0.43 -21.17
CA GLY A 364 7.03 -0.83 -21.82
C GLY A 364 6.94 -1.90 -20.74
N MET A 365 6.45 -3.07 -21.10
CA MET A 365 6.40 -4.18 -20.16
C MET A 365 6.57 -5.51 -20.87
N ILE A 366 6.87 -6.55 -20.09
CA ILE A 366 7.05 -7.87 -20.67
C ILE A 366 6.68 -8.95 -19.66
N VAL A 367 6.00 -9.98 -20.14
CA VAL A 367 5.63 -11.13 -19.31
C VAL A 367 6.24 -12.37 -19.95
N PRO A 368 7.49 -12.70 -19.59
CA PRO A 368 8.16 -13.88 -20.15
C PRO A 368 7.99 -15.13 -19.31
N TYR A 369 7.93 -16.28 -19.98
CA TYR A 369 7.61 -17.54 -19.33
C TYR A 369 8.81 -18.43 -19.15
N GLY A 370 8.66 -19.43 -18.29
CA GLY A 370 9.86 -20.18 -17.84
C GLY A 370 10.00 -21.58 -18.37
N ASP A 371 9.17 -21.92 -19.35
CA ASP A 371 8.97 -23.32 -19.72
C ASP A 371 9.55 -23.53 -21.12
N PRO A 372 10.37 -24.57 -21.30
CA PRO A 372 11.11 -24.72 -22.57
C PRO A 372 10.34 -25.51 -23.64
N ASP A 373 9.16 -26.05 -23.28
CA ASP A 373 8.35 -26.84 -24.24
C ASP A 373 7.79 -26.07 -25.40
N ILE A 374 7.15 -26.81 -26.29
CA ILE A 374 6.90 -26.37 -27.65
C ILE A 374 5.96 -25.14 -27.72
N GLY A 375 4.99 -25.10 -26.80
CA GLY A 375 4.01 -24.01 -26.78
C GLY A 375 4.38 -22.87 -25.86
N TRP A 376 5.62 -22.86 -25.35
CA TRP A 376 6.01 -21.96 -24.26
C TRP A 376 7.35 -21.25 -24.47
N TYR A 377 8.30 -21.93 -25.09
CA TYR A 377 9.69 -21.50 -25.04
C TYR A 377 9.89 -20.05 -25.54
N PHE A 378 9.04 -19.62 -26.48
CA PHE A 378 9.20 -18.33 -27.19
C PHE A 378 8.21 -17.27 -26.61
N LYS A 379 7.30 -17.74 -25.75
CA LYS A 379 6.19 -16.94 -25.24
C LYS A 379 6.68 -15.85 -24.25
N ALA A 380 6.52 -14.60 -24.68
CA ALA A 380 6.90 -13.40 -23.94
C ALA A 380 6.02 -12.24 -24.42
N TYR A 381 4.94 -11.97 -23.68
CA TYR A 381 4.05 -10.87 -24.03
C TYR A 381 4.76 -9.56 -23.85
N LEU A 382 4.97 -8.80 -24.92
CA LEU A 382 5.36 -7.40 -24.81
C LEU A 382 4.07 -6.62 -25.06
N ASP A 383 3.27 -6.45 -24.00
CA ASP A 383 1.91 -5.96 -24.19
C ASP A 383 1.82 -4.58 -24.87
N SER A 384 2.58 -3.59 -24.41
CA SER A 384 2.50 -2.29 -25.04
C SER A 384 3.19 -2.33 -26.40
N GLY A 385 4.42 -2.81 -26.42
CA GLY A 385 5.19 -2.88 -27.64
C GLY A 385 4.56 -3.68 -28.76
N ASP A 386 4.10 -4.88 -28.46
CA ASP A 386 3.60 -5.74 -29.53
C ASP A 386 2.09 -5.66 -29.80
N TYR A 387 1.29 -5.21 -28.82
CA TYR A 387 -0.17 -5.19 -28.98
C TYR A 387 -0.79 -3.78 -28.88
N GLY A 388 -0.18 -2.87 -28.12
CA GLY A 388 -0.71 -1.52 -27.99
C GLY A 388 -1.74 -1.45 -26.87
N MET A 389 -1.25 -1.17 -25.68
CA MET A 389 -2.08 -1.12 -24.50
C MET A 389 -3.08 0.03 -24.45
N GLY A 390 -2.77 1.17 -25.05
CA GLY A 390 -3.75 2.24 -25.25
C GLY A 390 -4.96 1.74 -26.02
N THR A 391 -4.68 1.14 -27.15
CA THR A 391 -5.67 0.56 -28.02
C THR A 391 -6.58 -0.40 -27.28
N LEU A 392 -6.00 -1.14 -26.35
CA LEU A 392 -6.68 -2.23 -25.66
C LEU A 392 -7.17 -1.81 -24.28
N THR A 393 -7.20 -0.52 -24.03
CA THR A 393 -7.81 0.01 -22.82
C THR A 393 -9.15 -0.66 -22.52
N SER A 394 -9.34 -1.08 -21.27
CA SER A 394 -10.63 -1.59 -20.76
C SER A 394 -11.45 -0.49 -20.05
N PRO A 395 -12.65 -0.19 -20.55
CA PRO A 395 -13.47 0.85 -19.87
C PRO A 395 -13.65 0.51 -18.40
N ILE A 396 -13.47 1.49 -17.50
CA ILE A 396 -13.58 1.26 -16.08
C ILE A 396 -15.01 0.99 -15.67
N ALA A 397 -15.23 -0.12 -14.96
CA ALA A 397 -16.54 -0.43 -14.38
C ALA A 397 -16.80 0.45 -13.14
N ARG A 398 -17.70 1.39 -13.31
CA ARG A 398 -17.96 2.34 -12.27
C ARG A 398 -18.20 1.71 -10.87
N GLY A 399 -17.51 2.23 -9.85
CA GLY A 399 -17.72 1.73 -8.50
C GLY A 399 -17.04 0.40 -8.18
N LYS A 400 -16.48 -0.31 -9.18
CA LYS A 400 -15.76 -1.54 -8.94
C LYS A 400 -14.29 -1.45 -9.30
N ASP A 401 -13.97 -1.08 -10.53
CA ASP A 401 -12.59 -0.84 -10.90
C ASP A 401 -12.05 0.43 -10.24
N ALA A 402 -12.96 1.35 -9.91
CA ALA A 402 -12.60 2.57 -9.24
C ALA A 402 -13.71 2.89 -8.27
N PRO A 403 -13.39 3.65 -7.22
CA PRO A 403 -14.34 3.91 -6.13
C PRO A 403 -15.51 4.77 -6.61
N SER A 404 -16.63 4.73 -5.90
CA SER A 404 -17.79 5.41 -6.40
C SER A 404 -17.61 6.96 -6.37
N ASN A 405 -16.56 7.53 -5.79
CA ASN A 405 -16.45 9.00 -5.91
C ASN A 405 -15.55 9.42 -7.09
N ALA A 406 -15.27 8.51 -8.04
CA ALA A 406 -14.41 8.82 -9.16
C ALA A 406 -15.09 9.65 -10.22
N VAL A 407 -14.25 10.34 -10.97
CA VAL A 407 -14.62 10.93 -12.22
C VAL A 407 -14.01 10.12 -13.35
N LEU A 408 -14.81 9.76 -14.34
CA LEU A 408 -14.32 8.91 -15.43
C LEU A 408 -14.25 9.69 -16.75
N LEU A 409 -13.12 9.62 -17.44
CA LEU A 409 -12.86 10.44 -18.61
C LEU A 409 -12.92 9.57 -19.81
N ASN A 410 -13.48 10.08 -20.90
CA ASN A 410 -13.36 9.41 -22.17
C ASN A 410 -12.11 9.90 -22.88
N GLU A 411 -11.47 9.03 -23.67
CA GLU A 411 -10.34 9.43 -24.47
C GLU A 411 -10.47 8.87 -25.89
N THR A 412 -9.78 9.52 -26.80
CA THR A 412 -9.85 9.22 -28.19
C THR A 412 -8.49 8.89 -28.74
N ILE A 413 -8.44 7.81 -29.50
CA ILE A 413 -7.24 7.53 -30.27
C ILE A 413 -7.68 6.92 -31.59
N ALA A 414 -6.74 6.77 -32.53
CA ALA A 414 -7.01 6.22 -33.84
C ALA A 414 -7.02 4.72 -33.72
N ASP A 415 -7.90 4.06 -34.48
CA ASP A 415 -7.79 2.60 -34.68
C ASP A 415 -6.87 2.25 -35.87
N TYR A 416 -6.69 0.96 -36.12
CA TYR A 416 -5.73 0.51 -37.11
C TYR A 416 -6.11 0.82 -38.55
N THR A 417 -7.35 1.20 -38.76
CA THR A 417 -7.79 1.66 -40.08
C THR A 417 -7.77 3.16 -40.19
N GLY A 418 -7.39 3.90 -39.16
CA GLY A 418 -7.29 5.36 -39.28
C GLY A 418 -8.50 6.13 -38.82
N VAL A 419 -9.46 5.42 -38.21
CA VAL A 419 -10.72 6.03 -37.80
C VAL A 419 -10.66 6.38 -36.31
N PRO A 420 -11.01 7.62 -35.95
CA PRO A 420 -10.99 7.94 -34.51
C PRO A 420 -11.89 6.97 -33.72
N MET A 421 -11.41 6.53 -32.56
CA MET A 421 -12.13 5.57 -31.69
C MET A 421 -12.23 6.20 -30.29
N GLU A 422 -13.45 6.42 -29.82
CA GLU A 422 -13.64 6.96 -28.49
C GLU A 422 -13.76 5.84 -27.45
N ILE A 423 -12.85 5.81 -26.49
CA ILE A 423 -12.89 4.86 -25.40
C ILE A 423 -13.56 5.51 -24.21
N PRO A 424 -14.76 4.98 -23.85
CA PRO A 424 -15.52 5.53 -22.71
C PRO A 424 -14.88 5.10 -21.39
N ARG A 425 -14.81 5.99 -20.39
CA ARG A 425 -14.35 5.59 -19.08
C ARG A 425 -12.94 5.05 -19.22
N ALA A 426 -12.10 5.73 -20.00
CA ALA A 426 -10.76 5.20 -20.25
C ALA A 426 -9.87 5.38 -19.04
N ILE A 427 -10.15 6.40 -18.23
CA ILE A 427 -9.28 6.82 -17.15
C ILE A 427 -10.13 7.26 -15.99
N ALA A 428 -9.71 6.93 -14.79
CA ALA A 428 -10.47 7.37 -13.65
C ALA A 428 -9.57 8.29 -12.85
N VAL A 429 -10.18 9.35 -12.32
CA VAL A 429 -9.47 10.26 -11.42
C VAL A 429 -10.29 10.30 -10.13
N PHE A 430 -9.64 10.08 -8.98
CA PHE A 430 -10.37 10.19 -7.77
C PHE A 430 -9.46 10.56 -6.65
N GLU A 431 -10.04 11.22 -5.66
CA GLU A 431 -9.32 11.55 -4.47
C GLU A 431 -9.64 10.49 -3.42
N ARG A 432 -8.65 10.17 -2.60
CA ARG A 432 -8.91 9.25 -1.52
C ARG A 432 -8.24 9.59 -0.23
N TYR A 433 -8.93 9.18 0.83
CA TYR A 433 -8.42 9.25 2.17
C TYR A 433 -7.32 8.16 2.31
N ALA A 434 -6.20 8.51 2.91
CA ALA A 434 -5.09 7.54 3.01
C ALA A 434 -4.44 7.59 4.38
N GLY A 435 -5.25 7.69 5.44
CA GLY A 435 -4.74 7.51 6.80
C GLY A 435 -4.36 8.90 7.29
N PRO A 436 -3.70 9.00 8.46
CA PRO A 436 -3.35 10.39 8.82
C PRO A 436 -2.07 10.78 8.11
N GLU A 437 -2.04 12.03 7.65
CA GLU A 437 -0.89 12.61 6.97
C GLU A 437 0.32 12.73 7.95
N TYR A 438 0.02 13.15 9.18
CA TYR A 438 0.93 13.15 10.30
C TYR A 438 0.11 13.22 11.58
N LYS A 439 0.74 12.88 12.68
CA LYS A 439 0.05 12.88 13.95
C LYS A 439 1.09 13.08 15.04
N HIS A 440 0.81 13.95 15.99
CA HIS A 440 1.55 13.83 17.25
C HIS A 440 0.63 14.00 18.40
N GLN A 441 0.68 13.07 19.34
CA GLN A 441 -0.12 13.19 20.55
C GLN A 441 0.88 13.33 21.70
N GLU A 442 1.21 14.57 22.01
CA GLU A 442 2.07 14.88 23.15
C GLU A 442 1.29 14.55 24.42
N MET A 443 1.99 13.96 25.38
CA MET A 443 1.37 13.47 26.60
C MET A 443 0.69 14.61 27.35
N GLY A 444 -0.54 14.37 27.77
CA GLY A 444 -1.34 15.40 28.43
C GLY A 444 -1.57 16.69 27.67
N GLN A 445 -1.43 16.69 26.34
CA GLN A 445 -1.68 17.88 25.49
C GLN A 445 -2.81 17.61 24.49
N PRO A 446 -3.40 18.67 23.90
CA PRO A 446 -4.33 18.36 22.77
C PRO A 446 -3.59 17.66 21.61
N ASN A 447 -4.24 16.67 21.00
CA ASN A 447 -3.69 15.92 19.86
C ASN A 447 -3.46 16.83 18.66
N VAL A 448 -2.49 16.49 17.81
CA VAL A 448 -2.45 17.03 16.48
C VAL A 448 -2.51 15.90 15.44
N SER A 449 -3.51 15.98 14.53
CA SER A 449 -3.67 15.05 13.40
C SER A 449 -4.22 15.79 12.21
N THR A 450 -3.79 15.41 11.02
CA THR A 450 -4.43 15.84 9.80
C THR A 450 -4.59 14.61 8.88
N GLU A 451 -5.61 14.63 8.05
CA GLU A 451 -5.81 13.52 7.15
C GLU A 451 -4.94 13.60 5.91
N ARG A 452 -4.52 12.45 5.40
CA ARG A 452 -3.84 12.33 4.14
C ARG A 452 -4.84 12.15 2.99
N ARG A 453 -4.58 12.87 1.90
CA ARG A 453 -5.37 12.76 0.70
C ARG A 453 -4.45 12.47 -0.46
N GLU A 454 -4.88 11.54 -1.30
CA GLU A 454 -4.12 11.21 -2.46
C GLU A 454 -5.05 11.41 -3.60
N LEU A 455 -4.49 11.84 -4.72
CA LEU A 455 -5.24 11.96 -5.95
C LEU A 455 -4.75 10.84 -6.82
N VAL A 456 -5.66 10.00 -7.30
CA VAL A 456 -5.22 8.85 -8.09
C VAL A 456 -5.66 9.02 -9.50
N VAL A 457 -4.77 8.71 -10.44
CA VAL A 457 -5.13 8.60 -11.85
C VAL A 457 -4.96 7.15 -12.23
N ARG A 458 -6.07 6.51 -12.60
CA ARG A 458 -6.12 5.02 -12.82
C ARG A 458 -6.50 4.65 -14.25
N TRP A 459 -5.72 3.74 -14.80
CA TRP A 459 -5.93 3.28 -16.16
C TRP A 459 -5.80 1.74 -16.22
N ILE A 460 -6.66 1.09 -17.02
CA ILE A 460 -6.67 -0.36 -17.14
C ILE A 460 -6.52 -0.80 -18.60
N SER A 461 -5.64 -1.77 -18.84
CA SER A 461 -5.46 -2.31 -20.17
C SER A 461 -5.54 -3.82 -20.13
N THR A 462 -6.17 -4.41 -21.15
CA THR A 462 -6.29 -5.87 -21.20
C THR A 462 -5.70 -6.46 -22.45
N VAL A 463 -4.63 -7.24 -22.29
CA VAL A 463 -4.10 -7.94 -23.45
C VAL A 463 -4.16 -9.47 -23.29
N GLY A 464 -5.00 -10.07 -24.12
CA GLY A 464 -5.32 -11.47 -24.01
C GLY A 464 -5.82 -11.83 -22.63
N ASN A 465 -5.05 -12.62 -21.90
CA ASN A 465 -5.59 -13.21 -20.70
C ASN A 465 -5.38 -12.26 -19.54
N ASP A 467 -5.19 -8.61 -17.27
CA ASP A 467 -5.62 -7.20 -17.08
C ASP A 467 -4.63 -6.47 -16.20
N TYR A 468 -4.13 -5.36 -16.69
CA TYR A 468 -3.18 -4.57 -15.91
C TYR A 468 -3.81 -3.27 -15.47
N ILE A 469 -3.58 -2.90 -14.21
CA ILE A 469 -4.06 -1.65 -13.68
C ILE A 469 -2.85 -0.76 -13.28
N PHE A 470 -2.80 0.47 -13.78
CA PHE A 470 -1.80 1.47 -13.39
C PHE A 470 -2.46 2.65 -12.73
N ASP A 471 -1.92 2.97 -11.54
CA ASP A 471 -2.30 4.14 -10.75
C ASP A 471 -1.11 5.08 -10.66
N TRP A 472 -1.31 6.33 -11.02
CA TRP A 472 -0.39 7.43 -10.76
C TRP A 472 -0.99 8.19 -9.59
N ILE A 473 -0.24 8.29 -8.50
CA ILE A 473 -0.79 8.79 -7.25
C ILE A 473 -0.04 10.05 -6.83
N PHE A 474 -0.76 11.15 -6.62
CA PHE A 474 -0.13 12.36 -6.21
C PHE A 474 -0.48 12.54 -4.75
N HIS A 475 0.54 12.64 -3.89
CA HIS A 475 0.33 13.00 -2.51
C HIS A 475 0.43 14.51 -2.29
N GLU A 476 -0.37 15.03 -1.39
CA GLU A 476 -0.29 16.43 -1.05
C GLU A 476 1.10 16.89 -0.67
N ASN A 477 1.87 16.01 -0.06
CA ASN A 477 3.19 16.39 0.38
C ASN A 477 4.28 16.31 -0.69
N GLY A 478 3.93 16.25 -1.96
CA GLY A 478 5.00 16.17 -2.94
C GLY A 478 5.40 14.80 -3.46
N THR A 479 5.17 13.75 -2.69
CA THR A 479 5.44 12.39 -3.19
C THR A 479 4.53 12.08 -4.36
N ILE A 480 5.06 11.31 -5.30
CA ILE A 480 4.35 10.71 -6.39
C ILE A 480 4.58 9.18 -6.37
N GLY A 481 3.49 8.40 -6.35
CA GLY A 481 3.59 6.96 -6.39
C GLY A 481 3.16 6.48 -7.75
N ILE A 482 3.67 5.34 -8.18
CA ILE A 482 3.17 4.67 -9.36
C ILE A 482 2.97 3.20 -8.97
N ASP A 483 1.73 2.73 -8.99
CA ASP A 483 1.37 1.33 -8.65
C ASP A 483 0.93 0.55 -9.91
N ALA A 484 1.30 -0.73 -9.98
CA ALA A 484 0.90 -1.60 -11.11
C ALA A 484 0.24 -2.80 -10.54
N GLY A 485 -1.01 -3.03 -10.92
CA GLY A 485 -1.75 -4.20 -10.44
C GLY A 485 -1.99 -5.15 -11.61
N ALA A 486 -2.05 -6.45 -11.32
CA ALA A 486 -2.27 -7.50 -12.34
C ALA A 486 -3.39 -8.47 -11.90
N THR A 487 -4.31 -8.73 -12.80
CA THR A 487 -5.41 -9.68 -12.56
C THR A 487 -5.75 -10.33 -13.87
N GLY A 488 -6.88 -11.02 -13.96
CA GLY A 488 -7.12 -11.83 -15.15
C GLY A 488 -6.95 -13.32 -14.90
N ILE A 489 -6.68 -14.00 -16.01
CA ILE A 489 -6.67 -15.45 -16.08
C ILE A 489 -5.24 -15.91 -16.36
N GLU A 490 -4.75 -16.83 -15.57
CA GLU A 490 -3.46 -17.43 -15.88
C GLU A 490 -3.40 -18.13 -17.23
N ALA A 491 -2.28 -17.95 -17.91
CA ALA A 491 -1.85 -18.81 -19.00
C ALA A 491 -1.43 -20.15 -18.37
N VAL A 492 -2.13 -21.21 -18.79
CA VAL A 492 -1.97 -22.54 -18.16
C VAL A 492 -1.54 -23.65 -19.13
N LYS A 493 -0.89 -24.67 -18.60
CA LYS A 493 -0.46 -25.82 -19.41
C LYS A 493 -1.40 -26.95 -19.07
N GLY A 494 -1.89 -27.64 -20.10
CA GLY A 494 -2.61 -28.92 -19.89
C GLY A 494 -1.63 -30.05 -19.61
N VAL A 495 -1.91 -30.81 -18.56
CA VAL A 495 -1.06 -31.90 -18.12
C VAL A 495 -1.91 -33.10 -17.70
N LYS A 496 -1.29 -34.27 -17.66
CA LYS A 496 -1.98 -35.52 -17.34
C LYS A 496 -2.30 -35.63 -15.85
N ALA A 497 -1.45 -35.06 -15.00
CA ALA A 497 -1.65 -35.15 -13.56
C ALA A 497 -2.94 -34.44 -13.10
N LYS A 498 -3.71 -35.14 -12.28
CA LYS A 498 -4.86 -34.54 -11.64
C LYS A 498 -4.52 -34.06 -10.21
N THR A 499 -3.70 -34.84 -9.51
CA THR A 499 -3.20 -34.40 -8.23
C THR A 499 -1.70 -34.61 -8.21
N MET A 500 -1.08 -34.08 -7.15
CA MET A 500 0.34 -34.24 -6.91
C MET A 500 0.72 -35.71 -6.61
N HIS A 501 -0.29 -36.55 -6.39
CA HIS A 501 -0.03 -37.97 -6.21
C HIS A 501 0.06 -38.74 -7.54
N ASP A 502 -0.45 -38.22 -8.64
CA ASP A 502 -0.23 -38.90 -9.92
C ASP A 502 1.23 -39.02 -10.32
N GLU A 503 1.47 -39.90 -11.28
CA GLU A 503 2.82 -40.31 -11.62
C GLU A 503 3.54 -39.23 -12.39
N THR A 504 2.83 -38.53 -13.24
CA THR A 504 3.47 -37.50 -14.03
C THR A 504 3.60 -36.17 -13.25
N ALA A 505 3.05 -36.12 -12.02
CA ALA A 505 2.97 -34.87 -11.26
C ALA A 505 4.28 -34.11 -11.22
N LYS A 506 5.37 -34.83 -10.93
CA LYS A 506 6.66 -34.17 -10.73
C LYS A 506 7.26 -33.53 -11.99
N ASP A 507 7.15 -34.20 -13.13
CA ASP A 507 7.56 -33.59 -14.41
C ASP A 507 6.59 -32.53 -14.82
N ASP A 508 5.35 -32.74 -14.39
CA ASP A 508 4.27 -31.92 -14.82
C ASP A 508 4.40 -30.53 -14.23
N THR A 509 4.95 -30.47 -13.02
CA THR A 509 5.13 -29.25 -12.27
C THR A 509 6.56 -28.74 -12.28
N ARG A 510 7.41 -29.23 -13.17
CA ARG A 510 8.77 -28.75 -13.17
C ARG A 510 8.79 -27.24 -13.39
N TYR A 511 7.86 -26.75 -14.17
CA TYR A 511 7.86 -25.31 -14.48
C TYR A 511 6.66 -24.54 -13.99
N GLY A 512 5.90 -25.11 -13.06
CA GLY A 512 4.74 -24.39 -12.57
C GLY A 512 3.94 -25.17 -11.58
N THR A 513 3.01 -24.52 -10.89
CA THR A 513 2.18 -25.19 -9.89
C THR A 513 0.96 -25.91 -10.45
N LEU A 514 0.58 -27.03 -9.84
CA LEU A 514 -0.68 -27.63 -10.19
C LEU A 514 -1.79 -26.83 -9.49
N ILE A 515 -2.61 -26.17 -10.30
CA ILE A 515 -3.64 -25.27 -9.72
C ILE A 515 -5.06 -25.76 -9.97
N ASP A 516 -5.22 -26.64 -10.96
CA ASP A 516 -6.44 -27.37 -11.09
C ASP A 516 -6.10 -28.75 -11.63
N HIS A 517 -7.10 -29.63 -11.70
CA HIS A 517 -6.89 -30.96 -12.27
C HIS A 517 -6.48 -30.76 -13.68
N ASN A 518 -5.33 -31.28 -14.06
CA ASN A 518 -4.81 -31.18 -15.44
C ASN A 518 -4.37 -29.81 -15.81
N ILE A 519 -4.26 -28.95 -14.80
CA ILE A 519 -3.92 -27.56 -15.10
C ILE A 519 -2.75 -27.09 -14.29
N VAL A 520 -1.70 -26.74 -15.00
CA VAL A 520 -0.53 -26.16 -14.41
C VAL A 520 -0.37 -24.67 -14.81
N GLY A 521 -0.19 -23.85 -13.76
CA GLY A 521 0.13 -22.43 -13.89
C GLY A 521 1.60 -22.16 -14.09
N THR A 522 2.02 -21.95 -15.34
CA THR A 522 3.42 -21.86 -15.64
C THR A 522 4.05 -20.63 -15.05
N THR A 523 5.16 -20.86 -14.35
CA THR A 523 5.96 -19.79 -13.77
C THR A 523 6.38 -18.79 -14.83
N HIS A 524 6.34 -17.50 -14.45
CA HIS A 524 6.74 -16.42 -15.33
C HIS A 524 7.01 -15.17 -14.53
N GLN A 525 7.34 -14.10 -15.22
CA GLN A 525 7.59 -12.82 -14.57
C GLN A 525 6.75 -11.73 -15.13
N HIS A 526 6.49 -10.71 -14.30
CA HIS A 526 5.82 -9.51 -14.73
C HIS A 526 6.84 -8.40 -14.60
N ILE A 527 7.22 -7.80 -15.71
CA ILE A 527 8.21 -6.73 -15.63
C ILE A 527 7.74 -5.43 -16.30
N TYR A 528 7.58 -4.39 -15.49
CA TYR A 528 7.07 -3.09 -15.92
C TYR A 528 8.18 -2.09 -15.93
N ASN A 529 8.24 -1.26 -16.97
CA ASN A 529 9.23 -0.22 -17.01
C ASN A 529 8.56 1.13 -17.22
N PHE A 530 8.88 2.08 -16.35
CA PHE A 530 8.32 3.45 -16.42
C PHE A 530 9.37 4.43 -16.87
N ARG A 531 9.02 5.27 -17.84
CA ARG A 531 9.91 6.38 -18.34
C ARG A 531 9.54 7.67 -17.62
N LEU A 532 10.46 8.18 -16.82
CA LEU A 532 10.17 9.40 -16.04
C LEU A 532 11.19 10.45 -16.31
N ASP A 533 10.83 11.38 -17.18
CA ASP A 533 11.67 12.54 -17.48
C ASP A 533 11.45 13.55 -16.36
N LEU A 534 12.04 13.24 -15.20
CA LEU A 534 12.05 14.18 -14.09
C LEU A 534 12.86 15.44 -14.43
N ASP A 535 12.38 16.60 -14.01
CA ASP A 535 13.13 17.84 -14.15
C ASP A 535 13.06 18.46 -12.80
N VAL A 536 14.02 18.09 -11.95
CA VAL A 536 13.92 18.47 -10.55
C VAL A 536 14.25 19.93 -10.31
N ASP A 537 13.19 20.73 -10.26
CA ASP A 537 13.30 22.19 -10.15
C ASP A 537 14.13 22.81 -11.33
N GLY A 538 14.20 22.13 -12.47
CA GLY A 538 14.90 22.63 -13.66
C GLY A 538 15.38 21.39 -14.35
N GLU A 539 15.86 21.49 -15.59
CA GLU A 539 16.36 20.32 -16.35
C GLU A 539 17.71 19.81 -15.89
N ASN A 540 18.58 20.72 -15.46
CA ASN A 540 19.94 20.36 -15.14
C ASN A 540 20.04 19.65 -13.83
N ASN A 541 20.26 18.35 -13.91
CA ASN A 541 20.21 17.51 -12.72
C ASN A 541 21.44 16.61 -12.65
N SER A 542 21.68 16.01 -11.48
CA SER A 542 22.71 15.02 -11.32
C SER A 542 22.18 13.86 -10.51
N LEU A 543 22.89 12.76 -10.58
CA LEU A 543 22.44 11.57 -9.95
C LEU A 543 23.34 11.29 -8.77
N VAL A 544 22.76 11.29 -7.57
CA VAL A 544 23.52 11.08 -6.34
C VAL A 544 23.15 9.79 -5.61
N ALA A 545 24.15 9.04 -5.17
CA ALA A 545 23.96 7.86 -4.36
C ALA A 545 24.24 8.17 -2.89
N MET A 546 23.42 7.59 -2.02
CA MET A 546 23.63 7.65 -0.58
C MET A 546 23.48 6.26 -0.01
N ASP A 547 24.60 5.60 0.31
CA ASP A 547 24.56 4.27 0.84
C ASP A 547 24.81 4.29 2.34
N PRO A 548 23.74 4.07 3.16
CA PRO A 548 23.91 3.97 4.63
C PRO A 548 24.92 2.87 4.96
N VAL A 549 25.97 3.18 5.73
CA VAL A 549 26.96 2.19 6.12
C VAL A 549 27.22 2.18 7.64
N VAL A 550 27.59 1.01 8.13
CA VAL A 550 28.05 0.86 9.51
C VAL A 550 29.57 1.12 9.61
N LYS A 551 29.96 2.10 10.41
CA LYS A 551 31.37 2.51 10.46
C LYS A 551 31.93 2.43 11.87
N PRO A 552 33.21 2.04 12.00
CA PRO A 552 33.87 2.08 13.32
C PRO A 552 33.70 3.46 13.99
N ASN A 553 33.29 3.45 15.25
CA ASN A 553 33.24 4.69 16.02
C ASN A 553 34.65 5.26 16.24
N THR A 554 34.88 6.49 15.83
CA THR A 554 36.21 7.10 16.03
C THR A 554 36.16 8.28 16.98
N ALA A 555 34.96 8.58 17.51
CA ALA A 555 34.72 9.77 18.32
C ALA A 555 34.80 9.50 19.82
N GLY A 556 35.04 8.25 20.18
CA GLY A 556 35.18 7.85 21.59
C GLY A 556 33.87 7.43 22.25
N GLY A 557 33.97 7.09 23.54
CA GLY A 557 32.85 6.58 24.31
C GLY A 557 32.61 5.12 24.00
N PRO A 558 31.58 4.51 24.63
CA PRO A 558 31.40 3.04 24.56
C PRO A 558 30.94 2.42 23.25
N ARG A 559 30.36 3.18 22.33
CA ARG A 559 29.92 2.57 21.04
C ARG A 559 31.12 2.13 20.21
N THR A 560 31.05 0.93 19.66
CA THR A 560 32.07 0.50 18.71
C THR A 560 31.73 0.98 17.27
N SER A 561 30.46 1.23 16.97
CA SER A 561 30.09 1.59 15.59
C SER A 561 29.07 2.69 15.48
N THR A 562 28.92 3.18 14.27
CA THR A 562 28.03 4.29 14.01
C THR A 562 27.34 4.11 12.65
N MET A 563 26.29 4.89 12.44
CA MET A 563 25.59 4.83 11.19
C MET A 563 25.95 6.06 10.41
N GLN A 564 26.67 5.85 9.32
CA GLN A 564 27.03 6.97 8.46
C GLN A 564 26.50 6.82 7.07
N VAL A 565 26.73 7.83 6.25
CA VAL A 565 26.31 7.75 4.87
C VAL A 565 27.47 7.90 3.90
N ASN A 566 27.60 6.91 3.05
CA ASN A 566 28.50 7.02 1.94
C ASN A 566 27.87 7.82 0.76
N GLN A 567 28.39 9.00 0.46
CA GLN A 567 27.78 9.83 -0.57
C GLN A 567 28.68 10.04 -1.78
N TYR A 568 28.14 9.83 -2.99
CA TYR A 568 28.93 9.95 -4.21
C TYR A 568 28.01 10.15 -5.42
N ASN A 569 28.55 10.75 -6.48
CA ASN A 569 27.82 11.06 -7.68
C ASN A 569 27.96 9.93 -8.65
N ILE A 570 26.97 9.74 -9.52
CA ILE A 570 27.08 8.73 -10.55
C ILE A 570 27.05 9.51 -11.84
N GLY A 571 28.17 9.50 -12.56
CA GLY A 571 28.47 10.56 -13.52
C GLY A 571 28.11 10.26 -14.94
N ASN A 572 27.79 9.01 -15.21
CA ASN A 572 27.52 8.61 -16.59
C ASN A 572 26.54 7.44 -16.67
N GLU A 573 26.11 7.12 -17.88
CA GLU A 573 25.02 6.20 -18.15
C GLU A 573 25.25 4.73 -17.78
N GLN A 574 26.44 4.17 -18.05
CA GLN A 574 26.72 2.76 -17.72
C GLN A 574 26.63 2.57 -16.21
N ASP A 575 27.19 3.52 -15.45
CA ASP A 575 27.17 3.41 -13.99
C ASP A 575 25.74 3.62 -13.47
N ALA A 576 24.96 4.44 -14.18
CA ALA A 576 23.64 4.73 -13.74
C ALA A 576 22.71 3.54 -13.99
N ALA A 577 23.10 2.61 -14.86
CA ALA A 577 22.33 1.40 -15.13
C ALA A 577 22.65 0.39 -14.07
N GLN A 578 21.77 0.21 -13.07
CA GLN A 578 22.17 -0.58 -11.92
C GLN A 578 21.00 -1.35 -11.29
N LYS A 579 21.33 -2.35 -10.49
CA LYS A 579 20.37 -3.03 -9.65
C LYS A 579 19.99 -2.08 -8.54
N PHE A 580 18.88 -2.32 -7.89
CA PHE A 580 18.53 -1.39 -6.87
C PHE A 580 18.46 -2.10 -5.52
N ASP A 581 19.18 -1.55 -4.55
CA ASP A 581 19.16 -2.12 -3.24
C ASP A 581 18.22 -1.26 -2.40
N PRO A 582 17.11 -1.86 -1.95
CA PRO A 582 16.09 -1.02 -1.28
C PRO A 582 16.57 -0.44 0.08
N GLY A 583 17.80 -0.82 0.48
CA GLY A 583 18.50 -0.25 1.64
C GLY A 583 19.34 0.98 1.32
N THR A 584 19.41 1.37 0.04
CA THR A 584 20.17 2.53 -0.32
C THR A 584 19.24 3.64 -0.76
N ILE A 585 19.80 4.80 -1.06
CA ILE A 585 19.01 5.95 -1.49
C ILE A 585 19.61 6.40 -2.79
N ARG A 586 18.74 6.71 -3.75
CA ARG A 586 19.18 7.20 -5.06
C ARG A 586 18.42 8.47 -5.34
N LEU A 587 19.16 9.56 -5.56
CA LEU A 587 18.54 10.87 -5.74
C LEU A 587 18.87 11.39 -7.10
N LEU A 588 17.86 12.03 -7.68
CA LEU A 588 18.11 12.91 -8.78
C LEU A 588 18.06 14.28 -8.14
N SER A 589 19.23 14.91 -8.03
CA SER A 589 19.40 16.25 -7.42
C SER A 589 19.54 17.38 -8.45
N ASN A 590 19.18 18.57 -8.07
CA ASN A 590 19.56 19.74 -8.88
C ASN A 590 20.78 20.43 -8.21
N PRO A 591 22.00 20.28 -8.81
CA PRO A 591 23.18 20.85 -8.13
C PRO A 591 23.19 22.39 -8.14
N ASN A 592 22.38 23.00 -8.99
CA ASN A 592 22.30 24.44 -9.09
C ASN A 592 21.40 25.10 -8.08
N LYS A 593 20.62 24.30 -7.30
CA LYS A 593 19.61 24.91 -6.41
C LYS A 593 19.51 24.22 -5.08
N GLU A 594 19.36 25.00 -4.02
CA GLU A 594 19.41 24.47 -2.65
C GLU A 594 18.22 24.88 -1.81
N ASN A 595 17.90 24.08 -0.79
CA ASN A 595 16.92 24.54 0.18
C ASN A 595 17.56 25.54 1.20
N ARG A 596 16.77 25.98 2.16
CA ARG A 596 17.15 26.91 3.23
C ARG A 596 18.38 26.41 4.01
N MET A 597 18.56 25.11 4.15
CA MET A 597 19.74 24.58 4.85
C MET A 597 20.96 24.30 3.95
N GLY A 598 20.88 24.64 2.67
CA GLY A 598 21.99 24.44 1.74
C GLY A 598 22.14 23.05 1.15
N ASN A 599 21.06 22.29 1.15
CA ASN A 599 21.05 20.97 0.56
C ASN A 599 20.46 21.08 -0.86
N PRO A 600 21.12 20.43 -1.82
CA PRO A 600 20.58 20.39 -3.19
C PRO A 600 19.13 19.85 -3.19
N VAL A 601 18.19 20.64 -3.74
CA VAL A 601 16.82 20.15 -3.94
C VAL A 601 16.87 18.84 -4.76
N SER A 602 16.16 17.83 -4.30
CA SER A 602 16.28 16.52 -4.90
C SER A 602 14.97 15.76 -4.85
N TYR A 603 14.84 14.74 -5.69
CA TYR A 603 13.83 13.71 -5.52
C TYR A 603 14.45 12.35 -5.27
N GLN A 604 13.96 11.65 -4.27
CA GLN A 604 14.34 10.25 -4.05
C GLN A 604 13.61 9.29 -5.00
N ILE A 605 14.34 8.44 -5.72
CA ILE A 605 13.76 7.45 -6.65
C ILE A 605 13.75 6.05 -6.03
N ILE A 606 12.56 5.45 -5.94
CA ILE A 606 12.39 4.14 -5.28
C ILE A 606 11.66 3.21 -6.22
N PRO A 607 12.43 2.52 -7.08
CA PRO A 607 11.81 1.59 -8.05
C PRO A 607 11.18 0.33 -7.42
N TYR A 608 11.47 0.02 -6.17
CA TYR A 608 10.76 -1.05 -5.47
C TYR A 608 10.36 -0.59 -4.09
N ALA A 609 9.10 -0.23 -3.92
CA ALA A 609 8.62 0.20 -2.63
C ALA A 609 7.69 -0.88 -2.08
N GLY A 610 7.73 -2.06 -2.72
CA GLY A 610 6.94 -3.21 -2.28
C GLY A 610 6.08 -3.90 -3.34
N GLY A 611 5.36 -4.93 -2.93
CA GLY A 611 4.63 -5.78 -3.89
C GLY A 611 3.99 -6.90 -3.12
N THR A 612 2.94 -7.48 -3.69
CA THR A 612 2.21 -8.57 -3.03
C THR A 612 2.67 -9.94 -3.54
N HIS A 613 3.48 -9.97 -4.59
CA HIS A 613 4.01 -11.21 -5.15
C HIS A 613 5.53 -11.16 -4.90
N PRO A 614 6.23 -12.30 -5.01
CA PRO A 614 7.70 -12.20 -4.88
C PRO A 614 8.37 -11.31 -5.92
N VAL A 615 9.38 -10.56 -5.52
CA VAL A 615 10.12 -9.67 -6.42
C VAL A 615 11.10 -10.33 -7.36
N ALA A 616 11.12 -9.86 -8.60
CA ALA A 616 12.21 -10.17 -9.52
C ALA A 616 13.46 -9.39 -9.07
N LYS A 617 14.61 -10.05 -9.02
CA LYS A 617 15.87 -9.34 -8.74
C LYS A 617 16.45 -8.85 -10.06
N GLY A 618 15.97 -9.48 -11.12
CA GLY A 618 16.29 -9.16 -12.48
C GLY A 618 15.58 -10.22 -13.28
N ALA A 619 16.06 -10.46 -14.49
CA ALA A 619 15.43 -11.40 -15.41
C ALA A 619 15.80 -12.83 -15.04
N GLN A 620 14.79 -13.68 -14.94
CA GLN A 620 15.00 -15.10 -14.68
C GLN A 620 15.39 -15.86 -15.95
N PHE A 621 16.54 -15.51 -16.49
CA PHE A 621 17.08 -16.05 -17.74
C PHE A 621 18.58 -16.08 -17.65
N ALA A 622 19.21 -17.13 -18.17
CA ALA A 622 20.65 -17.11 -18.34
C ALA A 622 20.98 -15.96 -19.32
N PRO A 623 22.16 -15.31 -19.15
CA PRO A 623 22.59 -14.23 -20.08
C PRO A 623 22.79 -14.62 -21.55
N ASP A 624 22.79 -15.91 -21.88
CA ASP A 624 22.95 -16.32 -23.27
C ASP A 624 21.63 -16.54 -24.01
N GLU A 625 20.50 -16.23 -23.34
CA GLU A 625 19.17 -16.33 -23.93
C GLU A 625 18.96 -15.14 -24.84
N TRP A 626 18.38 -15.36 -26.02
CA TRP A 626 18.02 -14.23 -26.91
C TRP A 626 17.11 -13.13 -26.32
N ILE A 627 16.11 -13.53 -25.55
CA ILE A 627 15.26 -12.57 -24.87
C ILE A 627 16.08 -11.65 -23.93
N TYR A 628 17.06 -12.23 -23.23
CA TYR A 628 17.89 -11.45 -22.33
C TYR A 628 18.72 -10.44 -23.15
N HIS A 629 19.16 -10.85 -24.35
CA HIS A 629 20.00 -10.04 -25.20
C HIS A 629 19.22 -8.91 -25.87
N ARG A 630 17.99 -9.18 -26.26
CA ARG A 630 17.13 -8.20 -26.93
C ARG A 630 16.57 -7.12 -25.97
N LEU A 631 16.39 -7.50 -24.69
CA LEU A 631 15.67 -6.65 -23.73
C LEU A 631 16.44 -6.40 -22.45
N SER A 632 17.59 -5.76 -22.58
CA SER A 632 18.41 -5.37 -21.45
C SER A 632 17.61 -4.76 -20.30
N PHE A 633 16.51 -4.03 -20.60
CA PHE A 633 15.85 -3.23 -19.54
C PHE A 633 15.35 -4.11 -18.40
N MET A 634 15.15 -5.40 -18.70
CA MET A 634 14.61 -6.37 -17.74
C MET A 634 15.50 -6.63 -16.54
N ASP A 635 16.81 -6.44 -16.69
CA ASP A 635 17.72 -6.94 -15.68
C ASP A 635 18.35 -5.88 -14.77
N LYS A 636 18.03 -4.60 -14.99
CA LYS A 636 18.38 -3.57 -13.99
C LYS A 636 17.12 -2.87 -13.55
N GLN A 637 17.06 -2.43 -12.30
CA GLN A 637 15.90 -1.69 -11.78
C GLN A 637 15.94 -0.19 -12.07
N LEU A 638 17.14 0.34 -12.31
CA LEU A 638 17.30 1.77 -12.49
C LEU A 638 18.20 2.13 -13.70
N TRP A 639 17.78 3.13 -14.45
CA TRP A 639 18.49 3.59 -15.62
C TRP A 639 18.37 5.10 -15.65
N VAL A 640 19.42 5.77 -16.08
CA VAL A 640 19.39 7.20 -16.24
C VAL A 640 20.16 7.52 -17.54
N THR A 641 19.48 8.20 -18.45
CA THR A 641 20.01 8.50 -19.75
C THR A 641 19.80 9.99 -20.00
N ARG A 642 20.56 10.54 -20.96
CA ARG A 642 20.38 11.96 -21.32
C ARG A 642 19.11 12.09 -22.10
N TYR A 643 18.35 13.15 -21.80
CA TYR A 643 17.10 13.41 -22.46
C TYR A 643 17.24 13.38 -23.95
N HIS A 644 16.32 12.72 -24.64
CA HIS A 644 16.29 12.69 -26.08
C HIS A 644 14.85 12.48 -26.57
N PRO A 645 14.27 13.44 -27.32
CA PRO A 645 12.82 13.31 -27.66
C PRO A 645 12.42 11.96 -28.29
N GLY A 646 13.34 11.31 -28.97
CA GLY A 646 13.04 10.05 -29.63
C GLY A 646 13.38 8.77 -28.89
N GLU A 647 13.88 8.84 -27.66
CA GLU A 647 14.12 7.61 -26.91
C GLU A 647 12.99 7.47 -25.87
N ARG A 648 12.07 6.55 -26.17
CA ARG A 648 10.81 6.51 -25.43
C ARG A 648 10.47 5.13 -24.91
N PHE A 649 11.02 4.09 -25.52
CA PHE A 649 10.59 2.74 -25.17
C PHE A 649 11.76 1.89 -24.77
N PRO A 650 11.68 1.30 -23.57
CA PRO A 650 12.80 0.52 -23.06
C PRO A 650 13.10 -0.68 -23.95
N GLU A 651 12.08 -1.20 -24.66
CA GLU A 651 12.27 -2.36 -25.54
C GLU A 651 12.56 -1.97 -26.99
N GLY A 652 12.85 -0.70 -27.23
CA GLY A 652 12.99 -0.20 -28.60
C GLY A 652 11.67 0.11 -29.33
N LYS A 653 11.79 0.91 -30.38
CA LYS A 653 10.66 1.34 -31.19
C LYS A 653 9.99 0.14 -31.92
N TYR A 654 10.79 -0.78 -32.48
CA TYR A 654 10.22 -1.93 -33.19
C TYR A 654 10.64 -3.27 -32.60
N PRO A 655 10.05 -3.64 -31.45
CA PRO A 655 10.62 -4.81 -30.80
C PRO A 655 10.18 -6.13 -31.43
N ASN A 656 9.17 -6.15 -32.29
CA ASN A 656 8.71 -7.43 -32.87
C ASN A 656 9.83 -8.12 -33.68
N ARG A 657 10.20 -9.32 -33.24
CA ARG A 657 11.28 -10.11 -33.85
C ARG A 657 12.60 -9.38 -34.01
N SER A 658 12.88 -8.40 -33.14
CA SER A 658 14.14 -7.65 -33.19
C SER A 658 15.38 -8.55 -32.90
N THR A 659 16.50 -8.18 -33.49
CA THR A 659 17.72 -9.00 -33.43
C THR A 659 18.72 -8.53 -32.38
N HIS A 660 18.50 -7.33 -31.87
CA HIS A 660 19.38 -6.77 -30.84
C HIS A 660 18.58 -5.67 -30.12
N ASP A 661 19.19 -5.05 -29.11
CA ASP A 661 18.49 -4.18 -28.20
C ASP A 661 18.43 -2.79 -28.82
N THR A 662 17.25 -2.31 -29.17
CA THR A 662 17.13 -0.95 -29.73
C THR A 662 16.50 -0.02 -28.69
N GLY A 663 16.37 -0.53 -27.46
CA GLY A 663 15.82 0.19 -26.34
C GLY A 663 16.92 0.72 -25.43
N LEU A 664 16.77 0.50 -24.14
CA LEU A 664 17.63 1.07 -23.14
C LEU A 664 19.08 0.62 -23.28
N GLY A 665 19.33 -0.58 -23.78
CA GLY A 665 20.68 -1.02 -24.12
C GLY A 665 21.35 -0.11 -25.16
N GLN A 666 20.59 0.32 -26.18
CA GLN A 666 21.06 1.29 -27.17
C GLN A 666 21.15 2.71 -26.58
N TYR A 667 20.12 3.17 -25.88
CA TYR A 667 20.12 4.53 -25.37
C TYR A 667 21.29 4.79 -24.41
N SER A 668 21.84 3.75 -23.80
CA SER A 668 22.96 3.91 -22.89
C SER A 668 24.32 3.52 -23.50
N LYS A 669 24.35 3.08 -24.77
CA LYS A 669 25.55 2.44 -25.40
C LYS A 669 26.82 3.30 -25.27
N ASP A 670 26.68 4.60 -25.52
CA ASP A 670 27.84 5.49 -25.61
C ASP A 670 28.21 6.06 -24.28
N ASN A 671 27.57 5.60 -23.22
CA ASN A 671 27.97 5.96 -21.87
C ASN A 671 28.17 7.48 -21.61
N GLU A 672 27.16 8.27 -21.92
CA GLU A 672 27.33 9.71 -21.87
C GLU A 672 27.31 10.29 -20.45
N SER A 673 27.80 11.52 -20.36
CA SER A 673 27.88 12.20 -19.11
C SER A 673 26.48 12.48 -18.58
N LEU A 674 26.32 12.30 -17.26
CA LEU A 674 25.07 12.64 -16.60
C LEU A 674 25.32 13.74 -15.61
N ASP A 675 26.34 14.54 -15.86
CA ASP A 675 26.67 15.53 -14.86
C ASP A 675 25.96 16.85 -15.08
N ASN A 676 25.11 17.25 -14.13
CA ASN A 676 24.37 18.50 -14.26
C ASN A 676 23.75 18.74 -15.64
N THR A 677 22.84 17.87 -16.04
CA THR A 677 22.33 17.87 -17.41
C THR A 677 20.87 17.34 -17.37
N ASP A 678 20.20 17.34 -18.52
CA ASP A 678 18.82 16.87 -18.59
C ASP A 678 18.74 15.31 -18.56
N ALA A 679 18.21 14.80 -17.44
CA ALA A 679 18.21 13.36 -17.23
C ALA A 679 16.81 12.78 -17.40
N VAL A 680 16.77 11.52 -17.83
CA VAL A 680 15.53 10.76 -17.88
C VAL A 680 15.78 9.53 -17.04
N VAL A 681 14.88 9.27 -16.09
CA VAL A 681 14.94 8.14 -15.20
C VAL A 681 13.99 7.09 -15.75
N TRP A 682 14.45 5.84 -15.80
CA TRP A 682 13.63 4.69 -16.15
C TRP A 682 13.63 3.74 -14.94
N MET A 683 12.45 3.35 -14.45
CA MET A 683 12.39 2.37 -13.34
C MET A 683 11.85 1.07 -13.86
N THR A 684 12.58 -0.01 -13.63
CA THR A 684 12.11 -1.33 -14.01
C THR A 684 11.76 -2.03 -12.72
N THR A 685 10.52 -2.50 -12.61
CA THR A 685 10.17 -3.25 -11.46
C THR A 685 9.40 -4.49 -11.82
N GLY A 686 9.69 -5.56 -11.11
CA GLY A 686 9.13 -6.85 -11.48
C GLY A 686 8.72 -7.75 -10.33
N THR A 687 7.86 -8.71 -10.67
CA THR A 687 7.54 -9.81 -9.79
C THR A 687 7.86 -11.16 -10.45
N THR A 688 8.07 -12.17 -9.62
CA THR A 688 8.18 -13.53 -10.08
C THR A 688 6.92 -14.23 -9.66
N HIS A 689 6.21 -14.77 -10.65
CA HIS A 689 4.91 -15.34 -10.32
C HIS A 689 4.97 -16.86 -10.33
N VAL A 690 4.82 -17.43 -9.15
CA VAL A 690 4.62 -18.86 -8.97
C VAL A 690 3.16 -19.01 -8.55
N ALA A 691 2.40 -19.78 -9.32
CA ALA A 691 0.95 -19.90 -9.17
C ALA A 691 0.48 -20.67 -7.93
N ARG A 692 -0.77 -20.48 -7.57
CA ARG A 692 -1.38 -21.21 -6.48
C ARG A 692 -2.87 -21.31 -6.81
N ALA A 693 -3.57 -22.20 -6.11
CA ALA A 693 -4.93 -22.55 -6.52
C ALA A 693 -5.84 -21.35 -6.29
N GLU A 694 -5.49 -20.54 -5.30
CA GLU A 694 -6.22 -19.30 -5.01
C GLU A 694 -6.34 -18.40 -6.21
N GLU A 695 -5.53 -18.58 -7.26
CA GLU A 695 -5.51 -17.70 -8.45
C GLU A 695 -6.27 -18.26 -9.65
N TRP A 696 -7.05 -19.31 -9.39
CA TRP A 696 -7.70 -20.04 -10.49
C TRP A 696 -9.14 -20.33 -10.09
N PRO A 697 -10.09 -20.08 -11.01
CA PRO A 697 -10.01 -19.68 -12.43
C PRO A 697 -9.77 -18.18 -12.72
N ILE A 698 -9.79 -17.31 -11.71
CA ILE A 698 -9.47 -15.90 -11.92
C ILE A 698 -8.51 -15.38 -10.83
N MET A 699 -7.56 -14.51 -11.21
CA MET A 699 -6.53 -14.05 -10.29
C MET A 699 -6.73 -12.96 -9.82
N PRO A 700 -7.04 -12.92 -8.25
CA PRO A 700 -7.18 -11.73 -7.36
C PRO A 700 -6.02 -10.73 -7.60
N THR A 701 -6.34 -9.43 -7.61
CA THR A 701 -5.41 -8.42 -8.13
C THR A 701 -4.11 -8.42 -7.29
N GLU A 702 -2.95 -8.45 -7.91
CA GLU A 702 -1.69 -8.35 -7.17
C GLU A 702 -1.00 -7.04 -7.55
N TRP A 703 -0.34 -6.39 -6.59
CA TRP A 703 0.22 -5.04 -6.79
C TRP A 703 1.73 -4.94 -6.56
N VAL A 704 2.42 -4.14 -7.38
CA VAL A 704 3.77 -3.62 -7.08
C VAL A 704 3.72 -2.10 -6.92
N HIS A 705 4.64 -1.57 -6.11
CA HIS A 705 4.65 -0.14 -5.78
C HIS A 705 5.98 0.50 -6.06
N THR A 706 5.97 1.74 -6.51
CA THR A 706 7.18 2.52 -6.71
C THR A 706 6.89 3.91 -6.20
N LEU A 707 7.94 4.70 -6.01
CA LEU A 707 7.75 5.95 -5.27
C LEU A 707 8.82 6.97 -5.71
N LEU A 708 8.42 8.24 -5.69
CA LEU A 708 9.30 9.36 -5.96
C LEU A 708 9.04 10.35 -4.84
N LYS A 709 9.97 10.52 -3.90
CA LYS A 709 9.71 11.39 -2.73
C LYS A 709 10.60 12.60 -2.75
N PRO A 710 10.04 13.76 -2.39
CA PRO A 710 10.88 14.96 -2.35
C PRO A 710 11.95 14.84 -1.30
N TRP A 711 13.18 15.22 -1.63
CA TRP A 711 14.28 15.06 -0.68
C TRP A 711 15.02 16.39 -0.60
N ASN A 712 14.69 17.15 0.43
CA ASN A 712 15.23 18.49 0.66
C ASN A 712 14.87 19.39 -0.49
N PHE A 713 13.73 19.08 -1.12
CA PHE A 713 13.14 19.88 -2.18
C PHE A 713 12.44 21.03 -1.49
N PHE A 714 11.86 20.74 -0.33
CA PHE A 714 11.20 21.75 0.47
C PHE A 714 12.08 22.12 1.65
N ASP A 715 11.69 23.17 2.35
CA ASP A 715 12.45 23.65 3.51
C ASP A 715 11.89 23.08 4.80
N GLU A 716 10.76 22.36 4.69
CA GLU A 716 10.00 21.92 5.88
C GLU A 716 8.82 21.03 5.44
N THR A 717 8.07 20.52 6.43
CA THR A 717 6.89 19.67 6.19
C THR A 717 6.00 20.40 5.21
N PRO A 718 5.83 19.85 4.00
CA PRO A 718 5.10 20.57 2.95
C PRO A 718 3.63 20.73 3.24
N THR A 719 3.06 19.95 4.16
CA THR A 719 1.60 19.96 4.36
C THR A 719 1.25 20.76 5.57
N LEU A 720 2.26 21.36 6.17
CA LEU A 720 2.00 22.22 7.31
C LEU A 720 1.11 23.37 6.92
N GLY A 721 1.23 23.85 5.68
CA GLY A 721 0.37 24.94 5.24
C GLY A 721 1.07 26.30 5.31
N ALA A 722 0.47 27.30 4.66
CA ALA A 722 1.06 28.63 4.54
C ALA A 722 1.07 29.39 5.86
N LEU A 723 2.17 30.08 6.11
CA LEU A 723 2.30 30.93 7.30
C LEU A 723 1.33 32.10 7.21
N LYS A 724 0.56 32.31 8.27
CA LYS A 724 -0.18 33.56 8.44
C LYS A 724 0.74 34.78 8.25
N LYS A 725 1.92 34.80 8.61
CA HIS B 6 -37.32 18.98 29.33
C HIS B 6 -36.26 18.80 28.22
N MET B 7 -36.07 19.87 27.45
CA MET B 7 -35.25 19.87 26.28
C MET B 7 -33.82 20.24 26.57
N VAL B 8 -32.97 20.03 25.57
CA VAL B 8 -31.53 20.16 25.70
C VAL B 8 -31.03 20.47 24.26
N PRO B 9 -29.99 21.29 24.10
CA PRO B 9 -29.63 21.74 22.74
C PRO B 9 -28.92 20.67 21.88
N MET B 10 -29.54 20.34 20.75
CA MET B 10 -29.14 19.24 19.89
C MET B 10 -27.67 19.25 19.52
N ASP B 11 -27.23 20.31 18.83
CA ASP B 11 -25.87 20.37 18.31
C ASP B 11 -24.82 20.12 19.40
N LYS B 12 -24.94 20.85 20.50
CA LYS B 12 -24.02 20.73 21.62
C LYS B 12 -24.06 19.35 22.29
N THR B 13 -25.22 18.83 22.62
CA THR B 13 -25.31 17.50 23.22
C THR B 13 -24.66 16.43 22.35
N LEU B 14 -25.01 16.41 21.08
CA LEU B 14 -24.54 15.37 20.16
C LEU B 14 -23.06 15.44 19.87
N LYS B 15 -22.52 16.66 19.82
CA LYS B 15 -21.08 16.82 19.63
C LYS B 15 -20.34 16.38 20.89
N GLU B 16 -20.93 16.63 22.07
CA GLU B 16 -20.33 16.13 23.33
C GLU B 16 -20.30 14.65 23.28
N PHE B 17 -21.40 14.08 22.81
CA PHE B 17 -21.55 12.65 22.75
C PHE B 17 -20.59 11.98 21.72
N GLY B 18 -19.96 12.77 20.86
CA GLY B 18 -19.04 12.25 19.83
C GLY B 18 -19.65 11.97 18.46
N ALA B 19 -20.90 12.36 18.26
CA ALA B 19 -21.54 12.14 16.97
C ALA B 19 -21.27 13.27 15.99
N ASP B 20 -21.17 12.94 14.71
CA ASP B 20 -21.07 13.96 13.70
C ASP B 20 -22.48 14.48 13.39
N VAL B 21 -22.63 15.78 13.17
CA VAL B 21 -23.97 16.37 12.93
C VAL B 21 -24.03 17.23 11.67
N GLN B 22 -24.82 16.79 10.69
CA GLN B 22 -25.00 17.54 9.46
C GLN B 22 -26.45 18.01 9.36
N TRP B 23 -26.60 19.29 9.01
CA TRP B 23 -27.92 19.87 8.82
C TRP B 23 -28.06 20.20 7.35
N ASP B 24 -29.16 19.74 6.75
CA ASP B 24 -29.38 19.99 5.35
C ASP B 24 -30.56 20.91 5.23
N ASP B 25 -30.25 22.16 4.94
CA ASP B 25 -31.27 23.16 4.90
C ASP B 25 -32.33 22.93 3.82
N TYR B 26 -31.90 22.43 2.68
CA TYR B 26 -32.81 22.22 1.57
C TYR B 26 -33.80 21.06 1.86
N ALA B 27 -33.29 19.98 2.46
CA ALA B 27 -34.12 18.80 2.67
C ALA B 27 -34.78 18.87 4.05
N GLN B 28 -34.37 19.84 4.87
CA GLN B 28 -34.91 19.99 6.21
C GLN B 28 -34.63 18.71 6.97
N LEU B 29 -33.36 18.26 6.91
CA LEU B 29 -32.99 16.97 7.47
C LEU B 29 -31.68 16.98 8.20
N PHE B 30 -31.66 16.41 9.40
CA PHE B 30 -30.41 16.09 10.09
C PHE B 30 -29.91 14.67 9.74
N THR B 31 -28.61 14.53 9.49
CA THR B 31 -27.96 13.24 9.40
C THR B 31 -26.96 13.20 10.52
N LEU B 32 -27.18 12.31 11.47
CA LEU B 32 -26.33 12.13 12.64
C LEU B 32 -25.61 10.78 12.52
N ILE B 33 -24.32 10.78 12.79
CA ILE B 33 -23.52 9.64 12.54
C ILE B 33 -22.60 9.31 13.72
N LYS B 34 -22.62 8.08 14.20
CA LYS B 34 -21.66 7.71 15.22
C LYS B 34 -21.47 6.21 15.18
N ASP B 35 -20.22 5.80 14.96
CA ASP B 35 -19.84 4.38 14.91
C ASP B 35 -20.75 3.66 13.94
N GLY B 36 -21.46 2.62 14.38
CA GLY B 36 -22.31 1.86 13.45
C GLY B 36 -23.69 2.42 13.23
N ALA B 37 -23.98 3.60 13.75
CA ALA B 37 -25.31 4.22 13.62
C ALA B 37 -25.31 5.38 12.66
N TYR B 38 -26.17 5.27 11.66
CA TYR B 38 -26.41 6.27 10.64
C TYR B 38 -27.88 6.69 10.74
N VAL B 39 -28.13 7.89 11.25
CA VAL B 39 -29.45 8.34 11.69
C VAL B 39 -29.96 9.49 10.86
N LYS B 40 -31.17 9.41 10.35
CA LYS B 40 -31.80 10.54 9.67
C LYS B 40 -33.00 11.01 10.50
N VAL B 41 -33.10 12.32 10.71
CA VAL B 41 -34.27 12.83 11.44
C VAL B 41 -34.68 14.21 10.95
N LYS B 42 -35.97 14.41 10.70
CA LYS B 42 -36.56 15.70 10.35
C LYS B 42 -37.16 16.35 11.58
N PRO B 43 -36.93 17.68 11.76
CA PRO B 43 -37.52 18.43 12.89
C PRO B 43 -39.03 18.25 12.81
N GLY B 44 -39.73 18.10 13.94
CA GLY B 44 -41.18 17.86 13.90
C GLY B 44 -41.65 16.44 13.58
N ALA B 45 -40.83 15.61 12.92
CA ALA B 45 -41.22 14.21 12.64
C ALA B 45 -41.31 13.37 13.92
N GLN B 46 -42.34 12.56 13.96
CA GLN B 46 -42.52 11.70 15.09
C GLN B 46 -41.70 10.42 14.91
N THR B 47 -41.16 10.21 13.71
CA THR B 47 -40.23 9.13 13.54
C THR B 47 -38.85 9.56 13.00
N ALA B 48 -37.87 8.68 13.17
CA ALA B 48 -36.54 8.82 12.64
C ALA B 48 -36.12 7.50 11.98
N ILE B 49 -35.06 7.57 11.19
CA ILE B 49 -34.51 6.40 10.53
C ILE B 49 -33.17 6.10 11.13
N VAL B 50 -32.99 4.86 11.56
CA VAL B 50 -31.73 4.40 12.12
C VAL B 50 -31.31 3.16 11.33
N ASN B 51 -30.23 3.31 10.55
CA ASN B 51 -29.70 2.26 9.69
C ASN B 51 -30.81 1.71 8.82
N GLY B 52 -31.60 2.58 8.17
CA GLY B 52 -32.68 2.11 7.29
C GLY B 52 -33.98 1.67 7.96
N GLN B 53 -34.04 1.65 9.30
CA GLN B 53 -35.24 1.25 10.04
C GLN B 53 -35.98 2.39 10.73
N PRO B 54 -37.30 2.42 10.63
CA PRO B 54 -37.97 3.53 11.29
C PRO B 54 -38.01 3.33 12.78
N LEU B 55 -37.99 4.43 13.53
CA LEU B 55 -38.00 4.41 14.95
C LEU B 55 -38.91 5.52 15.40
N ALA B 56 -39.81 5.21 16.31
CA ALA B 56 -40.72 6.22 16.89
C ALA B 56 -40.01 7.04 17.96
N LEU B 57 -40.18 8.35 17.92
CA LEU B 57 -39.72 9.25 18.99
C LEU B 57 -40.87 9.65 19.94
N GLN B 58 -40.57 9.82 21.21
CA GLN B 58 -41.63 10.41 22.05
C GLN B 58 -41.68 11.91 21.76
N VAL B 59 -40.53 12.55 21.91
CA VAL B 59 -40.36 13.97 21.64
C VAL B 59 -39.66 14.16 20.28
N PRO B 60 -40.31 14.87 19.32
CA PRO B 60 -39.63 15.20 18.07
C PRO B 60 -38.48 16.18 18.27
N VAL B 61 -37.61 16.25 17.28
CA VAL B 61 -36.61 17.28 17.25
C VAL B 61 -37.32 18.62 17.00
N VAL B 62 -37.03 19.59 17.86
CA VAL B 62 -37.71 20.87 17.80
C VAL B 62 -36.81 21.96 17.24
N MET B 63 -37.37 22.76 16.33
CA MET B 63 -36.69 23.94 15.83
C MET B 63 -37.26 25.23 16.47
N LYS B 64 -36.40 25.96 17.20
CA LYS B 64 -36.74 27.32 17.72
C LYS B 64 -35.67 28.37 17.36
N ASP B 65 -36.03 29.24 16.42
CA ASP B 65 -35.16 30.30 15.93
C ASP B 65 -33.94 29.63 15.37
N ASN B 66 -34.19 28.65 14.49
CA ASN B 66 -33.16 27.74 13.95
C ASN B 66 -32.00 27.40 14.90
N LYS B 67 -32.36 27.17 16.16
CA LYS B 67 -31.58 26.31 17.00
C LYS B 67 -32.40 25.02 17.18
N ALA B 68 -31.73 23.90 17.07
CA ALA B 68 -32.39 22.64 17.21
C ALA B 68 -32.36 22.18 18.67
N TRP B 69 -33.46 21.62 19.14
CA TRP B 69 -33.56 21.14 20.52
C TRP B 69 -34.04 19.70 20.56
N VAL B 70 -33.48 18.92 21.50
CA VAL B 70 -33.91 17.54 21.68
C VAL B 70 -34.21 17.24 23.13
N SER B 71 -35.08 16.25 23.31
CA SER B 71 -35.35 15.65 24.59
C SER B 71 -34.05 15.18 25.20
N ASP B 72 -33.96 15.27 26.51
CA ASP B 72 -32.76 14.84 27.22
C ASP B 72 -32.57 13.30 27.16
N THR B 73 -33.57 12.57 26.65
CA THR B 73 -33.46 11.12 26.43
C THR B 73 -33.29 10.77 24.95
N PHE B 74 -33.04 11.76 24.12
CA PHE B 74 -32.94 11.52 22.68
C PHE B 74 -31.79 10.54 22.35
N ILE B 75 -30.63 10.79 22.96
CA ILE B 75 -29.47 10.00 22.67
C ILE B 75 -29.67 8.54 22.97
N ASN B 76 -30.24 8.20 24.13
CA ASN B 76 -30.42 6.78 24.44
C ASN B 76 -31.50 6.18 23.60
N ASP B 77 -32.52 6.96 23.30
CA ASP B 77 -33.63 6.43 22.54
C ASP B 77 -33.18 6.08 21.12
N VAL B 78 -32.32 6.92 20.53
CA VAL B 78 -31.87 6.77 19.15
C VAL B 78 -30.61 5.90 19.04
N PHE B 79 -29.57 6.23 19.79
CA PHE B 79 -28.34 5.47 19.66
C PHE B 79 -28.27 4.16 20.45
N GLN B 80 -29.20 3.99 21.38
CA GLN B 80 -29.31 2.74 22.12
C GLN B 80 -30.55 2.00 21.72
N SER B 81 -31.16 2.37 20.60
CA SER B 81 -32.45 1.79 20.19
C SER B 81 -32.41 0.25 20.10
N GLY B 82 -31.34 -0.28 19.50
CA GLY B 82 -31.32 -1.69 19.11
C GLY B 82 -31.40 -1.88 17.61
N LEU B 83 -31.80 -0.83 16.88
CA LEU B 83 -31.75 -0.83 15.40
C LEU B 83 -30.31 -0.72 14.85
N ASP B 84 -29.39 -0.19 15.66
CA ASP B 84 -27.96 -0.39 15.46
C ASP B 84 -27.54 -1.79 15.92
N GLN B 85 -27.27 -2.68 14.98
CA GLN B 85 -26.95 -4.06 15.26
C GLN B 85 -25.47 -4.35 15.37
N THR B 86 -24.64 -3.33 15.36
CA THR B 86 -23.20 -3.49 15.31
C THR B 86 -22.66 -4.30 16.51
N PHE B 87 -23.12 -3.93 17.71
CA PHE B 87 -22.73 -4.57 18.95
C PHE B 87 -23.84 -5.49 19.44
N GLN B 88 -23.49 -6.74 19.72
CA GLN B 88 -24.40 -7.71 20.32
C GLN B 88 -23.77 -8.14 21.64
N VAL B 89 -24.62 -8.47 22.63
CA VAL B 89 -24.09 -8.93 23.91
C VAL B 89 -23.64 -10.38 23.79
N GLU B 90 -22.56 -10.67 24.48
CA GLU B 90 -21.97 -11.98 24.48
C GLU B 90 -22.77 -13.03 25.32
N LYS B 91 -23.12 -14.14 24.67
CA LYS B 91 -23.76 -15.32 25.28
C LYS B 91 -22.91 -15.98 26.38
N ARG B 92 -21.75 -16.51 26.00
CA ARG B 92 -20.84 -17.19 26.90
C ARG B 92 -19.51 -16.44 26.82
N PRO B 93 -19.01 -15.86 27.93
CA PRO B 93 -17.74 -15.09 27.85
C PRO B 93 -16.59 -15.90 27.25
N HIS B 94 -15.93 -15.32 26.27
CA HIS B 94 -14.78 -15.92 25.66
C HIS B 94 -13.67 -16.02 26.72
N PRO B 95 -12.95 -17.16 26.76
CA PRO B 95 -11.89 -17.37 27.77
C PRO B 95 -10.69 -16.47 27.61
N LEU B 96 -10.58 -15.77 26.47
CA LEU B 96 -9.50 -14.85 26.23
C LEU B 96 -9.89 -13.38 26.49
N ASN B 97 -11.12 -13.14 26.94
CA ASN B 97 -11.46 -11.76 27.27
C ASN B 97 -10.49 -11.23 28.30
N ALA B 98 -10.01 -10.00 28.12
CA ALA B 98 -9.11 -9.31 29.05
C ALA B 98 -9.71 -9.21 30.44
N LEU B 99 -8.89 -8.89 31.44
CA LEU B 99 -9.43 -8.61 32.75
C LEU B 99 -10.39 -7.42 32.66
N THR B 100 -11.52 -7.52 33.36
CA THR B 100 -12.47 -6.43 33.47
C THR B 100 -11.97 -5.50 34.54
N ALA B 101 -12.58 -4.33 34.67
CA ALA B 101 -12.28 -3.42 35.78
C ALA B 101 -12.42 -4.14 37.15
N ASP B 102 -13.49 -4.91 37.32
CA ASP B 102 -13.70 -5.68 38.56
C ASP B 102 -12.59 -6.67 38.84
N GLU B 103 -12.26 -7.47 37.82
CA GLU B 103 -11.15 -8.41 37.95
C GLU B 103 -9.82 -7.70 38.29
N ILE B 104 -9.59 -6.52 37.72
CA ILE B 104 -8.36 -5.83 38.04
C ILE B 104 -8.33 -5.41 39.51
N LYS B 105 -9.45 -4.88 39.96
CA LYS B 105 -9.57 -4.42 41.33
C LYS B 105 -9.40 -5.58 42.30
N GLN B 106 -9.98 -6.73 41.96
CA GLN B 106 -9.93 -7.92 42.76
C GLN B 106 -8.51 -8.48 42.89
N ALA B 107 -7.80 -8.53 41.77
CA ALA B 107 -6.45 -9.04 41.70
C ALA B 107 -5.53 -8.18 42.55
N VAL B 108 -5.76 -6.88 42.55
CA VAL B 108 -5.00 -5.98 43.39
C VAL B 108 -5.28 -6.23 44.87
N GLU B 109 -6.55 -6.41 45.25
CA GLU B 109 -6.87 -6.73 46.66
C GLU B 109 -6.16 -8.01 47.16
N ILE B 110 -6.21 -9.09 46.36
CA ILE B 110 -5.51 -10.31 46.72
C ILE B 110 -4.02 -10.11 47.01
N VAL B 111 -3.27 -9.45 46.14
CA VAL B 111 -1.85 -9.25 46.42
C VAL B 111 -1.60 -8.23 47.53
N LYS B 112 -2.47 -7.23 47.66
CA LYS B 112 -2.36 -6.26 48.76
C LYS B 112 -2.62 -6.90 50.13
N ALA B 113 -3.35 -8.02 50.14
CA ALA B 113 -3.69 -8.76 51.36
C ALA B 113 -2.55 -9.74 51.71
N SER B 114 -1.37 -9.53 51.12
CA SER B 114 -0.21 -10.28 51.54
C SER B 114 0.68 -9.42 52.43
N ALA B 115 1.28 -10.08 53.43
CA ALA B 115 2.24 -9.46 54.35
C ALA B 115 3.39 -8.80 53.60
N ASP B 116 3.76 -9.37 52.45
CA ASP B 116 4.92 -8.87 51.71
C ASP B 116 4.68 -7.59 50.92
N PHE B 117 3.42 -7.23 50.70
CA PHE B 117 3.12 -6.06 49.91
C PHE B 117 3.54 -4.75 50.60
N LYS B 118 4.38 -3.96 49.96
CA LYS B 118 4.78 -2.66 50.49
C LYS B 118 4.02 -1.54 49.76
N PRO B 119 3.72 -0.44 50.45
CA PRO B 119 2.88 0.59 49.82
C PRO B 119 3.53 1.34 48.65
N ASN B 120 4.85 1.30 48.52
CA ASN B 120 5.51 1.92 47.37
C ASN B 120 5.36 1.08 46.09
N THR B 121 4.97 -0.18 46.25
CA THR B 121 4.89 -1.14 45.16
C THR B 121 4.11 -0.55 44.00
N ARG B 122 4.60 -0.78 42.80
CA ARG B 122 3.86 -0.33 41.63
C ARG B 122 3.57 -1.53 40.70
N PHE B 123 2.66 -1.36 39.75
CA PHE B 123 2.27 -2.47 38.89
C PHE B 123 2.76 -2.26 37.47
N THR B 124 3.58 -3.18 36.96
CA THR B 124 4.01 -3.10 35.56
C THR B 124 3.05 -3.79 34.63
N GLU B 125 2.48 -4.91 35.06
CA GLU B 125 1.47 -5.59 34.28
C GLU B 125 0.45 -6.25 35.20
N ILE B 126 -0.84 -6.14 34.86
CA ILE B 126 -1.91 -6.93 35.43
C ILE B 126 -2.71 -7.49 34.26
N SER B 127 -2.54 -8.77 33.96
CA SER B 127 -3.09 -9.37 32.75
C SER B 127 -3.66 -10.75 32.97
N LEU B 128 -4.63 -11.11 32.13
CA LEU B 128 -5.11 -12.47 32.08
C LEU B 128 -3.92 -13.41 31.90
N LEU B 129 -3.86 -14.43 32.74
CA LEU B 129 -2.96 -15.54 32.47
C LEU B 129 -3.81 -16.49 31.66
N PRO B 130 -3.32 -16.86 30.45
CA PRO B 130 -4.22 -17.42 29.43
C PRO B 130 -4.41 -18.91 29.73
N PRO B 131 -5.63 -19.42 29.58
CA PRO B 131 -5.76 -20.85 29.77
C PRO B 131 -5.04 -21.56 28.63
N ASP B 132 -5.07 -22.88 28.62
CA ASP B 132 -4.19 -23.49 27.68
C ASP B 132 -4.81 -23.49 26.30
N LYS B 133 -3.93 -23.40 25.33
CA LYS B 133 -4.30 -23.24 23.94
C LYS B 133 -5.37 -24.24 23.50
N GLU B 134 -5.22 -25.50 23.90
CA GLU B 134 -6.15 -26.55 23.48
C GLU B 134 -7.60 -26.32 23.95
N ALA B 135 -7.76 -25.90 25.19
CA ALA B 135 -9.09 -25.60 25.71
C ALA B 135 -9.70 -24.33 25.04
N VAL B 136 -8.88 -23.31 24.77
CA VAL B 136 -9.31 -22.12 24.06
C VAL B 136 -9.78 -22.47 22.65
N TRP B 137 -9.02 -23.27 21.88
CA TRP B 137 -9.51 -23.67 20.55
C TRP B 137 -10.82 -24.46 20.59
N ALA B 138 -10.95 -25.37 21.56
CA ALA B 138 -12.14 -26.20 21.68
C ALA B 138 -13.35 -25.34 22.06
N PHE B 139 -13.14 -24.32 22.89
CA PHE B 139 -14.20 -23.34 23.11
C PHE B 139 -14.60 -22.63 21.81
N ALA B 140 -13.64 -22.17 21.02
CA ALA B 140 -13.97 -21.40 19.84
C ALA B 140 -14.65 -22.27 18.79
N LEU B 141 -14.15 -23.49 18.63
CA LEU B 141 -14.57 -24.37 17.55
C LEU B 141 -15.69 -25.32 17.87
N GLU B 142 -15.75 -25.80 19.10
CA GLU B 142 -16.69 -26.87 19.47
C GLU B 142 -17.55 -26.41 20.61
N ASN B 143 -17.50 -25.13 20.96
CA ASN B 143 -18.23 -24.61 22.12
C ASN B 143 -18.02 -25.24 23.50
N LYS B 144 -17.04 -26.15 23.64
CA LYS B 144 -16.74 -26.76 24.92
C LYS B 144 -16.32 -25.71 25.97
N PRO B 145 -16.99 -25.67 27.15
CA PRO B 145 -16.62 -24.68 28.16
C PRO B 145 -15.26 -25.00 28.76
N VAL B 146 -14.65 -23.97 29.31
CA VAL B 146 -13.31 -24.08 29.84
C VAL B 146 -13.42 -24.31 31.37
N ASP B 147 -12.85 -25.41 31.86
CA ASP B 147 -12.98 -25.69 33.30
C ASP B 147 -11.84 -25.22 34.23
N GLN B 148 -10.73 -24.69 33.69
CA GLN B 148 -9.75 -24.02 34.55
C GLN B 148 -10.31 -22.69 34.95
N PRO B 149 -9.89 -22.18 36.13
CA PRO B 149 -10.40 -20.93 36.68
C PRO B 149 -9.66 -19.71 36.09
N ARG B 150 -10.34 -18.57 35.98
CA ARG B 150 -9.67 -17.36 35.50
C ARG B 150 -8.51 -16.98 36.44
N LYS B 151 -7.31 -16.92 35.90
CA LYS B 151 -6.18 -16.45 36.66
C LYS B 151 -5.58 -15.17 36.07
N ALA B 152 -4.95 -14.34 36.90
CA ALA B 152 -4.27 -13.15 36.43
C ALA B 152 -2.79 -13.14 36.77
N ASP B 153 -1.94 -12.72 35.82
CA ASP B 153 -0.56 -12.33 36.16
C ASP B 153 -0.51 -10.95 36.76
N VAL B 154 0.17 -10.81 37.89
CA VAL B 154 0.31 -9.50 38.50
C VAL B 154 1.81 -9.30 38.60
N ILE B 155 2.33 -8.27 37.96
CA ILE B 155 3.74 -8.10 37.96
C ILE B 155 4.08 -6.78 38.61
N MET B 156 4.89 -6.85 39.67
CA MET B 156 5.07 -5.71 40.57
C MET B 156 6.51 -5.27 40.64
N LEU B 157 6.66 -3.98 40.77
CA LEU B 157 7.94 -3.43 40.99
C LEU B 157 7.97 -2.84 42.39
N ASP B 158 8.82 -3.46 43.21
CA ASP B 158 9.03 -3.10 44.62
C ASP B 158 10.34 -2.33 44.69
N GLY B 159 10.27 -1.02 44.55
CA GLY B 159 11.48 -0.22 44.43
C GLY B 159 12.21 -0.61 43.14
N LYS B 160 13.29 -1.40 43.25
CA LYS B 160 13.94 -1.96 42.04
C LYS B 160 13.65 -3.43 41.73
N HIS B 161 13.18 -4.19 42.72
CA HIS B 161 12.81 -5.59 42.49
C HIS B 161 11.47 -5.87 41.79
N ILE B 162 11.52 -6.82 40.86
CA ILE B 162 10.36 -7.40 40.23
C ILE B 162 9.83 -8.58 41.05
N ILE B 163 8.53 -8.60 41.32
CA ILE B 163 7.92 -9.82 41.82
C ILE B 163 6.84 -10.22 40.85
N GLU B 164 6.75 -11.51 40.54
CA GLU B 164 5.64 -12.04 39.75
C GLU B 164 4.64 -12.80 40.62
N ALA B 165 3.49 -12.21 40.88
CA ALA B 165 2.44 -12.94 41.56
C ALA B 165 1.42 -13.53 40.57
N VAL B 166 0.84 -14.67 40.92
CA VAL B 166 -0.28 -15.23 40.16
C VAL B 166 -1.48 -15.30 41.09
N VAL B 167 -2.64 -14.82 40.65
CA VAL B 167 -3.84 -14.90 41.47
C VAL B 167 -4.94 -15.66 40.78
N ASP B 168 -5.71 -16.42 41.55
CA ASP B 168 -6.89 -17.14 41.05
C ASP B 168 -8.09 -16.25 41.32
N LEU B 169 -8.87 -15.96 40.29
CA LEU B 169 -9.99 -15.01 40.45
C LEU B 169 -11.33 -15.73 40.70
N GLN B 170 -11.46 -16.94 40.16
CA GLN B 170 -12.63 -17.76 40.44
C GLN B 170 -12.65 -18.08 41.93
N ASN B 171 -11.50 -18.42 42.48
CA ASN B 171 -11.40 -18.86 43.89
C ASN B 171 -10.89 -17.81 44.88
N ASN B 172 -10.54 -16.63 44.39
CA ASN B 172 -10.09 -15.47 45.19
C ASN B 172 -8.80 -15.62 46.05
N LYS B 173 -7.77 -16.26 45.50
CA LYS B 173 -6.55 -16.52 46.29
C LYS B 173 -5.23 -16.21 45.59
N LEU B 174 -4.17 -16.11 46.37
CA LEU B 174 -2.82 -15.88 45.87
C LEU B 174 -2.08 -17.18 45.57
N LEU B 175 -2.20 -17.72 44.37
CA LEU B 175 -1.47 -18.95 43.99
C LEU B 175 0.06 -18.87 43.97
N SER B 176 0.66 -17.68 43.91
CA SER B 176 2.14 -17.62 43.94
C SER B 176 2.78 -16.25 43.90
N TRP B 177 4.04 -16.19 44.35
CA TRP B 177 4.69 -14.94 44.68
C TRP B 177 6.22 -15.03 44.56
N GLN B 178 6.75 -14.67 43.40
CA GLN B 178 8.13 -14.95 43.06
C GLN B 178 8.96 -13.67 42.76
N PRO B 179 9.88 -13.30 43.66
CA PRO B 179 10.94 -12.34 43.28
C PRO B 179 11.79 -12.87 42.13
N ILE B 180 12.10 -11.99 41.21
CA ILE B 180 12.88 -12.33 40.05
C ILE B 180 14.15 -11.51 40.18
N LYS B 181 15.20 -12.18 40.68
CA LYS B 181 16.53 -11.57 40.86
C LYS B 181 17.12 -11.19 39.49
N ASP B 182 17.85 -10.09 39.46
CA ASP B 182 18.53 -9.62 38.22
C ASP B 182 17.60 -9.09 37.13
N ALA B 183 16.33 -8.84 37.46
CA ALA B 183 15.43 -8.20 36.50
C ALA B 183 15.19 -6.76 36.89
N HIS B 184 15.42 -5.82 35.96
CA HIS B 184 14.91 -4.45 36.12
C HIS B 184 13.48 -4.30 35.55
N GLY B 185 12.72 -3.38 36.13
CA GLY B 185 11.35 -3.16 35.68
C GLY B 185 11.28 -2.10 34.62
N MET B 186 10.15 -2.03 33.91
CA MET B 186 9.99 -1.01 32.88
C MET B 186 9.89 0.41 33.48
N VAL B 187 10.14 1.44 32.66
CA VAL B 187 9.71 2.80 32.99
C VAL B 187 8.20 2.84 33.25
N LEU B 188 7.81 3.45 34.38
CA LEU B 188 6.41 3.66 34.74
C LEU B 188 6.03 5.12 34.59
N LEU B 189 4.74 5.36 34.36
CA LEU B 189 4.20 6.72 34.21
C LEU B 189 4.66 7.74 35.27
N ASP B 190 4.71 7.35 36.54
CA ASP B 190 5.13 8.31 37.59
C ASP B 190 6.62 8.72 37.47
N ASP B 191 7.44 7.83 36.88
CA ASP B 191 8.88 8.10 36.62
C ASP B 191 9.06 9.40 35.84
N PHE B 192 8.15 9.66 34.91
CA PHE B 192 8.17 10.91 34.16
C PHE B 192 8.15 12.11 35.10
N ALA B 193 7.19 12.13 36.02
CA ALA B 193 7.04 13.23 36.99
C ALA B 193 8.25 13.29 37.92
N SER B 194 8.66 12.13 38.45
CA SER B 194 9.77 12.06 39.39
C SER B 194 11.01 12.72 38.76
N VAL B 195 11.43 12.21 37.61
CA VAL B 195 12.61 12.70 36.91
C VAL B 195 12.58 14.23 36.69
N GLN B 196 11.41 14.77 36.32
CA GLN B 196 11.21 16.21 36.15
C GLN B 196 11.36 16.98 37.47
N ASN B 197 10.94 16.38 38.59
CA ASN B 197 11.02 17.08 39.88
C ASN B 197 12.43 17.06 40.45
N ILE B 198 13.05 15.89 40.35
CA ILE B 198 14.44 15.73 40.73
C ILE B 198 15.33 16.77 40.03
N ILE B 199 15.19 16.91 38.71
CA ILE B 199 15.92 17.93 37.98
C ILE B 199 15.55 19.35 38.45
N ASN B 200 14.29 19.59 38.76
CA ASN B 200 13.88 20.92 39.21
C ASN B 200 14.37 21.23 40.60
N ASN B 201 14.69 20.20 41.37
CA ASN B 201 15.26 20.35 42.69
C ASN B 201 16.78 20.37 42.72
N SER B 202 17.43 20.09 41.59
CA SER B 202 18.89 20.02 41.55
C SER B 202 19.56 21.36 41.23
N GLU B 203 20.25 21.89 42.24
CA GLU B 203 21.07 23.13 42.15
C GLU B 203 22.25 22.98 41.16
N GLU B 204 22.79 21.76 41.06
CA GLU B 204 23.92 21.42 40.22
C GLU B 204 23.47 21.34 38.78
N PHE B 205 22.31 20.76 38.58
CA PHE B 205 21.72 20.77 37.26
C PHE B 205 21.39 22.19 36.81
N ALA B 206 20.85 23.00 37.70
CA ALA B 206 20.51 24.41 37.39
C ALA B 206 21.76 25.16 36.95
N ALA B 207 22.91 24.77 37.50
CA ALA B 207 24.20 25.37 37.14
C ALA B 207 24.69 24.93 35.74
N ALA B 208 24.69 23.61 35.50
CA ALA B 208 24.97 23.02 34.20
C ALA B 208 24.17 23.70 33.08
N VAL B 209 22.90 23.95 33.36
CA VAL B 209 21.97 24.59 32.42
C VAL B 209 22.21 26.11 32.24
N LYS B 210 22.68 26.77 33.29
CA LYS B 210 23.11 28.16 33.22
C LYS B 210 24.30 28.34 32.27
N LYS B 211 25.27 27.41 32.35
CA LYS B 211 26.46 27.39 31.45
C LYS B 211 26.09 27.48 29.97
N ARG B 212 24.92 26.97 29.62
CA ARG B 212 24.55 26.82 28.24
C ARG B 212 23.53 27.86 27.81
N GLY B 213 23.49 28.98 28.51
CA GLY B 213 22.65 30.11 28.12
C GLY B 213 21.32 30.18 28.84
N ILE B 214 20.90 29.08 29.44
CA ILE B 214 19.58 29.08 30.06
C ILE B 214 19.60 29.67 31.45
N THR B 215 19.12 30.90 31.55
CA THR B 215 18.99 31.60 32.83
C THR B 215 17.78 31.07 33.64
N ASP B 216 16.70 30.69 32.95
CA ASP B 216 15.51 30.17 33.66
C ASP B 216 15.31 28.63 33.70
N ALA B 217 15.94 27.98 34.70
CA ALA B 217 15.89 26.51 34.88
C ALA B 217 14.47 25.92 34.98
N LYS B 218 13.50 26.73 35.38
CA LYS B 218 12.13 26.19 35.46
C LYS B 218 11.43 26.01 34.10
N LYS B 219 12.08 26.42 33.01
CA LYS B 219 11.52 26.24 31.68
C LYS B 219 12.20 25.09 30.90
N VAL B 220 12.81 24.18 31.65
CA VAL B 220 13.46 23.03 31.06
C VAL B 220 12.63 21.78 31.25
N ILE B 221 12.52 21.01 30.17
CA ILE B 221 11.70 19.82 30.12
C ILE B 221 12.58 18.58 30.00
N THR B 222 12.33 17.60 30.84
CA THR B 222 13.18 16.44 30.87
C THR B 222 12.47 15.35 30.13
N THR B 223 13.20 14.32 29.75
CA THR B 223 12.56 13.10 29.28
C THR B 223 13.40 11.89 29.67
N PRO B 224 12.76 10.83 30.23
CA PRO B 224 13.53 9.68 30.73
C PRO B 224 13.83 8.67 29.63
N LEU B 225 15.06 8.17 29.61
CA LEU B 225 15.48 7.10 28.71
C LEU B 225 16.01 5.95 29.54
N THR B 226 15.92 4.75 29.05
CA THR B 226 16.63 3.68 29.73
C THR B 226 18.10 3.73 29.27
N VAL B 227 18.98 3.10 30.04
CA VAL B 227 20.43 3.32 29.90
C VAL B 227 21.15 2.22 29.09
N GLY B 228 20.51 1.06 28.96
CA GLY B 228 21.10 -0.07 28.26
C GLY B 228 22.16 -0.77 29.08
N TYR B 229 23.08 -1.47 28.41
CA TYR B 229 24.15 -2.17 29.10
C TYR B 229 25.40 -2.12 28.27
N PHE B 230 26.48 -1.73 28.93
CA PHE B 230 27.75 -1.47 28.26
C PHE B 230 28.97 -2.05 28.99
N ASP B 231 28.80 -3.18 29.68
CA ASP B 231 29.88 -3.87 30.43
C ASP B 231 30.66 -2.92 31.37
N GLY B 232 30.00 -1.93 31.96
CA GLY B 232 30.67 -0.96 32.81
C GLY B 232 31.22 0.30 32.16
N LYS B 233 31.44 0.31 30.83
CA LYS B 233 32.08 1.49 30.15
C LYS B 233 31.30 2.80 30.27
N ASP B 234 30.01 2.70 30.59
CA ASP B 234 29.14 3.88 30.83
C ASP B 234 29.35 4.46 32.25
N GLY B 235 30.03 3.70 33.10
CA GLY B 235 30.35 4.10 34.47
C GLY B 235 29.14 4.09 35.40
N LEU B 236 28.34 3.04 35.29
CA LEU B 236 27.05 3.00 35.99
C LEU B 236 26.88 1.69 36.75
N LYS B 237 26.53 1.81 38.04
CA LYS B 237 26.23 0.66 38.87
C LYS B 237 25.24 -0.24 38.13
N GLN B 238 25.53 -1.55 38.04
CA GLN B 238 24.64 -2.50 37.34
C GLN B 238 23.31 -2.77 38.08
N ASP B 239 23.34 -2.76 39.41
CA ASP B 239 22.17 -3.19 40.20
C ASP B 239 21.09 -2.09 40.40
N ALA B 240 21.51 -0.86 40.71
CA ALA B 240 20.60 0.30 40.94
C ALA B 240 19.55 0.55 39.84
N ARG B 241 18.43 1.15 40.22
CA ARG B 241 17.39 1.55 39.25
C ARG B 241 17.69 2.96 38.70
N LEU B 242 18.26 2.99 37.51
CA LEU B 242 18.74 4.22 36.92
C LEU B 242 17.99 4.58 35.64
N LEU B 243 17.91 5.87 35.37
CA LEU B 243 17.43 6.34 34.09
C LEU B 243 18.28 7.54 33.67
N LYS B 244 18.40 7.73 32.35
CA LYS B 244 19.10 8.87 31.79
C LYS B 244 18.14 9.97 31.36
N VAL B 245 18.55 11.21 31.57
CA VAL B 245 17.66 12.32 31.33
C VAL B 245 18.24 13.27 30.30
N ILE B 246 17.47 13.44 29.23
CA ILE B 246 17.80 14.39 28.19
C ILE B 246 16.96 15.62 28.40
N SER B 247 17.45 16.76 27.93
CA SER B 247 16.78 18.00 28.23
C SER B 247 16.50 18.89 27.06
N TYR B 248 15.43 19.65 27.19
CA TYR B 248 14.93 20.56 26.17
C TYR B 248 14.49 21.89 26.79
N LEU B 249 14.55 22.95 26.01
CA LEU B 249 14.10 24.25 26.44
C LEU B 249 12.66 24.49 25.98
N ASP B 250 11.74 24.78 26.92
CA ASP B 250 10.37 25.27 26.59
C ASP B 250 10.41 26.75 26.23
N VAL B 251 10.03 27.05 25.01
CA VAL B 251 10.11 28.36 24.44
C VAL B 251 8.67 28.82 24.14
N GLY B 252 7.69 27.96 24.44
CA GLY B 252 6.27 28.33 24.32
C GLY B 252 5.64 28.13 22.95
N ASP B 253 6.31 27.41 22.05
CA ASP B 253 5.79 27.07 20.72
C ASP B 253 5.04 25.70 20.72
N GLY B 254 4.98 25.09 21.90
CA GLY B 254 4.35 23.81 22.06
C GLY B 254 5.18 22.66 21.53
N ASN B 255 6.42 22.91 21.12
CA ASN B 255 7.27 21.88 20.53
C ASN B 255 8.69 21.83 21.15
N TYR B 256 8.80 21.43 22.40
CA TYR B 256 10.08 21.53 23.07
C TYR B 256 11.15 20.66 22.39
N TRP B 257 10.69 19.61 21.71
CA TRP B 257 11.53 18.66 20.95
C TRP B 257 12.41 19.40 19.95
N ALA B 258 11.97 20.59 19.53
CA ALA B 258 12.72 21.43 18.59
C ALA B 258 13.85 22.27 19.23
N HIS B 259 14.17 22.02 20.50
CA HIS B 259 15.07 22.88 21.29
C HIS B 259 15.94 22.06 22.26
N PRO B 260 16.81 21.20 21.71
CA PRO B 260 17.65 20.36 22.58
C PRO B 260 18.75 21.16 23.25
N ILE B 261 19.05 20.81 24.50
CA ILE B 261 20.21 21.30 25.20
C ILE B 261 21.23 20.19 25.01
N GLU B 262 22.05 20.32 23.96
CA GLU B 262 22.96 19.24 23.53
C GLU B 262 24.13 18.98 24.52
N ASN B 263 24.58 17.72 24.59
CA ASN B 263 25.70 17.33 25.44
C ASN B 263 25.44 17.57 26.94
N LEU B 264 24.20 17.41 27.37
CA LEU B 264 23.88 17.41 28.80
C LEU B 264 23.05 16.19 29.19
N VAL B 265 23.65 15.30 29.96
CA VAL B 265 22.92 14.12 30.43
C VAL B 265 22.94 14.02 31.95
N ALA B 266 21.78 13.95 32.58
CA ALA B 266 21.75 13.62 33.99
C ALA B 266 21.42 12.12 34.15
N VAL B 267 22.09 11.41 35.08
CA VAL B 267 21.67 10.07 35.46
C VAL B 267 20.95 10.17 36.79
N VAL B 268 19.80 9.49 36.90
CA VAL B 268 18.96 9.62 38.08
C VAL B 268 18.72 8.26 38.73
N ASP B 269 18.96 8.20 40.03
CA ASP B 269 18.59 7.04 40.86
C ASP B 269 17.20 7.24 41.43
N LEU B 270 16.27 6.39 40.99
CA LEU B 270 14.86 6.57 41.31
C LEU B 270 14.52 6.24 42.76
N GLU B 271 15.14 5.18 43.30
CA GLU B 271 15.07 4.80 44.73
C GLU B 271 15.39 5.93 45.70
N GLN B 272 16.55 6.52 45.45
CA GLN B 272 17.16 7.60 46.23
C GLN B 272 16.50 8.95 45.96
N LYS B 273 15.79 9.04 44.82
CA LYS B 273 15.26 10.32 44.29
C LYS B 273 16.36 11.39 44.09
N LYS B 274 17.49 10.98 43.53
CA LYS B 274 18.66 11.85 43.43
C LYS B 274 19.31 11.73 42.05
N ILE B 275 19.88 12.85 41.57
CA ILE B 275 20.83 12.80 40.46
C ILE B 275 22.14 12.20 40.97
N VAL B 276 22.55 11.10 40.34
CA VAL B 276 23.79 10.45 40.72
C VAL B 276 24.98 10.83 39.84
N LYS B 277 24.76 11.43 38.66
CA LYS B 277 25.87 11.77 37.76
C LYS B 277 25.40 12.74 36.69
N ILE B 278 26.22 13.76 36.39
CA ILE B 278 25.92 14.72 35.33
C ILE B 278 26.99 14.75 34.23
N GLU B 279 26.80 13.97 33.18
CA GLU B 279 27.69 13.95 32.02
C GLU B 279 27.57 15.23 31.19
N GLU B 280 28.66 15.97 31.09
CA GLU B 280 28.67 17.18 30.26
C GLU B 280 29.74 17.09 29.19
N GLY B 281 29.46 17.72 28.05
CA GLY B 281 30.38 17.80 26.94
C GLY B 281 30.37 19.24 26.46
N PRO B 282 30.83 19.49 25.23
CA PRO B 282 30.93 20.89 24.84
C PRO B 282 29.58 21.61 24.76
N VAL B 283 29.63 22.92 24.89
CA VAL B 283 28.43 23.72 24.92
C VAL B 283 28.02 24.05 23.49
N VAL B 284 26.75 23.83 23.20
CA VAL B 284 26.18 24.17 21.90
C VAL B 284 24.98 25.04 22.18
N PRO B 285 24.92 26.23 21.56
CA PRO B 285 23.78 27.12 21.84
C PRO B 285 22.44 26.44 21.50
N VAL B 286 21.47 26.57 22.40
CA VAL B 286 20.17 26.01 22.22
C VAL B 286 19.46 26.70 21.08
N PRO B 287 19.01 25.92 20.08
CA PRO B 287 18.14 26.48 19.01
C PRO B 287 16.85 27.04 19.60
N MET B 288 16.58 28.31 19.31
CA MET B 288 15.52 29.09 19.96
C MET B 288 14.32 29.42 19.07
N THR B 289 14.45 29.44 17.76
CA THR B 289 13.33 29.81 16.89
C THR B 289 12.09 28.95 17.16
N ALA B 290 10.94 29.62 17.36
CA ALA B 290 9.64 28.95 17.50
C ALA B 290 9.36 28.00 16.28
N ARG B 291 9.06 26.73 16.51
CA ARG B 291 8.73 25.78 15.42
C ARG B 291 7.50 24.98 15.81
N PRO B 292 6.35 25.63 15.92
CA PRO B 292 5.15 24.89 16.29
C PRO B 292 4.72 23.90 15.17
N PHE B 293 4.22 22.73 15.55
CA PHE B 293 3.72 21.77 14.57
C PHE B 293 2.21 21.78 14.54
N ASP B 294 1.56 22.54 15.40
CA ASP B 294 0.11 22.42 15.56
C ASP B 294 -0.68 23.44 14.72
N GLY B 295 -0.01 24.25 13.91
CA GLY B 295 -0.78 25.19 13.08
C GLY B 295 -1.20 26.48 13.76
N ARG B 296 -0.73 26.76 14.97
CA ARG B 296 -1.02 28.03 15.63
C ARG B 296 -0.61 29.18 14.68
N ASP B 297 0.42 28.95 13.85
CA ASP B 297 0.91 29.99 12.94
C ASP B 297 0.59 29.75 11.48
N ARG B 298 -0.33 28.81 11.21
CA ARG B 298 -0.68 28.45 9.79
C ARG B 298 -2.08 28.77 9.42
N VAL B 299 -2.29 29.04 8.13
CA VAL B 299 -3.61 29.18 7.53
C VAL B 299 -4.21 27.80 7.27
N ALA B 300 -5.40 27.59 7.82
CA ALA B 300 -6.26 26.43 7.55
C ALA B 300 -6.68 26.42 6.08
N PRO B 301 -6.34 25.37 5.34
CA PRO B 301 -6.69 25.40 3.90
C PRO B 301 -8.19 25.00 3.71
N ALA B 302 -8.86 25.56 2.69
CA ALA B 302 -10.25 25.18 2.43
C ALA B 302 -10.26 23.84 1.68
N VAL B 303 -10.82 22.80 2.27
CA VAL B 303 -10.88 21.48 1.64
C VAL B 303 -12.35 21.10 1.53
N LYS B 304 -12.80 20.60 0.39
CA LYS B 304 -14.19 20.12 0.30
C LYS B 304 -14.42 18.84 1.09
N PRO B 305 -15.63 18.63 1.63
CA PRO B 305 -15.81 17.40 2.40
C PRO B 305 -15.88 16.08 1.59
N MET B 306 -15.48 14.99 2.24
CA MET B 306 -15.58 13.66 1.69
C MET B 306 -16.16 12.78 2.81
N GLN B 307 -17.21 12.01 2.53
CA GLN B 307 -17.70 11.14 3.53
C GLN B 307 -17.74 9.73 3.03
N ILE B 308 -17.30 8.81 3.86
CA ILE B 308 -17.55 7.38 3.62
C ILE B 308 -18.71 6.94 4.50
N ILE B 309 -19.82 6.58 3.87
CA ILE B 309 -21.05 6.29 4.60
C ILE B 309 -21.54 4.87 4.38
N GLU B 310 -22.09 4.29 5.45
CA GLU B 310 -22.66 2.94 5.42
C GLU B 310 -24.01 3.09 6.08
N PRO B 311 -24.99 3.53 5.29
CA PRO B 311 -26.23 4.03 5.84
C PRO B 311 -27.20 2.94 6.30
N GLU B 312 -26.90 1.67 6.00
CA GLU B 312 -27.68 0.56 6.57
C GLU B 312 -26.89 -0.21 7.63
N GLY B 313 -25.83 0.38 8.15
CA GLY B 313 -24.98 -0.30 9.12
C GLY B 313 -23.81 -1.08 8.52
N LYS B 314 -23.13 -1.85 9.36
CA LYS B 314 -21.85 -2.49 9.03
C LYS B 314 -22.00 -3.90 8.57
N ASN B 315 -21.04 -4.38 7.80
CA ASN B 315 -21.01 -5.83 7.52
C ASN B 315 -20.46 -6.68 8.65
N TYR B 316 -19.95 -6.05 9.71
CA TYR B 316 -19.36 -6.80 10.77
C TYR B 316 -20.21 -6.64 12.01
N THR B 317 -20.07 -7.63 12.91
CA THR B 317 -20.73 -7.64 14.22
C THR B 317 -19.68 -7.82 15.27
N ILE B 318 -19.83 -7.10 16.36
CA ILE B 318 -18.93 -7.22 17.45
C ILE B 318 -19.76 -7.75 18.62
N THR B 319 -19.51 -9.02 18.97
CA THR B 319 -20.20 -9.75 20.05
C THR B 319 -19.21 -9.90 21.20
N GLY B 320 -19.41 -9.10 22.25
CA GLY B 320 -18.38 -8.86 23.25
C GLY B 320 -17.11 -8.31 22.59
N ASP B 321 -16.03 -9.08 22.66
CA ASP B 321 -14.78 -8.73 22.02
C ASP B 321 -14.56 -9.53 20.78
N MET B 322 -15.58 -10.27 20.34
CA MET B 322 -15.47 -11.11 19.16
C MET B 322 -16.00 -10.42 17.93
N ILE B 323 -15.29 -10.57 16.84
CA ILE B 323 -15.63 -9.86 15.64
C ILE B 323 -15.93 -10.86 14.60
N HIS B 324 -17.07 -10.68 13.94
CA HIS B 324 -17.44 -11.54 12.86
C HIS B 324 -17.52 -10.71 11.56
N TRP B 325 -16.90 -11.10 10.46
CA TRP B 325 -16.94 -10.31 9.21
C TRP B 325 -16.76 -11.21 7.97
N ARG B 326 -17.78 -11.27 7.11
CA ARG B 326 -17.74 -12.21 5.98
C ARG B 326 -17.30 -13.57 6.48
N ASN B 327 -16.18 -14.09 6.03
CA ASN B 327 -15.80 -15.45 6.46
C ASN B 327 -14.85 -15.49 7.67
N TRP B 328 -14.49 -14.35 8.23
CA TRP B 328 -13.52 -14.33 9.30
C TRP B 328 -14.24 -14.32 10.64
N ASP B 329 -13.65 -14.95 11.64
CA ASP B 329 -14.08 -14.69 13.02
C ASP B 329 -12.83 -14.53 13.81
N PHE B 330 -12.83 -13.64 14.79
CA PHE B 330 -11.66 -13.53 15.61
C PHE B 330 -11.96 -12.77 16.84
N HIS B 331 -11.01 -12.77 17.77
CA HIS B 331 -11.21 -12.18 19.09
C HIS B 331 -10.15 -11.13 19.32
N LEU B 332 -10.56 -10.02 19.90
CA LEU B 332 -9.70 -8.87 20.05
C LEU B 332 -9.57 -8.45 21.52
N SER B 333 -8.37 -8.39 22.04
CA SER B 333 -8.19 -7.81 23.36
C SER B 333 -6.96 -6.94 23.44
N MET B 334 -6.82 -6.29 24.57
CA MET B 334 -5.84 -5.25 24.71
C MET B 334 -4.96 -5.56 25.90
N ASN B 335 -3.66 -5.49 25.70
CA ASN B 335 -2.67 -5.75 26.73
C ASN B 335 -1.88 -4.45 26.97
N SER B 336 -1.51 -4.16 28.21
CA SER B 336 -0.80 -2.91 28.53
C SER B 336 0.62 -2.82 27.94
N ARG B 337 1.30 -3.96 27.74
CA ARG B 337 2.61 -3.96 27.13
C ARG B 337 2.62 -3.90 25.58
N VAL B 338 1.90 -4.82 24.90
CA VAL B 338 1.95 -4.87 23.44
C VAL B 338 0.73 -4.30 22.71
N GLY B 339 -0.27 -3.81 23.44
CA GLY B 339 -1.49 -3.37 22.82
C GLY B 339 -2.37 -4.56 22.44
N PRO B 340 -3.02 -4.47 21.27
CA PRO B 340 -4.04 -5.38 20.76
C PRO B 340 -3.49 -6.75 20.48
N MET B 341 -4.34 -7.74 20.67
CA MET B 341 -4.02 -9.12 20.37
C MET B 341 -5.20 -9.69 19.60
N ILE B 342 -4.90 -10.31 18.46
CA ILE B 342 -5.92 -10.95 17.62
C ILE B 342 -5.80 -12.46 17.92
N SER B 343 -6.90 -13.09 18.30
CA SER B 343 -6.85 -14.48 18.74
C SER B 343 -7.94 -15.30 18.14
N THR B 344 -7.72 -16.60 18.16
CA THR B 344 -8.65 -17.60 17.62
C THR B 344 -9.27 -17.17 16.30
N VAL B 345 -8.42 -17.05 15.29
CA VAL B 345 -8.77 -16.51 14.03
C VAL B 345 -9.09 -17.67 13.16
N THR B 346 -10.31 -17.73 12.69
CA THR B 346 -10.71 -18.76 11.75
C THR B 346 -11.29 -18.19 10.46
N TYR B 347 -11.24 -18.98 9.42
CA TYR B 347 -11.84 -18.63 8.18
C TYR B 347 -12.92 -19.66 7.91
N ASN B 348 -14.14 -19.19 7.66
CA ASN B 348 -15.23 -20.10 7.39
C ASN B 348 -15.30 -20.54 5.93
N ASP B 349 -14.77 -21.72 5.65
CA ASP B 349 -14.80 -22.32 4.31
C ASP B 349 -16.03 -23.22 4.16
N ASN B 350 -17.07 -22.73 3.47
CA ASN B 350 -18.29 -23.48 3.18
C ASN B 350 -18.87 -24.20 4.35
N GLY B 351 -18.83 -23.57 5.51
CA GLY B 351 -19.50 -24.07 6.64
C GLY B 351 -18.50 -24.60 7.64
N THR B 352 -17.29 -24.97 7.19
CA THR B 352 -16.27 -25.43 8.15
C THR B 352 -15.33 -24.30 8.56
N LYS B 353 -15.25 -24.02 9.86
CA LYS B 353 -14.31 -23.02 10.34
C LYS B 353 -12.90 -23.58 10.35
N ARG B 354 -11.99 -23.01 9.58
CA ARG B 354 -10.65 -23.53 9.49
C ARG B 354 -9.72 -22.61 10.23
N LYS B 355 -8.80 -23.21 10.98
CA LYS B 355 -7.90 -22.45 11.84
C LYS B 355 -6.89 -21.67 10.99
N VAL B 356 -6.52 -20.47 11.43
CA VAL B 356 -5.48 -19.76 10.73
C VAL B 356 -4.44 -19.32 11.76
N MET B 357 -4.90 -18.72 12.86
CA MET B 357 -3.98 -18.14 13.76
C MET B 357 -4.57 -18.22 15.14
N TYR B 358 -3.84 -18.85 16.05
CA TYR B 358 -4.21 -18.86 17.46
C TYR B 358 -4.06 -17.48 18.14
N GLU B 359 -2.87 -16.84 18.01
CA GLU B 359 -2.60 -15.48 18.61
C GLU B 359 -1.67 -14.69 17.72
N GLY B 360 -1.97 -13.41 17.54
CA GLY B 360 -1.10 -12.53 16.78
C GLY B 360 -0.99 -11.23 17.55
N SER B 361 0.20 -10.69 17.69
CA SER B 361 0.30 -9.37 18.26
C SER B 361 1.69 -8.83 17.97
N LEU B 362 1.91 -7.56 18.28
CA LEU B 362 3.23 -7.00 18.19
C LEU B 362 4.03 -7.81 19.20
N GLY B 363 5.26 -8.17 18.87
CA GLY B 363 6.13 -8.81 19.81
C GLY B 363 6.87 -7.75 20.61
N GLY B 364 7.59 -6.87 19.91
CA GLY B 364 8.36 -5.80 20.51
C GLY B 364 8.93 -4.93 19.40
N MET B 365 9.47 -3.79 19.79
CA MET B 365 10.11 -2.90 18.81
C MET B 365 11.30 -2.12 19.34
N ILE B 366 12.16 -1.69 18.42
CA ILE B 366 13.31 -0.96 18.85
C ILE B 366 13.70 0.11 17.86
N VAL B 367 14.00 1.30 18.39
CA VAL B 367 14.46 2.42 17.56
C VAL B 367 15.84 2.77 18.02
N PRO B 368 16.88 2.10 17.49
CA PRO B 368 18.28 2.43 17.79
C PRO B 368 18.97 3.51 16.90
N TYR B 369 19.70 4.43 17.54
CA TYR B 369 20.32 5.58 16.91
C TYR B 369 21.72 5.28 16.51
N GLY B 370 22.28 6.07 15.59
CA GLY B 370 23.61 5.78 15.04
C GLY B 370 24.71 6.75 15.43
N ASP B 371 24.47 7.59 16.43
CA ASP B 371 25.37 8.67 16.83
C ASP B 371 26.07 8.31 18.15
N PRO B 372 27.42 8.38 18.17
CA PRO B 372 28.15 7.91 19.37
C PRO B 372 28.34 8.96 20.49
N ASP B 373 27.83 10.21 20.32
CA ASP B 373 28.05 11.28 21.31
C ASP B 373 27.29 11.00 22.62
N ILE B 374 27.55 11.79 23.67
CA ILE B 374 27.07 11.46 25.04
C ILE B 374 25.55 11.47 25.24
N GLY B 375 24.85 12.34 24.49
CA GLY B 375 23.39 12.38 24.55
C GLY B 375 22.72 11.34 23.67
N TRP B 376 23.53 10.50 22.99
CA TRP B 376 23.01 9.62 21.92
C TRP B 376 23.40 8.16 22.02
N TYR B 377 24.65 7.90 22.43
CA TYR B 377 25.31 6.62 22.20
C TYR B 377 24.52 5.40 22.77
N PHE B 378 23.85 5.61 23.91
CA PHE B 378 23.06 4.59 24.63
C PHE B 378 21.57 4.55 24.17
N LYS B 379 21.18 5.52 23.36
CA LYS B 379 19.77 5.77 23.03
C LYS B 379 19.20 4.72 22.08
N ALA B 380 18.26 3.93 22.59
CA ALA B 380 17.55 2.93 21.81
C ALA B 380 16.23 2.69 22.52
N TYR B 381 15.16 3.28 22.02
CA TYR B 381 13.82 3.02 22.57
C TYR B 381 13.35 1.56 22.32
N LEU B 382 13.20 0.78 23.39
CA LEU B 382 12.38 -0.44 23.39
C LEU B 382 10.96 -0.06 23.77
N ASP B 383 10.22 0.48 22.81
CA ASP B 383 8.96 1.18 23.12
C ASP B 383 7.93 0.34 23.93
N SER B 384 7.74 -0.93 23.56
CA SER B 384 6.79 -1.75 24.30
C SER B 384 7.40 -2.26 25.60
N GLY B 385 8.57 -2.92 25.49
CA GLY B 385 9.26 -3.54 26.63
C GLY B 385 9.61 -2.59 27.78
N ASP B 386 10.16 -1.44 27.43
CA ASP B 386 10.54 -0.43 28.42
C ASP B 386 9.43 0.55 28.82
N TYR B 387 8.44 0.78 27.97
CA TYR B 387 7.43 1.75 28.34
C TYR B 387 5.99 1.30 28.47
N GLY B 388 5.62 0.24 27.75
CA GLY B 388 4.26 -0.27 27.80
C GLY B 388 3.43 0.45 26.77
N MET B 389 3.39 -0.10 25.57
CA MET B 389 2.75 0.64 24.49
C MET B 389 1.22 0.67 24.59
N GLY B 390 0.64 -0.38 25.19
CA GLY B 390 -0.79 -0.41 25.46
C GLY B 390 -1.16 0.72 26.40
N THR B 391 -0.36 0.88 27.44
CA THR B 391 -0.53 1.97 28.40
C THR B 391 -0.51 3.32 27.69
N LEU B 392 0.31 3.43 26.66
CA LEU B 392 0.47 4.72 26.00
C LEU B 392 -0.39 4.91 24.75
N THR B 393 -1.43 4.08 24.62
CA THR B 393 -2.32 4.14 23.53
C THR B 393 -2.79 5.57 23.35
N SER B 394 -2.85 6.02 22.10
CA SER B 394 -3.35 7.33 21.75
C SER B 394 -4.77 7.23 21.21
N PRO B 395 -5.73 7.84 21.89
CA PRO B 395 -7.14 7.82 21.43
C PRO B 395 -7.25 8.26 19.98
N ILE B 396 -7.94 7.49 19.15
CA ILE B 396 -8.08 7.79 17.74
C ILE B 396 -8.80 9.12 17.57
N ALA B 397 -8.27 10.02 16.74
CA ALA B 397 -8.98 11.25 16.36
C ALA B 397 -9.94 10.89 15.23
N ARG B 398 -11.21 10.84 15.59
CA ARG B 398 -12.29 10.42 14.71
C ARG B 398 -12.28 11.16 13.33
N GLY B 399 -12.31 10.45 12.19
CA GLY B 399 -12.26 11.07 10.85
C GLY B 399 -10.87 11.36 10.31
N LYS B 400 -9.89 11.51 11.21
CA LYS B 400 -8.51 11.82 10.83
C LYS B 400 -7.53 10.67 10.96
N ASP B 401 -7.43 10.10 12.16
CA ASP B 401 -6.60 8.94 12.41
C ASP B 401 -7.18 7.68 11.83
N ALA B 402 -8.49 7.66 11.63
CA ALA B 402 -9.20 6.54 10.96
C ALA B 402 -10.30 7.18 10.13
N PRO B 403 -10.79 6.48 9.09
CA PRO B 403 -11.84 7.05 8.20
C PRO B 403 -13.17 7.31 8.90
N SER B 404 -14.04 8.08 8.25
CA SER B 404 -15.23 8.54 8.90
C SER B 404 -16.26 7.38 9.04
N ASN B 405 -15.99 6.23 8.42
CA ASN B 405 -16.86 5.09 8.60
C ASN B 405 -16.35 4.08 9.65
N ALA B 406 -15.33 4.43 10.44
CA ALA B 406 -14.82 3.55 11.48
C ALA B 406 -15.71 3.46 12.70
N VAL B 407 -15.61 2.35 13.41
CA VAL B 407 -16.21 2.14 14.75
C VAL B 407 -15.04 2.17 15.72
N LEU B 408 -15.19 2.89 16.82
CA LEU B 408 -14.07 3.12 17.71
C LEU B 408 -14.37 2.45 19.02
N LEU B 409 -13.45 1.61 19.47
CA LEU B 409 -13.69 0.80 20.67
C LEU B 409 -12.94 1.38 21.85
N ASN B 410 -13.57 1.38 23.01
CA ASN B 410 -12.89 1.65 24.28
C ASN B 410 -12.21 0.41 24.89
N GLU B 411 -11.12 0.64 25.61
CA GLU B 411 -10.43 -0.49 26.21
C GLU B 411 -10.03 -0.20 27.66
N THR B 412 -9.96 -1.25 28.48
CA THR B 412 -9.64 -1.11 29.88
C THR B 412 -8.38 -1.87 30.26
N ILE B 413 -7.38 -1.16 30.74
CA ILE B 413 -6.20 -1.81 31.30
C ILE B 413 -5.86 -1.25 32.68
N ALA B 414 -5.06 -1.96 33.42
CA ALA B 414 -4.72 -1.48 34.75
C ALA B 414 -3.71 -0.36 34.56
N ASP B 415 -3.73 0.69 35.38
CA ASP B 415 -2.58 1.63 35.37
C ASP B 415 -1.56 1.16 36.41
N TYR B 416 -0.47 1.95 36.57
CA TYR B 416 0.69 1.51 37.37
C TYR B 416 0.38 1.45 38.88
N THR B 417 -0.62 2.18 39.35
CA THR B 417 -1.05 2.06 40.75
C THR B 417 -2.10 0.97 40.94
N GLY B 418 -2.50 0.31 39.86
CA GLY B 418 -3.41 -0.83 40.00
C GLY B 418 -4.88 -0.50 39.83
N VAL B 419 -5.19 0.73 39.46
CA VAL B 419 -6.54 1.18 39.20
C VAL B 419 -6.93 1.02 37.71
N PRO B 420 -8.16 0.53 37.41
CA PRO B 420 -8.52 0.36 36.00
C PRO B 420 -8.61 1.69 35.30
N MET B 421 -8.19 1.70 34.04
CA MET B 421 -8.07 2.90 33.23
C MET B 421 -8.81 2.57 31.94
N GLU B 422 -9.90 3.28 31.68
CA GLU B 422 -10.63 3.10 30.43
C GLU B 422 -9.93 3.99 29.41
N ILE B 423 -9.44 3.41 28.32
CA ILE B 423 -8.87 4.26 27.28
C ILE B 423 -9.92 4.45 26.20
N PRO B 424 -10.34 5.73 25.96
CA PRO B 424 -11.38 6.03 24.94
C PRO B 424 -10.79 5.92 23.52
N ARG B 425 -11.58 5.36 22.58
CA ARG B 425 -11.21 5.32 21.17
C ARG B 425 -9.88 4.64 20.97
N ALA B 426 -9.62 3.63 21.79
CA ALA B 426 -8.38 2.86 21.76
C ALA B 426 -8.13 2.13 20.45
N ILE B 427 -9.20 1.63 19.83
CA ILE B 427 -9.01 0.83 18.60
C ILE B 427 -10.07 1.17 17.61
N ALA B 428 -9.71 1.25 16.33
CA ALA B 428 -10.68 1.56 15.31
C ALA B 428 -10.86 0.34 14.46
N VAL B 429 -12.10 0.05 14.13
CA VAL B 429 -12.40 -1.01 13.20
C VAL B 429 -13.10 -0.39 12.03
N PHE B 430 -12.62 -0.66 10.83
CA PHE B 430 -13.33 -0.14 9.70
C PHE B 430 -13.18 -1.01 8.49
N GLU B 431 -14.23 -1.01 7.66
CA GLU B 431 -14.19 -1.67 6.38
C GLU B 431 -13.83 -0.64 5.31
N ARG B 432 -13.03 -1.09 4.35
CA ARG B 432 -12.63 -0.18 3.30
C ARG B 432 -12.50 -0.85 1.94
N TYR B 433 -12.75 -0.03 0.93
CA TYR B 433 -12.65 -0.40 -0.48
C TYR B 433 -11.15 -0.44 -0.84
N ALA B 434 -10.69 -1.43 -1.59
CA ALA B 434 -9.24 -1.53 -1.86
C ALA B 434 -9.06 -1.93 -3.28
N GLY B 435 -9.82 -1.31 -4.16
CA GLY B 435 -9.61 -1.54 -5.60
C GLY B 435 -10.44 -2.73 -6.08
N PRO B 436 -10.23 -3.18 -7.32
CA PRO B 436 -10.93 -4.37 -7.77
C PRO B 436 -10.29 -5.63 -7.18
N GLU B 437 -11.13 -6.51 -6.67
CA GLU B 437 -10.70 -7.80 -6.13
C GLU B 437 -10.12 -8.64 -7.23
N TYR B 438 -10.80 -8.65 -8.36
CA TYR B 438 -10.25 -9.20 -9.59
C TYR B 438 -11.07 -8.66 -10.74
N LYS B 439 -10.54 -8.79 -11.95
CA LYS B 439 -11.19 -8.26 -13.11
C LYS B 439 -10.75 -9.08 -14.28
N HIS B 440 -11.68 -9.31 -15.21
CA HIS B 440 -11.24 -9.65 -16.55
C HIS B 440 -12.19 -9.14 -17.60
N GLN B 441 -11.66 -8.43 -18.58
CA GLN B 441 -12.43 -7.90 -19.71
C GLN B 441 -11.97 -8.69 -20.92
N GLU B 442 -12.72 -9.72 -21.30
CA GLU B 442 -12.39 -10.53 -22.42
C GLU B 442 -12.78 -9.72 -23.63
N MET B 443 -11.92 -9.73 -24.64
CA MET B 443 -12.17 -8.98 -25.88
C MET B 443 -13.56 -9.22 -26.49
N GLY B 444 -14.36 -8.18 -26.63
CA GLY B 444 -15.74 -8.33 -27.20
C GLY B 444 -16.83 -8.97 -26.33
N GLN B 445 -16.59 -9.14 -25.02
CA GLN B 445 -17.53 -9.79 -24.11
C GLN B 445 -17.96 -8.83 -23.00
N PRO B 446 -18.96 -9.19 -22.19
CA PRO B 446 -19.13 -8.24 -21.08
C PRO B 446 -18.00 -8.37 -20.05
N ASN B 447 -17.76 -7.25 -19.33
CA ASN B 447 -16.76 -7.18 -18.28
C ASN B 447 -17.09 -8.05 -17.06
N VAL B 448 -16.05 -8.53 -16.36
CA VAL B 448 -16.20 -9.08 -15.01
C VAL B 448 -15.26 -8.37 -14.07
N SER B 449 -15.80 -7.84 -12.96
CA SER B 449 -15.06 -7.08 -11.91
C SER B 449 -15.82 -7.25 -10.61
N THR B 450 -15.13 -7.41 -9.48
CA THR B 450 -15.81 -7.31 -8.21
C THR B 450 -14.95 -6.39 -7.39
N GLU B 451 -15.54 -5.71 -6.43
CA GLU B 451 -14.76 -4.87 -5.58
C GLU B 451 -14.07 -5.63 -4.45
N ARG B 452 -12.86 -5.21 -4.09
CA ARG B 452 -12.17 -5.75 -2.95
C ARG B 452 -12.53 -4.95 -1.71
N ARG B 453 -12.77 -5.67 -0.63
CA ARG B 453 -13.08 -5.06 0.64
C ARG B 453 -12.07 -5.56 1.65
N GLU B 454 -11.69 -4.70 2.56
CA GLU B 454 -10.74 -5.08 3.59
C GLU B 454 -11.25 -4.59 4.89
N LEU B 455 -10.95 -5.35 5.95
CA LEU B 455 -11.29 -4.95 7.29
C LEU B 455 -10.03 -4.61 8.05
N VAL B 456 -10.03 -3.42 8.64
CA VAL B 456 -8.85 -2.93 9.28
C VAL B 456 -9.12 -2.77 10.76
N VAL B 457 -8.19 -3.28 11.57
CA VAL B 457 -8.19 -3.02 12.98
C VAL B 457 -6.99 -2.15 13.24
N ARG B 458 -7.18 -0.95 13.78
CA ARG B 458 -6.10 0.07 13.85
C ARG B 458 -5.87 0.53 15.30
N TRP B 459 -4.60 0.60 15.66
CA TRP B 459 -4.25 0.98 16.97
C TRP B 459 -3.05 1.93 16.89
N ILE B 460 -3.07 2.94 17.72
CA ILE B 460 -2.03 3.94 17.70
C ILE B 460 -1.46 4.11 19.11
N SER B 461 -0.13 4.19 19.18
CA SER B 461 0.58 4.33 20.44
C SER B 461 1.70 5.38 20.31
N THR B 462 1.78 6.27 21.27
CA THR B 462 2.82 7.32 21.28
C THR B 462 3.77 7.15 22.44
N VAL B 463 5.08 7.09 22.16
CA VAL B 463 6.09 7.01 23.20
C VAL B 463 7.03 8.15 23.01
N GLY B 464 6.92 9.14 23.89
CA GLY B 464 7.76 10.32 23.77
C GLY B 464 7.47 11.07 22.51
N ASN B 465 8.45 11.12 21.63
CA ASN B 465 8.30 11.97 20.46
C ASN B 465 7.63 11.20 19.33
N ASP B 467 4.94 8.50 17.39
CA ASP B 467 3.55 7.99 17.24
C ASP B 467 3.56 6.83 16.27
N TYR B 468 3.06 5.68 16.68
CA TYR B 468 3.06 4.47 15.86
C TYR B 468 1.63 4.01 15.61
N ILE B 469 1.39 3.58 14.38
CA ILE B 469 0.07 3.18 13.93
C ILE B 469 0.20 1.76 13.44
N PHE B 470 -0.53 0.85 14.05
CA PHE B 470 -0.53 -0.54 13.55
C PHE B 470 -1.89 -0.92 13.02
N ASP B 471 -1.89 -1.40 11.80
CA ASP B 471 -3.05 -1.98 11.14
C ASP B 471 -2.94 -3.50 10.98
N TRP B 472 -3.98 -4.19 11.43
CA TRP B 472 -4.23 -5.58 11.08
C TRP B 472 -5.33 -5.59 10.03
N ILE B 473 -5.07 -6.23 8.90
CA ILE B 473 -5.93 -6.10 7.76
C ILE B 473 -6.38 -7.46 7.28
N PHE B 474 -7.69 -7.69 7.31
CA PHE B 474 -8.25 -8.95 6.89
C PHE B 474 -8.80 -8.79 5.51
N HIS B 475 -8.21 -9.48 4.54
CA HIS B 475 -8.73 -9.43 3.22
C HIS B 475 -9.82 -10.50 3.11
N GLU B 476 -10.80 -10.24 2.27
CA GLU B 476 -11.92 -11.13 2.11
C GLU B 476 -11.39 -12.45 1.56
N ASN B 477 -10.31 -12.42 0.78
CA ASN B 477 -9.85 -13.64 0.16
C ASN B 477 -8.89 -14.48 0.99
N GLY B 478 -8.72 -14.14 2.27
CA GLY B 478 -7.87 -14.96 3.11
C GLY B 478 -6.53 -14.37 3.46
N THR B 479 -6.04 -13.40 2.69
CA THR B 479 -4.83 -12.69 3.06
C THR B 479 -4.99 -11.91 4.37
N ILE B 480 -3.92 -11.87 5.17
CA ILE B 480 -3.87 -11.02 6.32
C ILE B 480 -2.64 -10.11 6.15
N GLY B 481 -2.85 -8.78 6.28
CA GLY B 481 -1.78 -7.83 6.19
C GLY B 481 -1.52 -7.23 7.56
N ILE B 482 -0.28 -6.85 7.81
CA ILE B 482 0.08 -6.08 8.99
C ILE B 482 0.93 -4.91 8.53
N ASP B 483 0.47 -3.70 8.80
CA ASP B 483 1.19 -2.50 8.39
C ASP B 483 1.56 -1.72 9.65
N ALA B 484 2.79 -1.19 9.68
CA ALA B 484 3.23 -0.31 10.75
C ALA B 484 3.58 1.07 10.18
N GLY B 485 2.98 2.11 10.75
CA GLY B 485 3.24 3.49 10.35
C GLY B 485 3.95 4.26 11.43
N ALA B 486 4.84 5.17 11.07
CA ALA B 486 5.56 6.00 12.05
C ALA B 486 5.38 7.48 11.70
N THR B 487 5.09 8.31 12.69
CA THR B 487 4.93 9.76 12.52
C THR B 487 5.34 10.40 13.87
N GLY B 488 4.96 11.65 14.12
CA GLY B 488 5.49 12.35 15.29
C GLY B 488 6.63 13.31 14.95
N ILE B 489 7.49 13.52 15.95
CA ILE B 489 8.53 14.53 15.89
C ILE B 489 9.86 13.83 15.97
N GLU B 490 10.79 14.19 15.13
CA GLU B 490 12.13 13.62 15.15
C GLU B 490 12.96 13.94 16.37
N ALA B 491 13.80 12.99 16.79
CA ALA B 491 14.81 13.24 17.84
C ALA B 491 15.96 13.98 17.14
N VAL B 492 16.20 15.22 17.55
CA VAL B 492 17.19 16.02 16.84
C VAL B 492 18.36 16.39 17.71
N LYS B 493 19.52 16.56 17.09
CA LYS B 493 20.72 16.98 17.79
C LYS B 493 20.87 18.46 17.57
N GLY B 494 21.23 19.20 18.61
CA GLY B 494 21.57 20.61 18.46
C GLY B 494 22.97 20.75 17.89
N VAL B 495 23.15 21.59 16.86
CA VAL B 495 24.47 21.76 16.25
C VAL B 495 24.72 23.22 15.88
N LYS B 496 25.99 23.52 15.60
CA LYS B 496 26.40 24.91 15.33
C LYS B 496 26.13 25.35 13.91
N ALA B 497 26.11 24.41 12.95
CA ALA B 497 25.84 24.78 11.57
C ALA B 497 24.40 25.20 11.34
N LYS B 498 24.26 26.30 10.62
CA LYS B 498 22.97 26.86 10.21
C LYS B 498 22.62 26.35 8.82
N THR B 499 23.63 26.27 7.95
CA THR B 499 23.49 25.68 6.64
C THR B 499 24.67 24.77 6.38
N MET B 500 24.62 24.03 5.28
CA MET B 500 25.71 23.18 4.91
C MET B 500 26.98 23.95 4.46
N HIS B 501 26.89 25.27 4.42
CA HIS B 501 28.02 26.10 4.06
C HIS B 501 28.87 26.52 5.24
N ASP B 502 28.39 26.28 6.45
CA ASP B 502 29.11 26.61 7.67
C ASP B 502 30.29 25.68 7.85
N GLU B 503 31.28 26.15 8.59
CA GLU B 503 32.53 25.41 8.75
C GLU B 503 32.34 24.14 9.53
N THR B 504 31.34 24.08 10.42
CA THR B 504 31.10 22.84 11.15
C THR B 504 30.14 21.83 10.48
N ALA B 505 29.55 22.17 9.34
CA ALA B 505 28.56 21.30 8.68
C ALA B 505 28.99 19.87 8.47
N LYS B 506 30.20 19.62 7.97
CA LYS B 506 30.65 18.27 7.66
C LYS B 506 30.58 17.38 8.92
N ASP B 507 31.03 17.89 10.06
CA ASP B 507 31.07 17.13 11.28
C ASP B 507 29.71 17.04 11.92
N ASP B 508 28.97 18.14 11.84
CA ASP B 508 27.65 18.22 12.38
C ASP B 508 26.70 17.20 11.73
N THR B 509 27.00 16.78 10.49
CA THR B 509 26.11 15.90 9.75
C THR B 509 26.72 14.53 9.51
N ARG B 510 27.76 14.18 10.24
CA ARG B 510 28.33 12.84 10.08
C ARG B 510 27.27 11.78 10.39
N TYR B 511 26.35 12.07 11.32
CA TYR B 511 25.36 11.06 11.75
C TYR B 511 23.89 11.41 11.46
N GLY B 512 23.65 12.40 10.64
CA GLY B 512 22.28 12.79 10.39
C GLY B 512 22.28 13.89 9.38
N THR B 513 21.11 14.22 8.88
CA THR B 513 20.93 15.29 7.91
C THR B 513 20.61 16.60 8.65
N LEU B 514 21.14 17.70 8.14
CA LEU B 514 20.78 19.01 8.64
C LEU B 514 19.39 19.37 8.14
N ILE B 515 18.40 19.32 9.01
CA ILE B 515 17.01 19.47 8.56
C ILE B 515 16.40 20.82 8.91
N ASP B 516 17.12 21.61 9.70
CA ASP B 516 16.72 22.98 10.00
C ASP B 516 17.98 23.76 10.41
N HIS B 517 17.86 25.08 10.66
CA HIS B 517 19.01 25.80 11.21
C HIS B 517 19.35 25.25 12.57
N ASN B 518 20.58 24.77 12.70
CA ASN B 518 21.12 24.28 13.99
C ASN B 518 20.56 22.96 14.43
N ILE B 519 19.86 22.31 13.51
CA ILE B 519 19.08 21.12 13.88
C ILE B 519 19.41 19.92 12.99
N VAL B 520 19.95 18.86 13.58
CA VAL B 520 20.26 17.63 12.83
C VAL B 520 19.35 16.47 13.23
N GLY B 521 18.74 15.87 12.21
CA GLY B 521 17.96 14.63 12.39
C GLY B 521 18.87 13.43 12.41
N THR B 522 19.17 12.94 13.59
CA THR B 522 20.08 11.83 13.70
C THR B 522 19.57 10.55 13.03
N THR B 523 20.37 9.94 12.16
CA THR B 523 19.98 8.65 11.50
C THR B 523 19.65 7.55 12.51
N HIS B 524 18.62 6.73 12.27
CA HIS B 524 18.32 5.63 13.20
C HIS B 524 17.54 4.56 12.45
N GLN B 525 17.06 3.55 13.16
CA GLN B 525 16.23 2.55 12.50
C GLN B 525 14.98 2.36 13.28
N HIS B 526 13.90 2.00 12.60
CA HIS B 526 12.69 1.49 13.27
C HIS B 526 12.61 0.00 13.04
N ILE B 527 12.61 -0.80 14.09
CA ILE B 527 12.59 -2.24 13.91
C ILE B 527 11.39 -2.83 14.62
N TYR B 528 10.46 -3.41 13.86
CA TYR B 528 9.26 -4.01 14.47
C TYR B 528 9.31 -5.53 14.42
N ASN B 529 8.77 -6.15 15.43
CA ASN B 529 8.72 -7.59 15.43
C ASN B 529 7.34 -8.06 15.83
N PHE B 530 6.79 -9.00 15.05
CA PHE B 530 5.43 -9.49 15.25
C PHE B 530 5.48 -10.96 15.55
N ARG B 531 4.78 -11.34 16.64
CA ARG B 531 4.66 -12.75 17.09
C ARG B 531 3.34 -13.33 16.59
N LEU B 532 3.45 -14.27 15.69
CA LEU B 532 2.28 -14.82 15.04
C LEU B 532 2.24 -16.33 15.24
N ASP B 533 1.45 -16.71 16.21
CA ASP B 533 1.20 -18.12 16.44
C ASP B 533 0.24 -18.63 15.39
N LEU B 534 0.73 -18.78 14.17
CA LEU B 534 -0.13 -19.33 13.12
C LEU B 534 -0.38 -20.83 13.32
N ASP B 535 -1.63 -21.27 13.12
CA ASP B 535 -1.95 -22.71 13.17
C ASP B 535 -2.65 -22.98 11.89
N VAL B 536 -1.88 -23.36 10.89
CA VAL B 536 -2.44 -23.45 9.59
C VAL B 536 -3.32 -24.68 9.45
N ASP B 537 -4.61 -24.52 9.72
CA ASP B 537 -5.61 -25.59 9.60
C ASP B 537 -5.30 -26.71 10.56
N GLY B 538 -4.92 -26.34 11.78
CA GLY B 538 -4.32 -27.26 12.74
C GLY B 538 -2.97 -26.75 13.29
N GLU B 539 -2.57 -27.25 14.46
CA GLU B 539 -1.31 -26.86 15.11
C GLU B 539 -0.10 -27.48 14.46
N ASN B 540 -0.24 -28.65 13.85
CA ASN B 540 0.94 -29.35 13.41
C ASN B 540 1.34 -28.89 12.03
N ASN B 541 2.38 -28.07 11.98
CA ASN B 541 2.83 -27.40 10.76
C ASN B 541 4.29 -27.69 10.52
N SER B 542 4.73 -27.54 9.28
CA SER B 542 6.15 -27.54 8.92
C SER B 542 6.49 -26.26 8.19
N LEU B 543 7.77 -25.90 8.21
CA LEU B 543 8.29 -24.79 7.44
C LEU B 543 8.87 -25.24 6.11
N VAL B 544 8.43 -24.63 5.00
CA VAL B 544 8.95 -24.97 3.66
C VAL B 544 9.53 -23.75 2.94
N ALA B 545 10.69 -23.93 2.29
CA ALA B 545 11.27 -22.99 1.39
C ALA B 545 10.96 -23.33 -0.06
N MET B 546 10.64 -22.29 -0.84
CA MET B 546 10.60 -22.37 -2.31
C MET B 546 11.43 -21.24 -2.88
N ASP B 547 12.60 -21.60 -3.39
CA ASP B 547 13.47 -20.62 -3.99
C ASP B 547 13.39 -20.74 -5.50
N PRO B 548 12.79 -19.73 -6.15
CA PRO B 548 12.84 -19.68 -7.64
C PRO B 548 14.27 -19.65 -8.12
N VAL B 549 14.61 -20.48 -9.11
CA VAL B 549 15.98 -20.55 -9.61
C VAL B 549 15.92 -20.64 -11.11
N VAL B 550 17.00 -20.20 -11.76
CA VAL B 550 17.18 -20.34 -13.19
C VAL B 550 18.05 -21.58 -13.43
N LYS B 551 17.49 -22.59 -14.10
CA LYS B 551 18.18 -23.84 -14.36
C LYS B 551 18.45 -24.03 -15.86
N PRO B 552 19.58 -24.68 -16.23
CA PRO B 552 19.83 -25.05 -17.63
C PRO B 552 18.66 -25.82 -18.23
N ASN B 553 18.31 -25.52 -19.48
CA ASN B 553 17.29 -26.31 -20.16
C ASN B 553 17.79 -27.73 -20.50
N THR B 554 17.24 -28.76 -19.90
CA THR B 554 17.63 -30.09 -20.34
C THR B 554 16.56 -30.77 -21.20
N ALA B 555 15.68 -30.00 -21.81
CA ALA B 555 14.54 -30.59 -22.53
C ALA B 555 14.59 -30.33 -24.03
N GLY B 556 15.72 -29.80 -24.51
CA GLY B 556 15.83 -29.42 -25.93
C GLY B 556 14.96 -28.22 -26.31
N GLY B 557 14.95 -27.93 -27.60
CA GLY B 557 14.34 -26.73 -28.12
C GLY B 557 15.39 -25.64 -27.98
N PRO B 558 15.08 -24.44 -28.47
CA PRO B 558 16.07 -23.35 -28.50
C PRO B 558 16.44 -22.68 -27.15
N ARG B 559 15.64 -22.82 -26.09
CA ARG B 559 15.97 -22.14 -24.84
C ARG B 559 17.24 -22.73 -24.18
N THR B 560 18.04 -21.85 -23.59
CA THR B 560 19.18 -22.25 -22.79
C THR B 560 18.81 -22.40 -21.31
N SER B 561 17.72 -21.76 -20.88
CA SER B 561 17.39 -21.75 -19.44
C SER B 561 15.90 -21.86 -19.16
N THR B 562 15.57 -22.33 -17.96
CA THR B 562 14.19 -22.46 -17.59
C THR B 562 13.95 -21.84 -16.19
N MET B 563 12.69 -21.65 -15.79
CA MET B 563 12.41 -21.19 -14.42
C MET B 563 11.84 -22.30 -13.57
N GLN B 564 12.57 -22.66 -12.55
CA GLN B 564 12.18 -23.79 -11.71
C GLN B 564 12.26 -23.35 -10.26
N VAL B 565 11.88 -24.24 -9.37
CA VAL B 565 11.83 -23.94 -7.97
C VAL B 565 12.63 -25.02 -7.17
N ASN B 566 13.60 -24.59 -6.36
CA ASN B 566 14.17 -25.47 -5.34
C ASN B 566 13.34 -25.46 -4.06
N GLN B 567 12.71 -26.60 -3.79
CA GLN B 567 11.86 -26.80 -2.62
C GLN B 567 12.54 -27.65 -1.55
N TYR B 568 12.56 -27.20 -0.29
CA TYR B 568 13.04 -28.02 0.80
C TYR B 568 12.39 -27.66 2.14
N ASN B 569 12.38 -28.59 3.09
CA ASN B 569 11.97 -28.28 4.47
C ASN B 569 13.05 -27.64 5.32
N ILE B 570 12.59 -26.88 6.31
CA ILE B 570 13.49 -26.23 7.25
C ILE B 570 13.17 -26.80 8.61
N GLY B 571 14.02 -27.76 9.01
CA GLY B 571 13.71 -28.73 10.06
C GLY B 571 13.86 -28.26 11.49
N ASN B 572 14.60 -27.17 11.73
CA ASN B 572 14.87 -26.73 13.11
C ASN B 572 15.00 -25.21 13.30
N GLU B 573 14.93 -24.76 14.55
CA GLU B 573 14.83 -23.33 14.85
C GLU B 573 15.97 -22.47 14.33
N GLN B 574 17.17 -23.02 14.34
CA GLN B 574 18.36 -22.23 14.04
C GLN B 574 18.41 -21.98 12.55
N ASP B 575 17.99 -22.97 11.78
CA ASP B 575 17.82 -22.85 10.35
C ASP B 575 16.67 -21.92 10.02
N ALA B 576 15.63 -21.90 10.85
CA ALA B 576 14.49 -21.05 10.57
C ALA B 576 14.75 -19.58 10.86
N ALA B 577 15.78 -19.28 11.65
CA ALA B 577 16.14 -17.91 11.91
C ALA B 577 16.99 -17.43 10.72
N GLN B 578 16.41 -16.58 9.86
CA GLN B 578 17.07 -16.20 8.63
C GLN B 578 16.73 -14.79 8.14
N LYS B 579 17.62 -14.23 7.31
CA LYS B 579 17.24 -13.10 6.48
C LYS B 579 16.14 -13.51 5.51
N PHE B 580 15.30 -12.56 5.17
CA PHE B 580 14.29 -12.77 4.18
C PHE B 580 14.70 -12.17 2.86
N ASP B 581 14.68 -13.00 1.84
CA ASP B 581 14.93 -12.55 0.51
C ASP B 581 13.56 -12.50 -0.18
N PRO B 582 13.14 -11.30 -0.55
CA PRO B 582 11.77 -11.05 -1.02
C PRO B 582 11.52 -11.69 -2.35
N GLY B 583 12.59 -12.18 -2.97
CA GLY B 583 12.47 -12.98 -4.21
C GLY B 583 12.19 -14.47 -4.01
N THR B 584 12.12 -14.92 -2.76
CA THR B 584 11.89 -16.33 -2.46
C THR B 584 10.58 -16.43 -1.75
N ILE B 585 10.15 -17.67 -1.50
CA ILE B 585 8.85 -17.97 -0.85
C ILE B 585 9.09 -18.81 0.38
N ARG B 586 8.43 -18.46 1.47
CA ARG B 586 8.51 -19.20 2.72
C ARG B 586 7.10 -19.53 3.20
N LEU B 587 6.85 -20.84 3.41
CA LEU B 587 5.53 -21.30 3.74
C LEU B 587 5.49 -21.96 5.09
N LEU B 588 4.44 -21.68 5.87
CA LEU B 588 4.11 -22.52 6.99
C LEU B 588 3.06 -23.46 6.42
N SER B 589 3.43 -24.72 6.17
CA SER B 589 2.48 -25.72 5.67
C SER B 589 1.86 -26.60 6.75
N ASN B 590 0.73 -27.18 6.40
CA ASN B 590 0.20 -28.31 7.13
C ASN B 590 0.48 -29.59 6.37
N PRO B 591 1.49 -30.38 6.83
CA PRO B 591 1.82 -31.63 6.08
C PRO B 591 0.74 -32.73 6.17
N ASN B 592 -0.16 -32.60 7.13
CA ASN B 592 -1.27 -33.52 7.35
C ASN B 592 -2.52 -33.26 6.50
N LYS B 593 -2.61 -32.14 5.80
CA LYS B 593 -3.86 -31.78 5.09
C LYS B 593 -3.59 -31.14 3.76
N GLU B 594 -4.32 -31.55 2.73
CA GLU B 594 -4.05 -31.15 1.35
C GLU B 594 -5.29 -30.57 0.70
N ASN B 595 -5.08 -29.71 -0.29
CA ASN B 595 -6.20 -29.22 -1.05
C ASN B 595 -6.56 -30.21 -2.15
N ARG B 596 -7.61 -29.91 -2.89
CA ARG B 596 -8.11 -30.87 -3.85
C ARG B 596 -7.01 -31.28 -4.87
N MET B 597 -5.93 -30.51 -4.94
CA MET B 597 -4.86 -30.85 -5.89
C MET B 597 -3.74 -31.72 -5.31
N GLY B 598 -3.86 -32.07 -4.03
CA GLY B 598 -2.81 -32.79 -3.37
C GLY B 598 -1.69 -31.92 -2.86
N ASN B 599 -1.89 -30.61 -2.78
CA ASN B 599 -0.88 -29.70 -2.23
C ASN B 599 -1.20 -29.41 -0.76
N PRO B 600 -0.19 -29.49 0.12
CA PRO B 600 -0.38 -29.20 1.53
C PRO B 600 -0.86 -27.77 1.69
N VAL B 601 -1.90 -27.59 2.50
CA VAL B 601 -2.51 -26.29 2.71
C VAL B 601 -1.48 -25.43 3.43
N SER B 602 -1.23 -24.24 2.88
CA SER B 602 -0.17 -23.39 3.43
C SER B 602 -0.56 -21.92 3.53
N TYR B 603 0.19 -21.19 4.37
CA TYR B 603 0.32 -19.72 4.31
C TYR B 603 1.71 -19.27 3.97
N GLN B 604 1.76 -18.26 3.09
CA GLN B 604 3.02 -17.68 2.68
C GLN B 604 3.27 -16.49 3.59
N ILE B 605 4.47 -16.44 4.13
CA ILE B 605 4.86 -15.49 5.12
C ILE B 605 5.76 -14.47 4.43
N ILE B 606 5.37 -13.20 4.37
CA ILE B 606 6.17 -12.19 3.66
C ILE B 606 6.48 -11.07 4.66
N PRO B 607 7.62 -11.17 5.38
CA PRO B 607 7.99 -10.17 6.39
C PRO B 607 8.36 -8.79 5.83
N TYR B 608 8.62 -8.70 4.55
CA TYR B 608 8.86 -7.40 3.89
C TYR B 608 8.08 -7.38 2.60
N ALA B 609 7.00 -6.60 2.58
CA ALA B 609 6.15 -6.51 1.41
C ALA B 609 6.20 -5.09 0.96
N GLY B 610 7.20 -4.36 1.43
CA GLY B 610 7.31 -2.98 1.01
C GLY B 610 7.33 -1.95 2.12
N GLY B 611 7.69 -0.73 1.77
CA GLY B 611 7.86 0.32 2.76
C GLY B 611 8.12 1.63 2.07
N THR B 612 7.82 2.73 2.79
CA THR B 612 8.03 4.06 2.24
C THR B 612 9.43 4.65 2.52
N HIS B 613 10.19 4.07 3.46
CA HIS B 613 11.55 4.53 3.81
C HIS B 613 12.48 3.42 3.33
N PRO B 614 13.80 3.68 3.21
CA PRO B 614 14.71 2.56 2.93
C PRO B 614 14.53 1.41 3.94
N VAL B 615 14.79 0.19 3.51
CA VAL B 615 14.54 -0.97 4.32
C VAL B 615 15.78 -1.32 5.13
N ALA B 616 15.56 -1.79 6.36
CA ALA B 616 16.67 -2.28 7.20
C ALA B 616 17.05 -3.73 6.78
N LYS B 617 18.28 -3.95 6.31
CA LYS B 617 18.70 -5.32 5.89
C LYS B 617 19.03 -6.19 7.14
N GLY B 618 19.62 -5.56 8.15
CA GLY B 618 19.65 -6.09 9.52
C GLY B 618 19.79 -4.92 10.46
N ALA B 619 20.14 -5.19 11.72
CA ALA B 619 20.66 -4.20 12.65
C ALA B 619 21.83 -3.40 12.05
N GLN B 620 21.74 -2.08 12.05
CA GLN B 620 22.86 -1.26 11.55
C GLN B 620 23.93 -1.03 12.67
N PHE B 621 24.44 -2.14 13.20
CA PHE B 621 25.45 -2.14 14.27
C PHE B 621 26.52 -3.15 13.96
N ALA B 622 27.74 -2.86 14.36
CA ALA B 622 28.78 -3.88 14.28
C ALA B 622 28.44 -5.07 15.22
N PRO B 623 28.85 -6.29 14.82
CA PRO B 623 28.63 -7.54 15.62
C PRO B 623 29.13 -7.53 17.07
N ASP B 624 30.08 -6.67 17.39
CA ASP B 624 30.53 -6.52 18.78
C ASP B 624 29.80 -5.43 19.67
N GLU B 625 28.74 -4.77 19.17
CA GLU B 625 27.95 -3.85 20.02
C GLU B 625 27.14 -4.63 21.07
N TRP B 626 27.02 -4.10 22.29
CA TRP B 626 26.15 -4.74 23.31
C TRP B 626 24.67 -4.82 22.87
N ILE B 627 24.09 -3.70 22.40
CA ILE B 627 22.71 -3.70 21.88
C ILE B 627 22.51 -4.85 20.90
N TYR B 628 23.55 -5.10 20.10
CA TYR B 628 23.54 -6.17 19.13
C TYR B 628 23.49 -7.52 19.82
N HIS B 629 24.38 -7.72 20.79
CA HIS B 629 24.45 -8.95 21.56
C HIS B 629 23.10 -9.19 22.27
N ARG B 630 22.64 -8.20 23.04
CA ARG B 630 21.35 -8.29 23.78
C ARG B 630 20.05 -8.50 22.96
N LEU B 631 20.08 -8.20 21.67
CA LEU B 631 18.81 -8.14 20.90
C LEU B 631 18.88 -8.77 19.51
N SER B 632 19.14 -10.09 19.49
CA SER B 632 19.25 -10.91 18.26
C SER B 632 18.10 -10.70 17.28
N PHE B 633 16.88 -10.52 17.83
CA PHE B 633 15.70 -10.34 16.99
C PHE B 633 15.84 -9.30 15.82
N MET B 634 16.71 -8.30 16.02
CA MET B 634 17.01 -7.21 15.07
C MET B 634 17.69 -7.65 13.79
N ASP B 635 18.43 -8.75 13.82
CA ASP B 635 19.23 -9.06 12.65
C ASP B 635 18.63 -10.06 11.67
N LYS B 636 17.56 -10.75 12.08
CA LYS B 636 16.91 -11.72 11.18
C LYS B 636 15.50 -11.25 10.88
N GLN B 637 15.03 -11.40 9.65
CA GLN B 637 13.64 -11.05 9.35
C GLN B 637 12.62 -12.13 9.74
N LEU B 638 13.04 -13.37 9.76
CA LEU B 638 12.11 -14.43 10.02
C LEU B 638 12.69 -15.40 11.08
N TRP B 639 11.91 -15.73 12.12
CA TRP B 639 12.23 -16.78 13.13
C TRP B 639 11.03 -17.68 13.27
N VAL B 640 11.27 -18.98 13.45
CA VAL B 640 10.19 -19.91 13.77
C VAL B 640 10.60 -20.71 15.00
N THR B 641 9.80 -20.68 16.04
CA THR B 641 10.08 -21.45 17.24
C THR B 641 8.91 -22.34 17.59
N ARG B 642 9.18 -23.29 18.49
CA ARG B 642 8.16 -24.22 18.99
C ARG B 642 7.26 -23.47 19.93
N TYR B 643 5.96 -23.70 19.82
CA TYR B 643 4.99 -23.09 20.71
C TYR B 643 5.41 -23.20 22.20
N HIS B 644 5.39 -22.07 22.88
CA HIS B 644 5.59 -22.09 24.29
C HIS B 644 4.80 -20.93 24.91
N PRO B 645 3.84 -21.24 25.83
CA PRO B 645 2.96 -20.14 26.33
C PRO B 645 3.73 -18.97 26.91
N GLY B 646 4.88 -19.23 27.52
CA GLY B 646 5.69 -18.16 28.13
C GLY B 646 6.63 -17.38 27.20
N GLU B 647 6.79 -17.79 25.94
CA GLU B 647 7.72 -17.04 25.04
C GLU B 647 6.98 -15.98 24.18
N ARG B 648 6.97 -14.75 24.64
CA ARG B 648 6.05 -13.79 24.05
C ARG B 648 6.74 -12.55 23.49
N PHE B 649 8.00 -12.33 23.89
CA PHE B 649 8.64 -11.06 23.61
C PHE B 649 9.96 -11.31 22.92
N PRO B 650 10.14 -10.75 21.74
CA PRO B 650 11.35 -11.00 20.96
C PRO B 650 12.57 -10.47 21.69
N GLU B 651 12.42 -9.38 22.45
CA GLU B 651 13.49 -8.74 23.25
C GLU B 651 13.70 -9.32 24.65
N GLY B 652 12.97 -10.39 24.98
CA GLY B 652 12.97 -10.94 26.33
C GLY B 652 11.97 -10.22 27.24
N LYS B 653 11.58 -10.92 28.29
CA LYS B 653 10.54 -10.45 29.19
C LYS B 653 11.03 -9.23 30.03
N TYR B 654 12.32 -9.20 30.37
CA TYR B 654 12.86 -8.07 31.11
C TYR B 654 14.08 -7.47 30.42
N PRO B 655 13.84 -6.63 29.39
CA PRO B 655 14.95 -6.14 28.58
C PRO B 655 15.69 -4.91 29.14
N ASN B 656 15.17 -4.24 30.18
CA ASN B 656 15.85 -3.07 30.75
C ASN B 656 17.17 -3.49 31.44
N ARG B 657 18.29 -3.06 30.85
CA ARG B 657 19.64 -3.25 31.39
C ARG B 657 20.06 -4.71 31.42
N SER B 658 19.37 -5.53 30.64
CA SER B 658 19.76 -6.93 30.34
C SER B 658 21.21 -7.08 29.82
N THR B 659 21.85 -8.18 30.19
CA THR B 659 23.27 -8.40 29.89
C THR B 659 23.49 -9.41 28.76
N HIS B 660 22.40 -10.09 28.40
CA HIS B 660 22.37 -11.11 27.33
C HIS B 660 20.94 -11.18 26.77
N ASP B 661 20.76 -11.98 25.72
CA ASP B 661 19.50 -12.12 25.02
C ASP B 661 18.58 -13.10 25.78
N THR B 662 17.50 -12.58 26.37
CA THR B 662 16.46 -13.44 26.99
C THR B 662 15.20 -13.59 26.12
N GLY B 663 15.28 -13.19 24.84
CA GLY B 663 14.15 -13.29 23.90
C GLY B 663 14.36 -14.31 22.80
N LEU B 664 14.23 -13.92 21.54
CA LEU B 664 14.40 -14.87 20.42
C LEU B 664 15.75 -15.63 20.33
N GLY B 665 16.83 -14.99 20.77
CA GLY B 665 18.12 -15.66 20.93
C GLY B 665 17.94 -16.81 21.90
N GLN B 666 17.34 -16.54 23.06
CA GLN B 666 17.05 -17.61 24.01
C GLN B 666 16.09 -18.69 23.51
N TYR B 667 14.95 -18.25 22.94
CA TYR B 667 13.87 -19.18 22.52
C TYR B 667 14.34 -20.14 21.45
N SER B 668 15.41 -19.80 20.75
CA SER B 668 15.90 -20.65 19.67
C SER B 668 17.26 -21.29 19.97
N LYS B 669 17.84 -21.00 21.14
CA LYS B 669 19.21 -21.45 21.40
C LYS B 669 19.37 -22.97 21.48
N ASP B 670 18.31 -23.70 21.85
CA ASP B 670 18.35 -25.18 21.85
C ASP B 670 18.12 -25.81 20.48
N ASN B 671 17.93 -25.00 19.45
CA ASN B 671 17.75 -25.49 18.08
C ASN B 671 16.80 -26.69 17.95
N GLU B 672 15.61 -26.57 18.54
CA GLU B 672 14.61 -27.65 18.58
C GLU B 672 14.00 -27.98 17.20
N SER B 673 13.38 -29.15 17.10
CA SER B 673 12.77 -29.59 15.83
C SER B 673 11.55 -28.71 15.45
N LEU B 674 11.40 -28.42 14.16
CA LEU B 674 10.22 -27.70 13.65
C LEU B 674 9.48 -28.56 12.64
N ASP B 675 9.65 -29.87 12.79
CA ASP B 675 9.04 -30.80 11.85
C ASP B 675 7.65 -31.30 12.28
N ASN B 676 6.62 -30.90 11.55
CA ASN B 676 5.22 -31.26 11.86
C ASN B 676 4.83 -31.02 13.31
N THR B 677 5.03 -29.80 13.78
CA THR B 677 4.78 -29.48 15.18
C THR B 677 4.13 -28.06 15.31
N ASP B 678 3.65 -27.71 16.50
CA ASP B 678 3.12 -26.38 16.77
C ASP B 678 4.22 -25.30 16.71
N ALA B 679 4.25 -24.56 15.59
CA ALA B 679 5.24 -23.54 15.27
C ALA B 679 4.66 -22.17 15.59
N VAL B 680 5.52 -21.23 15.96
CA VAL B 680 5.16 -19.81 16.11
C VAL B 680 6.13 -19.02 15.23
N VAL B 681 5.59 -18.14 14.36
CA VAL B 681 6.37 -17.32 13.42
C VAL B 681 6.58 -15.89 13.99
N TRP B 682 7.82 -15.38 13.88
CA TRP B 682 8.15 -14.03 14.32
C TRP B 682 8.65 -13.23 13.10
N MET B 683 7.96 -12.13 12.76
CA MET B 683 8.43 -11.32 11.62
C MET B 683 9.10 -10.06 12.12
N THR B 684 10.36 -9.90 11.71
CA THR B 684 11.09 -8.66 12.01
C THR B 684 11.19 -7.86 10.73
N THR B 685 10.80 -6.62 10.83
CA THR B 685 10.83 -5.74 9.69
C THR B 685 11.07 -4.33 10.15
N GLY B 686 11.78 -3.59 9.33
CA GLY B 686 11.95 -2.17 9.61
C GLY B 686 12.64 -1.30 8.57
N THR B 687 12.97 -0.10 8.99
CA THR B 687 13.49 0.89 8.08
C THR B 687 14.77 1.50 8.59
N THR B 688 15.61 1.96 7.68
CA THR B 688 16.70 2.84 8.03
C THR B 688 16.23 4.24 7.76
N HIS B 689 16.18 5.03 8.81
CA HIS B 689 15.74 6.39 8.63
C HIS B 689 16.86 7.48 8.52
N VAL B 690 17.03 8.02 7.32
CA VAL B 690 17.90 9.15 7.12
C VAL B 690 16.99 10.33 6.89
N ALA B 691 17.12 11.38 7.71
CA ALA B 691 16.11 12.45 7.74
C ALA B 691 16.25 13.38 6.54
N ARG B 692 15.19 14.13 6.29
CA ARG B 692 15.16 15.19 5.32
C ARG B 692 14.24 16.31 5.82
N ALA B 693 14.36 17.48 5.23
CA ALA B 693 13.67 18.67 5.69
C ALA B 693 12.16 18.51 5.64
N GLU B 694 11.66 17.71 4.71
CA GLU B 694 10.23 17.41 4.61
C GLU B 694 9.70 16.80 5.90
N GLU B 695 10.56 16.35 6.80
CA GLU B 695 10.09 15.65 7.99
C GLU B 695 10.12 16.51 9.26
N TRP B 696 10.34 17.81 9.05
CA TRP B 696 10.52 18.75 10.15
C TRP B 696 9.65 20.02 9.96
N PRO B 697 8.96 20.46 11.01
CA PRO B 697 8.89 20.04 12.41
C PRO B 697 8.09 18.79 12.72
N ILE B 698 7.26 18.32 11.80
CA ILE B 698 6.49 17.10 12.04
C ILE B 698 6.61 16.13 10.85
N MET B 699 6.79 14.84 11.13
CA MET B 699 7.13 13.83 10.15
C MET B 699 5.88 13.25 9.48
N PRO B 700 5.73 13.40 8.17
CA PRO B 700 4.57 12.73 7.53
C PRO B 700 4.67 11.22 7.72
N THR B 701 3.53 10.59 7.97
CA THR B 701 3.46 9.15 8.22
C THR B 701 4.14 8.35 7.12
N GLU B 702 5.14 7.54 7.52
CA GLU B 702 5.76 6.48 6.69
C GLU B 702 5.32 5.04 7.11
N TRP B 703 5.18 4.14 6.13
CA TRP B 703 4.57 2.83 6.35
C TRP B 703 5.51 1.69 5.95
N VAL B 704 5.51 0.60 6.72
CA VAL B 704 6.03 -0.69 6.23
C VAL B 704 4.90 -1.71 6.22
N HIS B 705 5.04 -2.68 5.34
CA HIS B 705 3.95 -3.61 5.09
C HIS B 705 4.48 -5.02 5.22
N THR B 706 3.65 -5.90 5.77
CA THR B 706 3.93 -7.33 5.76
C THR B 706 2.66 -8.05 5.34
N LEU B 707 2.82 -9.28 4.91
CA LEU B 707 1.71 -10.03 4.39
C LEU B 707 1.79 -11.52 4.77
N LEU B 708 0.61 -12.09 5.04
CA LEU B 708 0.38 -13.55 5.16
C LEU B 708 -0.66 -13.96 4.15
N LYS B 709 -0.27 -14.80 3.18
CA LYS B 709 -1.17 -15.10 2.05
C LYS B 709 -1.44 -16.58 1.95
N PRO B 710 -2.71 -16.96 1.79
CA PRO B 710 -2.98 -18.39 1.68
C PRO B 710 -2.34 -18.97 0.45
N TRP B 711 -1.70 -20.13 0.63
CA TRP B 711 -1.00 -20.77 -0.44
C TRP B 711 -1.47 -22.22 -0.55
N ASN B 712 -2.33 -22.48 -1.52
CA ASN B 712 -2.97 -23.79 -1.68
C ASN B 712 -3.74 -24.16 -0.46
N PHE B 713 -4.18 -23.16 0.28
CA PHE B 713 -5.04 -23.38 1.46
C PHE B 713 -6.47 -23.61 0.97
N PHE B 714 -6.79 -23.00 -0.16
CA PHE B 714 -8.12 -23.14 -0.77
C PHE B 714 -7.94 -23.94 -2.06
N ASP B 715 -9.04 -24.21 -2.78
CA ASP B 715 -9.08 -25.08 -3.95
C ASP B 715 -9.19 -24.23 -5.22
N GLU B 716 -9.50 -22.95 -5.03
CA GLU B 716 -9.85 -21.99 -6.14
C GLU B 716 -9.84 -20.55 -5.62
N THR B 717 -10.03 -19.58 -6.50
CA THR B 717 -10.26 -18.18 -6.12
C THR B 717 -11.23 -18.16 -4.96
N PRO B 718 -10.77 -17.74 -3.78
CA PRO B 718 -11.66 -17.80 -2.61
C PRO B 718 -12.84 -16.86 -2.66
N THR B 719 -12.78 -15.80 -3.48
CA THR B 719 -13.84 -14.82 -3.49
C THR B 719 -14.88 -15.03 -4.57
N LEU B 720 -14.77 -16.07 -5.39
CA LEU B 720 -15.80 -16.38 -6.40
C LEU B 720 -17.27 -16.42 -5.95
N GLY B 721 -17.57 -16.72 -4.71
CA GLY B 721 -19.03 -16.85 -4.41
C GLY B 721 -19.50 -18.32 -4.27
N ALA B 722 -20.66 -18.47 -3.61
CA ALA B 722 -21.27 -19.75 -3.34
C ALA B 722 -21.66 -20.47 -4.64
N LEU B 723 -21.21 -21.70 -4.76
CA LEU B 723 -21.52 -22.53 -5.93
C LEU B 723 -23.01 -22.93 -5.96
N LYS B 724 -23.73 -22.54 -7.01
CA LYS B 724 -25.13 -22.93 -7.23
C LYS B 724 -25.24 -24.34 -7.83
N LYS B 725 -24.26 -24.71 -8.68
CA LYS B 725 -24.20 -26.03 -9.33
C LYS B 725 -23.73 -27.15 -8.36
N ASP B 726 -24.29 -27.29 -7.26
#